data_6U1Y
#
_entry.id   6U1Y
#
_cell.length_a   41.206
_cell.length_b   207.253
_cell.length_c   116.615
_cell.angle_alpha   90.000
_cell.angle_beta   95.980
_cell.angle_gamma   90.000
#
_symmetry.space_group_name_H-M   'P 1 21 1'
#
loop_
_entity.id
_entity.type
_entity.pdbx_description
1 polymer 'Mitochondrial chaperone BCS1'
2 non-polymer 'PHOSPHOAMINOPHOSPHONIC ACID-ADENYLATE ESTER'
3 non-polymer 'MAGNESIUM ION'
4 water water
#
_entity_poly.entity_id   1
_entity_poly.type   'polypeptide(L)'
_entity_poly.pdbx_seq_one_letter_code
;LEEARALALQQEEGKTVMYTAVGSEWRTFGYPRRRRPLDSVVLQQGLADRIVKDIREFIDNPKWYIDRGIPYRRGYLLYG
PPGCGKSSFITALAGELEHSICLLSLTDSSLSDDRLNHLLSVAPQQSLVLLEDVDAAFLSRDLAVENPIKYQGLGRLTFS
GLLNALDGVASTEARIVFMTTNYIDRLDPALIRPGRVDLKEYVGYCSHWQLTQMFQRFYPGQAPSLAENFAEHVLKATSE
ISPAQVQGYFMLYKNDPMGAVHNIESLRPRDHHHHHH
;
_entity_poly.pdbx_strand_id   A,B,C,D,E,F,G
#
# COMPACT_ATOMS: atom_id res chain seq x y z
N LYS A 15 -42.25 20.58 10.69
CA LYS A 15 -41.34 19.42 10.45
C LYS A 15 -39.88 19.89 10.48
N THR A 16 -38.93 18.94 10.55
CA THR A 16 -37.49 19.22 10.43
C THR A 16 -36.91 18.46 9.25
N VAL A 17 -36.37 19.15 8.24
CA VAL A 17 -35.77 18.51 7.03
C VAL A 17 -34.29 18.18 7.30
N MET A 18 -33.89 16.93 7.03
CA MET A 18 -32.48 16.44 7.06
C MET A 18 -31.90 16.44 5.65
N TYR A 19 -30.72 17.02 5.47
CA TYR A 19 -29.95 16.97 4.18
C TYR A 19 -28.70 16.12 4.37
N THR A 20 -28.29 15.33 3.37
CA THR A 20 -26.93 14.74 3.29
C THR A 20 -26.25 15.21 2.00
N ALA A 21 -24.92 15.16 1.98
CA ALA A 21 -24.07 15.56 0.84
C ALA A 21 -24.11 14.46 -0.22
N VAL A 22 -24.44 14.80 -1.46
CA VAL A 22 -24.25 13.94 -2.65
C VAL A 22 -23.36 14.72 -3.62
N GLY A 23 -22.11 14.28 -3.76
CA GLY A 23 -21.04 15.05 -4.40
C GLY A 23 -20.88 16.40 -3.72
N SER A 24 -21.08 17.49 -4.48
CA SER A 24 -20.80 18.88 -4.07
C SER A 24 -22.10 19.57 -3.64
N GLU A 25 -23.20 18.83 -3.55
CA GLU A 25 -24.56 19.40 -3.32
C GLU A 25 -25.31 18.67 -2.20
N TRP A 26 -26.27 19.35 -1.58
CA TRP A 26 -27.12 18.83 -0.49
C TRP A 26 -28.43 18.30 -1.03
N ARG A 27 -28.88 17.13 -0.57
CA ARG A 27 -30.15 16.48 -0.99
C ARG A 27 -30.92 16.06 0.25
N THR A 28 -32.26 16.11 0.21
CA THR A 28 -33.11 15.72 1.36
C THR A 28 -32.87 14.24 1.65
N PHE A 29 -32.88 13.88 2.93
CA PHE A 29 -32.68 12.49 3.40
C PHE A 29 -34.02 11.98 3.96
N GLY A 30 -34.67 11.06 3.25
CA GLY A 30 -35.97 10.47 3.62
C GLY A 30 -37.05 11.51 3.80
N TYR A 31 -38.00 11.22 4.70
CA TYR A 31 -39.19 12.06 5.02
C TYR A 31 -38.79 13.29 5.83
N PRO A 32 -39.51 14.42 5.73
CA PRO A 32 -39.47 15.45 6.78
C PRO A 32 -39.85 14.79 8.12
N ARG A 33 -39.07 15.08 9.17
CA ARG A 33 -39.23 14.41 10.50
C ARG A 33 -40.12 15.27 11.40
N ARG A 34 -40.91 14.64 12.25
CA ARG A 34 -41.62 15.32 13.37
C ARG A 34 -40.56 16.01 14.26
N ARG A 35 -40.81 17.27 14.60
CA ARG A 35 -39.93 18.05 15.49
C ARG A 35 -39.94 17.37 16.85
N ARG A 36 -38.77 17.12 17.42
CA ARG A 36 -38.69 16.79 18.85
C ARG A 36 -38.88 18.07 19.66
N PRO A 37 -39.86 18.15 20.58
CA PRO A 37 -40.03 19.34 21.40
C PRO A 37 -38.80 19.56 22.31
N LEU A 38 -38.37 20.81 22.43
CA LEU A 38 -37.15 21.21 23.20
C LEU A 38 -37.31 20.74 24.64
N ASP A 39 -38.55 20.74 25.12
CA ASP A 39 -38.92 20.41 26.51
C ASP A 39 -38.67 18.92 26.76
N SER A 40 -38.64 18.09 25.72
CA SER A 40 -38.48 16.62 25.82
C SER A 40 -37.01 16.27 26.01
N VAL A 41 -36.12 17.25 25.84
CA VAL A 41 -34.66 17.09 26.11
C VAL A 41 -34.34 17.87 27.39
N VAL A 42 -33.86 17.18 28.43
CA VAL A 42 -33.64 17.81 29.76
C VAL A 42 -32.15 17.96 29.95
N LEU A 43 -31.62 19.16 29.73
CA LEU A 43 -30.18 19.45 29.96
C LEU A 43 -30.03 19.98 31.39
N GLN A 44 -28.79 20.09 31.85
CA GLN A 44 -28.49 20.73 33.16
C GLN A 44 -29.15 22.12 33.22
N GLN A 45 -29.57 22.51 34.41
CA GLN A 45 -30.41 23.71 34.65
C GLN A 45 -29.78 24.92 33.99
N GLY A 46 -30.56 25.61 33.13
CA GLY A 46 -30.16 26.86 32.48
C GLY A 46 -29.34 26.65 31.21
N LEU A 47 -28.90 25.42 30.89
CA LEU A 47 -27.98 25.22 29.74
C LEU A 47 -28.75 25.45 28.43
N ALA A 48 -29.89 24.83 28.26
CA ALA A 48 -30.74 24.98 27.04
C ALA A 48 -31.05 26.47 26.83
N ASP A 49 -31.47 27.18 27.88
CA ASP A 49 -31.82 28.61 27.82
C ASP A 49 -30.62 29.43 27.33
N ARG A 50 -29.42 29.14 27.86
CA ARG A 50 -28.19 29.89 27.48
C ARG A 50 -27.89 29.68 25.99
N ILE A 51 -28.02 28.47 25.46
CA ILE A 51 -27.67 28.17 24.03
C ILE A 51 -28.72 28.83 23.12
N VAL A 52 -30.00 28.67 23.44
CA VAL A 52 -31.13 29.23 22.67
C VAL A 52 -30.96 30.75 22.60
N LYS A 53 -30.70 31.39 23.75
CA LYS A 53 -30.51 32.86 23.83
C LYS A 53 -29.34 33.27 22.93
N ASP A 54 -28.20 32.59 23.03
CA ASP A 54 -27.00 32.88 22.24
C ASP A 54 -27.33 32.83 20.74
N ILE A 55 -27.95 31.73 20.30
CA ILE A 55 -28.18 31.48 18.86
C ILE A 55 -29.26 32.45 18.35
N ARG A 56 -30.31 32.75 19.12
CA ARG A 56 -31.33 33.77 18.73
C ARG A 56 -30.65 35.14 18.60
N GLU A 57 -29.75 35.50 19.52
CA GLU A 57 -29.00 36.78 19.46
C GLU A 57 -28.18 36.86 18.17
N PHE A 58 -27.52 35.76 17.78
CA PHE A 58 -26.75 35.69 16.51
C PHE A 58 -27.72 35.91 15.33
N ILE A 59 -28.79 35.13 15.25
CA ILE A 59 -29.77 35.16 14.13
C ILE A 59 -30.34 36.58 14.02
N ASP A 60 -30.60 37.22 15.16
CA ASP A 60 -31.29 38.55 15.21
C ASP A 60 -30.34 39.74 14.96
N ASN A 61 -29.02 39.56 14.83
CA ASN A 61 -28.08 40.73 14.83
C ASN A 61 -27.09 40.74 13.65
N PRO A 62 -27.50 40.47 12.40
CA PRO A 62 -26.58 40.56 11.26
C PRO A 62 -25.96 41.94 11.09
N LYS A 63 -26.73 42.98 11.36
CA LYS A 63 -26.27 44.39 11.14
C LYS A 63 -25.11 44.67 12.09
N TRP A 64 -25.18 44.20 13.34
CA TRP A 64 -24.09 44.41 14.34
C TRP A 64 -22.79 43.82 13.79
N TYR A 65 -22.85 42.65 13.18
CA TYR A 65 -21.67 41.98 12.56
C TYR A 65 -21.20 42.81 11.36
N ILE A 66 -22.08 43.14 10.42
CA ILE A 66 -21.66 43.84 9.17
C ILE A 66 -21.06 45.22 9.52
N ASP A 67 -21.68 45.97 10.44
CA ASP A 67 -21.19 47.31 10.84
C ASP A 67 -19.73 47.21 11.33
N ARG A 68 -19.38 46.13 12.03
CA ARG A 68 -18.06 45.98 12.68
C ARG A 68 -17.10 45.18 11.78
N GLY A 69 -17.55 44.74 10.59
CA GLY A 69 -16.76 43.99 9.60
C GLY A 69 -16.45 42.55 9.99
N ILE A 70 -17.25 41.97 10.91
CA ILE A 70 -17.01 40.63 11.50
C ILE A 70 -17.73 39.58 10.66
N PRO A 71 -17.06 38.48 10.25
CA PRO A 71 -17.74 37.41 9.51
C PRO A 71 -19.00 36.94 10.24
N TYR A 72 -20.15 36.94 9.53
CA TYR A 72 -21.49 36.64 10.09
C TYR A 72 -21.69 35.12 10.06
N ARG A 73 -21.07 34.47 11.05
CA ARG A 73 -20.98 33.01 11.22
C ARG A 73 -20.94 32.73 12.72
N ARG A 74 -21.44 31.57 13.14
CA ARG A 74 -21.26 31.15 14.54
C ARG A 74 -21.14 29.63 14.60
N GLY A 75 -20.28 29.15 15.48
CA GLY A 75 -20.04 27.72 15.70
C GLY A 75 -20.27 27.32 17.14
N TYR A 76 -20.79 26.11 17.34
CA TYR A 76 -21.13 25.56 18.67
C TYR A 76 -20.45 24.19 18.82
N LEU A 77 -19.92 23.89 20.00
CA LEU A 77 -19.38 22.55 20.33
C LEU A 77 -20.14 22.02 21.54
N LEU A 78 -20.83 20.91 21.38
CA LEU A 78 -21.37 20.15 22.53
C LEU A 78 -20.43 18.96 22.77
N TYR A 79 -19.96 18.79 24.00
CA TYR A 79 -19.01 17.70 24.33
C TYR A 79 -19.45 16.99 25.60
N GLY A 80 -19.20 15.67 25.65
CA GLY A 80 -19.39 14.90 26.88
C GLY A 80 -19.74 13.46 26.60
N PRO A 81 -19.98 12.66 27.65
CA PRO A 81 -20.15 11.22 27.53
C PRO A 81 -21.35 10.80 26.67
N PRO A 82 -21.34 9.57 26.11
CA PRO A 82 -22.47 9.06 25.36
C PRO A 82 -23.78 9.02 26.16
N GLY A 83 -24.86 9.49 25.51
CA GLY A 83 -26.23 9.30 26.00
C GLY A 83 -26.68 10.43 26.91
N CYS A 84 -26.15 11.64 26.76
CA CYS A 84 -26.45 12.76 27.70
C CYS A 84 -27.21 13.91 27.03
N GLY A 85 -27.40 13.92 25.73
CA GLY A 85 -28.40 14.79 25.06
C GLY A 85 -27.86 15.61 23.88
N LYS A 86 -26.68 15.31 23.34
CA LYS A 86 -26.06 16.20 22.35
C LYS A 86 -26.86 16.15 21.04
N SER A 87 -27.02 14.96 20.46
CA SER A 87 -27.72 14.79 19.16
C SER A 87 -29.20 15.16 19.33
N SER A 88 -29.85 14.73 20.40
CA SER A 88 -31.26 15.01 20.71
C SER A 88 -31.47 16.52 20.84
N PHE A 89 -30.62 17.20 21.61
CA PHE A 89 -30.74 18.67 21.78
C PHE A 89 -30.65 19.39 20.42
N ILE A 90 -29.68 19.04 19.60
CA ILE A 90 -29.46 19.72 18.30
C ILE A 90 -30.70 19.48 17.43
N THR A 91 -31.27 18.30 17.43
CA THR A 91 -32.53 17.98 16.70
C THR A 91 -33.63 18.91 17.17
N ALA A 92 -33.85 19.01 18.47
CA ALA A 92 -34.92 19.80 19.11
C ALA A 92 -34.68 21.28 18.85
N LEU A 93 -33.44 21.73 19.02
CA LEU A 93 -33.04 23.14 18.74
C LEU A 93 -33.40 23.51 17.30
N ALA A 94 -33.04 22.67 16.34
CA ALA A 94 -33.38 22.89 14.90
C ALA A 94 -34.89 23.08 14.78
N GLY A 95 -35.67 22.24 15.44
CA GLY A 95 -37.14 22.31 15.41
C GLY A 95 -37.63 23.61 16.02
N GLU A 96 -37.10 23.99 17.19
CA GLU A 96 -37.45 25.25 17.88
C GLU A 96 -37.21 26.47 16.98
N LEU A 97 -36.11 26.50 16.23
CA LEU A 97 -35.68 27.64 15.37
C LEU A 97 -36.24 27.49 13.95
N GLU A 98 -37.06 26.47 13.69
CA GLU A 98 -37.56 26.13 12.34
C GLU A 98 -36.40 26.10 11.36
N HIS A 99 -35.29 25.47 11.75
CA HIS A 99 -34.11 25.28 10.89
C HIS A 99 -34.12 23.82 10.42
N SER A 100 -33.54 23.57 9.25
CA SER A 100 -33.22 22.20 8.78
C SER A 100 -31.85 21.79 9.35
N ILE A 101 -31.42 20.56 9.09
CA ILE A 101 -30.07 20.09 9.49
C ILE A 101 -29.38 19.49 8.28
N CYS A 102 -28.15 19.92 8.03
CA CYS A 102 -27.21 19.36 7.04
C CYS A 102 -26.21 18.44 7.76
N LEU A 103 -26.29 17.14 7.49
CA LEU A 103 -25.41 16.09 8.07
C LEU A 103 -24.14 16.01 7.23
N LEU A 104 -23.05 16.55 7.72
CA LEU A 104 -21.75 16.56 7.01
C LEU A 104 -20.80 15.56 7.70
N SER A 105 -20.52 14.45 7.03
CA SER A 105 -19.57 13.40 7.46
C SER A 105 -18.15 13.80 7.02
N LEU A 106 -17.23 14.00 7.95
CA LEU A 106 -15.85 14.43 7.61
C LEU A 106 -15.01 13.22 7.19
N THR A 107 -15.38 12.02 7.67
CA THR A 107 -14.70 10.72 7.37
C THR A 107 -15.45 10.04 6.22
N ASP A 108 -15.01 10.26 4.99
CA ASP A 108 -15.83 10.00 3.78
C ASP A 108 -14.93 10.06 2.54
N SER A 109 -14.97 9.00 1.73
CA SER A 109 -14.09 8.76 0.55
C SER A 109 -14.12 9.96 -0.41
N SER A 110 -15.31 10.42 -0.80
CA SER A 110 -15.52 11.47 -1.84
C SER A 110 -15.09 12.85 -1.33
N LEU A 111 -15.05 13.09 0.00
CA LEU A 111 -14.92 14.45 0.57
C LEU A 111 -13.46 14.92 0.43
N SER A 112 -13.25 15.97 -0.35
CA SER A 112 -11.96 16.70 -0.49
C SER A 112 -12.10 18.07 0.19
N ASP A 113 -10.99 18.80 0.33
CA ASP A 113 -10.97 20.22 0.79
C ASP A 113 -11.87 21.04 -0.11
N ASP A 114 -11.76 20.81 -1.42
CA ASP A 114 -12.54 21.54 -2.45
C ASP A 114 -14.03 21.30 -2.21
N ARG A 115 -14.45 20.04 -2.09
CA ARG A 115 -15.89 19.68 -1.90
C ARG A 115 -16.41 20.28 -0.59
N LEU A 116 -15.64 20.21 0.49
CA LEU A 116 -16.08 20.74 1.82
C LEU A 116 -16.34 22.25 1.68
N ASN A 117 -15.42 22.98 1.07
CA ASN A 117 -15.57 24.44 0.83
C ASN A 117 -16.89 24.70 0.11
N HIS A 118 -17.17 23.95 -0.97
CA HIS A 118 -18.38 24.15 -1.80
CA HIS A 118 -18.37 24.16 -1.80
C HIS A 118 -19.61 23.78 -0.98
N LEU A 119 -19.56 22.66 -0.26
CA LEU A 119 -20.72 22.19 0.54
C LEU A 119 -21.08 23.24 1.60
N LEU A 120 -20.11 23.80 2.31
CA LEU A 120 -20.39 24.84 3.33
C LEU A 120 -20.94 26.10 2.67
N SER A 121 -20.55 26.38 1.43
CA SER A 121 -20.99 27.61 0.72
C SER A 121 -22.41 27.49 0.18
N VAL A 122 -22.93 26.29 -0.07
CA VAL A 122 -24.30 26.10 -0.66
C VAL A 122 -25.23 25.41 0.34
N ALA A 123 -24.92 25.47 1.64
CA ALA A 123 -25.81 24.95 2.69
C ALA A 123 -27.15 25.65 2.57
N PRO A 124 -28.27 24.92 2.55
CA PRO A 124 -29.60 25.55 2.56
C PRO A 124 -29.64 26.62 3.65
N GLN A 125 -30.27 27.75 3.38
CA GLN A 125 -30.49 28.81 4.39
C GLN A 125 -31.41 28.28 5.50
N GLN A 126 -31.30 28.85 6.70
CA GLN A 126 -32.08 28.44 7.88
C GLN A 126 -31.74 26.97 8.17
N SER A 127 -30.45 26.63 8.21
CA SER A 127 -30.00 25.25 8.56
C SER A 127 -28.85 25.31 9.57
N LEU A 128 -28.73 24.24 10.34
CA LEU A 128 -27.56 23.95 11.18
C LEU A 128 -26.71 22.93 10.41
N VAL A 129 -25.46 23.23 10.12
CA VAL A 129 -24.51 22.22 9.61
C VAL A 129 -23.96 21.44 10.82
N LEU A 130 -24.16 20.11 10.82
CA LEU A 130 -23.84 19.24 11.96
C LEU A 130 -22.60 18.40 11.62
N LEU A 131 -21.54 18.56 12.40
CA LEU A 131 -20.29 17.73 12.33
C LEU A 131 -20.24 16.86 13.58
N GLU A 132 -20.80 15.65 13.52
CA GLU A 132 -20.81 14.74 14.70
C GLU A 132 -19.41 14.15 14.87
N ASP A 133 -18.94 13.99 16.10
CA ASP A 133 -17.72 13.18 16.40
C ASP A 133 -16.54 13.74 15.62
N VAL A 134 -16.33 15.05 15.75
CA VAL A 134 -15.30 15.78 14.96
C VAL A 134 -13.89 15.35 15.39
N ASP A 135 -13.72 14.77 16.58
CA ASP A 135 -12.45 14.14 17.06
C ASP A 135 -12.02 12.99 16.11
N ALA A 136 -12.95 12.32 15.43
CA ALA A 136 -12.67 11.11 14.61
C ALA A 136 -12.15 11.47 13.21
N ALA A 137 -12.18 12.71 12.77
CA ALA A 137 -11.61 13.10 11.45
C ALA A 137 -10.07 13.08 11.53
N PHE A 138 -9.50 13.40 12.71
CA PHE A 138 -8.04 13.56 12.95
C PHE A 138 -7.70 13.14 14.39
N GLY A 155 -8.09 14.15 -3.35
CA GLY A 155 -9.49 13.87 -3.00
C GLY A 155 -9.67 13.24 -1.63
N ARG A 156 -8.90 13.67 -0.60
CA ARG A 156 -9.30 13.49 0.83
C ARG A 156 -9.07 14.81 1.61
N LEU A 157 -9.85 14.96 2.68
CA LEU A 157 -9.86 16.14 3.58
C LEU A 157 -8.54 16.24 4.35
N THR A 158 -8.05 17.46 4.55
CA THR A 158 -6.86 17.75 5.39
C THR A 158 -7.30 18.66 6.54
N PHE A 159 -6.51 18.66 7.61
CA PHE A 159 -6.75 19.46 8.83
C PHE A 159 -6.85 20.95 8.41
N SER A 160 -5.87 21.44 7.64
CA SER A 160 -5.85 22.83 7.14
C SER A 160 -7.08 23.13 6.27
N GLY A 161 -7.51 22.18 5.43
CA GLY A 161 -8.74 22.36 4.62
C GLY A 161 -9.93 22.62 5.51
N LEU A 162 -10.08 21.84 6.58
CA LEU A 162 -11.21 21.97 7.53
C LEU A 162 -11.13 23.34 8.22
N LEU A 163 -9.96 23.72 8.75
CA LEU A 163 -9.82 25.02 9.48
C LEU A 163 -10.19 26.18 8.55
N ASN A 164 -9.76 26.14 7.30
CA ASN A 164 -9.93 27.27 6.35
C ASN A 164 -11.36 27.28 5.80
N ALA A 165 -12.02 26.13 5.72
CA ALA A 165 -13.45 26.06 5.33
C ALA A 165 -14.28 26.68 6.47
N LEU A 166 -13.96 26.35 7.73
CA LEU A 166 -14.75 26.83 8.89
C LEU A 166 -14.51 28.32 9.11
N ASP A 167 -13.25 28.78 9.06
CA ASP A 167 -12.90 30.21 9.30
C ASP A 167 -11.66 30.56 8.48
N GLY A 168 -11.88 30.96 7.24
CA GLY A 168 -10.84 31.42 6.34
C GLY A 168 -11.38 32.40 5.34
N VAL A 169 -10.52 32.78 4.42
CA VAL A 169 -10.73 33.87 3.42
C VAL A 169 -12.01 33.64 2.62
N ALA A 170 -12.33 32.39 2.25
CA ALA A 170 -13.46 32.02 1.37
C ALA A 170 -14.73 31.59 2.15
N SER A 171 -14.71 31.59 3.49
CA SER A 171 -15.85 31.07 4.30
C SER A 171 -17.07 31.96 4.05
N THR A 172 -18.29 31.40 4.01
CA THR A 172 -19.54 32.15 3.70
C THR A 172 -20.25 32.59 4.98
N GLU A 173 -21.21 33.48 4.85
CA GLU A 173 -21.91 34.13 5.99
C GLU A 173 -23.30 33.53 6.17
N ALA A 174 -24.00 33.93 7.24
CA ALA A 174 -25.30 33.39 7.72
C ALA A 174 -25.19 31.88 7.89
N ARG A 175 -24.08 31.41 8.45
CA ARG A 175 -23.78 29.94 8.53
C ARG A 175 -23.63 29.57 10.00
N ILE A 176 -24.37 28.55 10.43
CA ILE A 176 -24.30 28.04 11.82
C ILE A 176 -23.82 26.59 11.78
N VAL A 177 -22.76 26.30 12.54
CA VAL A 177 -22.12 24.95 12.59
C VAL A 177 -22.25 24.45 14.03
N PHE A 178 -22.68 23.20 14.18
CA PHE A 178 -22.64 22.46 15.47
C PHE A 178 -21.64 21.32 15.30
N MET A 179 -20.70 21.22 16.24
CA MET A 179 -19.77 20.09 16.40
C MET A 179 -20.14 19.34 17.68
N THR A 180 -19.91 18.05 17.70
CA THR A 180 -19.99 17.22 18.92
C THR A 180 -18.71 16.40 19.05
N THR A 181 -18.43 15.96 20.26
CA THR A 181 -17.37 14.96 20.57
C THR A 181 -17.65 14.36 21.94
N ASN A 182 -17.26 13.10 22.14
CA ASN A 182 -17.13 12.49 23.48
C ASN A 182 -15.79 12.86 24.09
N TYR A 183 -14.84 13.40 23.31
CA TYR A 183 -13.42 13.54 23.70
C TYR A 183 -12.86 14.92 23.35
N ILE A 184 -13.24 15.97 24.05
CA ILE A 184 -12.76 17.34 23.74
C ILE A 184 -11.23 17.43 23.91
N ASP A 185 -10.62 16.65 24.82
CA ASP A 185 -9.15 16.64 25.02
C ASP A 185 -8.41 16.19 23.75
N ARG A 186 -9.07 15.50 22.82
CA ARG A 186 -8.43 15.05 21.56
C ARG A 186 -8.45 16.14 20.49
N LEU A 187 -9.21 17.23 20.67
CA LEU A 187 -9.37 18.27 19.62
C LEU A 187 -8.15 19.19 19.67
N ASP A 188 -7.60 19.50 18.50
CA ASP A 188 -6.56 20.55 18.37
C ASP A 188 -7.18 21.90 18.72
N PRO A 189 -6.54 22.71 19.60
CA PRO A 189 -7.08 24.02 19.96
C PRO A 189 -7.46 24.92 18.76
N ALA A 190 -6.74 24.83 17.65
CA ALA A 190 -6.96 25.67 16.46
C ALA A 190 -8.33 25.37 15.84
N LEU A 191 -8.78 24.11 15.92
CA LEU A 191 -10.10 23.68 15.38
C LEU A 191 -11.23 24.37 16.14
N ILE A 192 -11.08 24.67 17.43
CA ILE A 192 -12.24 25.09 18.27
C ILE A 192 -11.99 26.47 18.88
N ARG A 193 -11.02 27.23 18.35
CA ARG A 193 -10.75 28.61 18.85
C ARG A 193 -11.96 29.48 18.51
N PRO A 194 -12.19 30.58 19.26
CA PRO A 194 -13.23 31.53 18.90
C PRO A 194 -13.11 31.94 17.42
N GLY A 195 -14.24 32.05 16.72
CA GLY A 195 -14.30 32.30 15.25
C GLY A 195 -14.49 31.02 14.45
N ARG A 196 -14.15 29.86 15.03
CA ARG A 196 -14.50 28.52 14.51
C ARG A 196 -15.59 27.97 15.43
N VAL A 197 -15.29 27.88 16.73
CA VAL A 197 -16.29 27.57 17.80
C VAL A 197 -16.38 28.78 18.74
N ASP A 198 -17.58 29.33 18.86
CA ASP A 198 -17.87 30.55 19.64
C ASP A 198 -18.40 30.16 21.02
N LEU A 199 -19.04 28.99 21.14
CA LEU A 199 -19.65 28.54 22.40
C LEU A 199 -19.42 27.01 22.54
N LYS A 200 -18.77 26.62 23.63
CA LYS A 200 -18.46 25.22 24.01
C LYS A 200 -19.35 24.90 25.20
N GLU A 201 -20.12 23.82 25.18
CA GLU A 201 -20.91 23.42 26.36
C GLU A 201 -20.72 21.93 26.64
N TYR A 202 -20.39 21.64 27.90
CA TYR A 202 -20.32 20.27 28.47
C TYR A 202 -21.76 19.78 28.69
N VAL A 203 -22.04 18.56 28.25
CA VAL A 203 -23.34 17.88 28.37
C VAL A 203 -23.07 16.58 29.15
N GLY A 204 -23.45 16.56 30.42
CA GLY A 204 -22.97 15.56 31.39
C GLY A 204 -24.04 14.59 31.88
N TYR A 205 -23.63 13.76 32.83
CA TYR A 205 -24.47 12.81 33.58
C TYR A 205 -25.48 13.60 34.43
N CYS A 206 -26.57 12.95 34.82
CA CYS A 206 -27.74 13.59 35.47
C CYS A 206 -27.37 14.26 36.78
N SER A 207 -27.74 15.55 36.89
CA SER A 207 -27.91 16.31 38.15
C SER A 207 -29.19 15.87 38.86
N HIS A 208 -29.33 16.23 40.14
CA HIS A 208 -30.59 16.07 40.90
C HIS A 208 -31.73 16.70 40.09
N TRP A 209 -31.52 17.93 39.64
CA TRP A 209 -32.53 18.68 38.87
C TRP A 209 -32.96 17.91 37.61
N GLN A 210 -32.03 17.29 36.86
CA GLN A 210 -32.38 16.56 35.61
C GLN A 210 -33.23 15.33 35.95
N LEU A 211 -32.98 14.70 37.09
CA LEU A 211 -33.71 13.47 37.49
C LEU A 211 -35.16 13.84 37.81
N THR A 212 -35.42 14.89 38.60
CA THR A 212 -36.80 15.32 38.96
C THR A 212 -37.53 15.81 37.69
N GLN A 213 -36.86 16.58 36.85
CA GLN A 213 -37.45 17.10 35.58
C GLN A 213 -37.81 15.91 34.67
N MET A 214 -36.94 14.92 34.53
CA MET A 214 -37.20 13.77 33.64
C MET A 214 -38.37 12.94 34.21
N PHE A 215 -38.39 12.71 35.51
CA PHE A 215 -39.49 11.94 36.14
C PHE A 215 -40.82 12.64 35.86
N GLN A 216 -40.87 13.96 36.00
CA GLN A 216 -42.12 14.77 35.83
C GLN A 216 -42.57 14.74 34.35
N ARG A 217 -41.65 14.63 33.39
CA ARG A 217 -42.01 14.56 31.96
C ARG A 217 -42.53 13.18 31.60
N PHE A 218 -41.98 12.11 32.18
CA PHE A 218 -42.36 10.73 31.83
C PHE A 218 -43.63 10.34 32.60
N TYR A 219 -43.86 10.96 33.77
CA TYR A 219 -45.01 10.70 34.67
C TYR A 219 -45.65 12.04 35.06
N PRO A 220 -46.35 12.70 34.09
CA PRO A 220 -46.97 13.98 34.35
C PRO A 220 -48.09 13.84 35.38
N GLY A 221 -48.27 14.85 36.21
CA GLY A 221 -49.37 14.93 37.20
C GLY A 221 -49.15 14.06 38.44
N GLN A 222 -47.91 13.67 38.73
CA GLN A 222 -47.53 13.06 40.03
C GLN A 222 -47.12 14.17 40.99
N ALA A 223 -47.21 13.93 42.31
CA ALA A 223 -46.71 14.85 43.35
C ALA A 223 -45.24 15.15 43.09
N PRO A 224 -44.80 16.43 43.12
CA PRO A 224 -43.37 16.74 43.12
C PRO A 224 -42.57 15.90 44.13
N SER A 225 -43.16 15.57 45.29
CA SER A 225 -42.49 14.76 46.35
C SER A 225 -42.06 13.40 45.78
N LEU A 226 -42.80 12.86 44.81
CA LEU A 226 -42.47 11.53 44.22
C LEU A 226 -41.26 11.64 43.30
N ALA A 227 -41.16 12.70 42.49
CA ALA A 227 -39.98 12.97 41.66
C ALA A 227 -38.76 13.12 42.58
N GLU A 228 -38.92 13.81 43.71
CA GLU A 228 -37.85 14.03 44.73
C GLU A 228 -37.37 12.67 45.26
N ASN A 229 -38.30 11.80 45.65
CA ASN A 229 -38.03 10.43 46.15
C ASN A 229 -37.18 9.72 45.09
N PHE A 230 -37.58 9.78 43.82
CA PHE A 230 -36.88 9.12 42.69
C PHE A 230 -35.43 9.64 42.59
N ALA A 231 -35.25 10.96 42.56
CA ALA A 231 -33.94 11.62 42.35
C ALA A 231 -32.99 11.26 43.49
N GLU A 232 -33.41 11.45 44.74
CA GLU A 232 -32.58 11.18 45.95
C GLU A 232 -32.03 9.77 45.87
N HIS A 233 -32.89 8.80 45.58
CA HIS A 233 -32.57 7.34 45.62
C HIS A 233 -31.66 6.96 44.44
N VAL A 234 -31.88 7.54 43.26
CA VAL A 234 -31.02 7.26 42.08
C VAL A 234 -29.60 7.78 42.36
N LEU A 235 -29.46 8.96 42.97
CA LEU A 235 -28.13 9.56 43.26
C LEU A 235 -27.40 8.78 44.36
N LYS A 236 -28.12 8.05 45.22
CA LYS A 236 -27.50 7.18 46.26
C LYS A 236 -27.14 5.82 45.66
N ALA A 237 -27.87 5.34 44.65
CA ALA A 237 -27.63 4.00 44.04
C ALA A 237 -26.60 4.06 42.91
N THR A 238 -26.25 5.25 42.40
CA THR A 238 -25.34 5.44 41.24
C THR A 238 -24.27 6.48 41.56
N SER A 239 -23.09 6.35 40.97
CA SER A 239 -22.05 7.42 40.86
C SER A 239 -22.37 8.36 39.70
N GLU A 240 -22.72 7.78 38.56
CA GLU A 240 -23.00 8.50 37.29
C GLU A 240 -24.20 7.82 36.63
N ILE A 241 -25.15 8.60 36.15
CA ILE A 241 -26.23 7.99 35.33
C ILE A 241 -26.55 8.95 34.17
N SER A 242 -26.55 8.43 32.95
CA SER A 242 -26.92 9.23 31.75
C SER A 242 -28.43 9.39 31.68
N PRO A 243 -28.92 10.51 31.12
CA PRO A 243 -30.33 10.61 30.72
C PRO A 243 -30.80 9.42 29.86
N ALA A 244 -29.96 8.90 28.98
CA ALA A 244 -30.30 7.71 28.15
C ALA A 244 -30.64 6.52 29.07
N GLN A 245 -29.88 6.29 30.14
CA GLN A 245 -30.16 5.21 31.14
C GLN A 245 -31.50 5.49 31.84
N VAL A 246 -31.77 6.75 32.17
CA VAL A 246 -33.03 7.15 32.86
C VAL A 246 -34.20 6.87 31.93
N GLN A 247 -34.13 7.34 30.69
CA GLN A 247 -35.13 7.01 29.63
C GLN A 247 -35.34 5.49 29.58
N GLY A 248 -34.27 4.72 29.46
CA GLY A 248 -34.31 3.24 29.32
C GLY A 248 -35.01 2.59 30.49
N TYR A 249 -34.78 3.10 31.69
CA TYR A 249 -35.40 2.62 32.95
C TYR A 249 -36.92 2.91 32.92
N PHE A 250 -37.31 4.14 32.56
CA PHE A 250 -38.73 4.54 32.51
C PHE A 250 -39.46 3.70 31.47
N MET A 251 -38.76 3.29 30.41
CA MET A 251 -39.34 2.40 29.36
C MET A 251 -39.77 1.05 29.96
N LEU A 252 -39.19 0.62 31.08
CA LEU A 252 -39.56 -0.66 31.76
C LEU A 252 -40.81 -0.44 32.63
N TYR A 253 -41.18 0.81 32.91
CA TYR A 253 -42.29 1.16 33.84
C TYR A 253 -43.21 2.19 33.18
N LYS A 254 -43.63 1.87 31.96
CA LYS A 254 -44.57 2.73 31.20
C LYS A 254 -45.86 2.84 32.02
N ASN A 255 -46.30 4.08 32.29
CA ASN A 255 -47.52 4.39 33.06
C ASN A 255 -47.46 3.78 34.47
N ASP A 256 -46.27 3.51 35.01
CA ASP A 256 -46.10 2.87 36.33
C ASP A 256 -45.09 3.66 37.17
N PRO A 257 -45.44 4.89 37.59
CA PRO A 257 -44.52 5.74 38.38
C PRO A 257 -44.07 5.12 39.72
N MET A 258 -44.96 4.38 40.39
CA MET A 258 -44.63 3.66 41.64
C MET A 258 -43.64 2.53 41.33
N GLY A 259 -43.82 1.81 40.23
CA GLY A 259 -42.83 0.83 39.73
C GLY A 259 -41.45 1.48 39.60
N ALA A 260 -41.39 2.64 38.94
CA ALA A 260 -40.13 3.39 38.71
C ALA A 260 -39.49 3.69 40.06
N VAL A 261 -40.28 4.17 41.03
CA VAL A 261 -39.75 4.57 42.36
C VAL A 261 -39.34 3.34 43.19
N HIS A 262 -39.95 2.17 42.97
CA HIS A 262 -39.70 0.97 43.81
C HIS A 262 -38.51 0.13 43.31
N ASN A 263 -38.07 0.29 42.07
CA ASN A 263 -37.12 -0.65 41.43
C ASN A 263 -35.75 0.02 41.18
N ILE A 264 -35.45 1.10 41.92
CA ILE A 264 -34.24 1.93 41.67
C ILE A 264 -32.96 1.13 41.95
N GLU A 265 -32.99 0.13 42.84
CA GLU A 265 -31.78 -0.69 43.15
C GLU A 265 -31.31 -1.40 41.89
N SER A 266 -32.20 -1.63 40.91
CA SER A 266 -31.82 -2.24 39.61
C SER A 266 -30.87 -1.32 38.80
N LEU A 267 -30.75 -0.02 39.14
CA LEU A 267 -29.86 0.94 38.43
C LEU A 267 -28.43 0.89 38.98
N ARG A 268 -28.24 0.24 40.12
CA ARG A 268 -26.89 0.03 40.69
C ARG A 268 -26.07 -0.73 39.65
N PRO A 269 -24.87 -0.25 39.24
CA PRO A 269 -24.15 -0.90 38.15
C PRO A 269 -23.85 -2.40 38.42
N ARG A 270 -23.96 -3.19 37.36
CA ARG A 270 -23.88 -4.67 37.34
C ARG A 270 -22.96 -5.04 36.16
N ASP A 271 -21.92 -5.84 36.39
CA ASP A 271 -20.98 -6.30 35.32
C ASP A 271 -21.74 -7.02 34.19
N HIS A 272 -21.17 -7.01 32.99
CA HIS A 272 -21.50 -8.01 31.93
C HIS A 272 -21.10 -9.39 32.44
N HIS A 273 -21.75 -10.45 31.96
CA HIS A 273 -21.29 -11.84 32.21
C HIS A 273 -19.99 -12.08 31.43
N HIS A 274 -18.96 -12.66 32.07
CA HIS A 274 -17.58 -12.82 31.52
C HIS A 274 -17.42 -14.19 30.87
N GLU B 13 15.66 -34.85 -36.94
CA GLU B 13 14.36 -35.48 -37.31
C GLU B 13 13.24 -34.81 -36.51
N GLY B 14 13.14 -35.14 -35.21
CA GLY B 14 12.19 -34.51 -34.27
C GLY B 14 12.74 -33.24 -33.64
N LYS B 15 11.82 -32.37 -33.22
CA LYS B 15 12.08 -31.07 -32.53
C LYS B 15 11.43 -31.09 -31.13
N THR B 16 11.71 -30.07 -30.31
CA THR B 16 11.05 -29.90 -28.98
C THR B 16 10.27 -28.59 -28.95
N VAL B 17 8.95 -28.65 -28.80
CA VAL B 17 8.06 -27.45 -28.75
C VAL B 17 8.00 -26.95 -27.30
N MET B 18 8.24 -25.63 -27.10
CA MET B 18 8.07 -24.90 -25.83
C MET B 18 6.74 -24.16 -25.83
N TYR B 19 5.93 -24.31 -24.79
CA TYR B 19 4.68 -23.55 -24.56
C TYR B 19 4.86 -22.62 -23.38
N THR B 20 4.29 -21.40 -23.44
CA THR B 20 4.10 -20.53 -22.25
C THR B 20 2.60 -20.25 -22.09
N ALA B 21 2.21 -19.87 -20.87
CA ALA B 21 0.82 -19.52 -20.50
C ALA B 21 0.51 -18.12 -21.02
N VAL B 22 -0.59 -17.97 -21.76
CA VAL B 22 -1.22 -16.65 -22.05
C VAL B 22 -2.65 -16.74 -21.52
N GLY B 23 -2.93 -16.02 -20.45
CA GLY B 23 -4.16 -16.17 -19.65
C GLY B 23 -4.29 -17.61 -19.16
N SER B 24 -5.37 -18.28 -19.55
CA SER B 24 -5.78 -19.61 -19.06
C SER B 24 -5.35 -20.70 -20.05
N GLU B 25 -4.59 -20.34 -21.09
CA GLU B 25 -4.28 -21.24 -22.22
C GLU B 25 -2.78 -21.25 -22.55
N TRP B 26 -2.32 -22.33 -23.18
CA TRP B 26 -0.90 -22.55 -23.59
C TRP B 26 -0.73 -22.13 -25.05
N ARG B 27 0.36 -21.41 -25.38
CA ARG B 27 0.72 -20.98 -26.75
C ARG B 27 2.19 -21.35 -27.02
N THR B 28 2.55 -21.69 -28.25
CA THR B 28 3.95 -22.01 -28.63
C THR B 28 4.83 -20.78 -28.38
N PHE B 29 6.05 -21.01 -27.93
CA PHE B 29 7.07 -19.95 -27.67
C PHE B 29 8.18 -20.09 -28.70
N GLY B 30 8.24 -19.13 -29.63
CA GLY B 30 9.21 -19.09 -30.76
C GLY B 30 9.18 -20.34 -31.61
N TYR B 31 10.35 -20.70 -32.14
CA TYR B 31 10.60 -21.84 -33.07
C TYR B 31 10.54 -23.17 -32.31
N PRO B 32 10.13 -24.28 -32.95
CA PRO B 32 10.48 -25.61 -32.46
C PRO B 32 12.02 -25.70 -32.35
N ARG B 33 12.53 -26.20 -31.22
CA ARG B 33 13.98 -26.22 -30.91
C ARG B 33 14.57 -27.57 -31.33
N ARG B 34 15.81 -27.56 -31.81
CA ARG B 34 16.59 -28.81 -32.03
C ARG B 34 16.74 -29.51 -30.67
N ARG B 35 16.45 -30.81 -30.63
CA ARG B 35 16.50 -31.65 -29.42
C ARG B 35 17.96 -31.66 -28.97
N ARG B 36 18.20 -31.40 -27.70
CA ARG B 36 19.52 -31.70 -27.09
C ARG B 36 19.60 -33.20 -26.87
N PRO B 37 20.62 -33.90 -27.42
CA PRO B 37 20.76 -35.34 -27.18
C PRO B 37 21.03 -35.62 -25.69
N LEU B 38 20.37 -36.65 -25.15
CA LEU B 38 20.45 -37.02 -23.72
C LEU B 38 21.91 -37.26 -23.33
N ASP B 39 22.68 -37.78 -24.29
CA ASP B 39 24.08 -38.17 -24.07
C ASP B 39 24.96 -36.92 -23.87
N SER B 40 24.50 -35.76 -24.33
CA SER B 40 25.25 -34.48 -24.25
C SER B 40 25.13 -33.90 -22.84
N VAL B 41 24.24 -34.44 -22.00
CA VAL B 41 24.10 -34.07 -20.57
C VAL B 41 24.67 -35.22 -19.71
N VAL B 42 25.71 -34.93 -18.93
CA VAL B 42 26.47 -35.96 -18.20
C VAL B 42 26.11 -35.84 -16.72
N LEU B 43 25.18 -36.67 -16.24
CA LEU B 43 24.80 -36.67 -14.81
C LEU B 43 25.66 -37.70 -14.09
N GLN B 44 25.61 -37.72 -12.76
CA GLN B 44 26.31 -38.74 -11.96
C GLN B 44 25.88 -40.13 -12.44
N GLN B 45 26.80 -41.08 -12.29
CA GLN B 45 26.71 -42.44 -12.87
C GLN B 45 25.37 -43.08 -12.46
N GLY B 46 24.58 -43.52 -13.45
CA GLY B 46 23.32 -44.24 -13.22
C GLY B 46 22.12 -43.30 -13.06
N LEU B 47 22.31 -42.00 -12.84
CA LEU B 47 21.18 -41.10 -12.47
C LEU B 47 20.22 -40.96 -13.64
N ALA B 48 20.72 -40.59 -14.82
CA ALA B 48 19.90 -40.41 -16.05
C ALA B 48 19.13 -41.70 -16.33
N ASP B 49 19.81 -42.86 -16.29
CA ASP B 49 19.15 -44.17 -16.56
C ASP B 49 17.99 -44.39 -15.57
N ARG B 50 18.19 -44.08 -14.28
CA ARG B 50 17.15 -44.31 -13.26
C ARG B 50 15.93 -43.40 -13.56
N ILE B 51 16.13 -42.13 -13.95
CA ILE B 51 14.99 -41.20 -14.21
C ILE B 51 14.24 -41.64 -15.48
N VAL B 52 14.97 -41.93 -16.55
CA VAL B 52 14.40 -42.38 -17.84
C VAL B 52 13.56 -43.66 -17.60
N LYS B 53 14.12 -44.63 -16.88
CA LYS B 53 13.42 -45.91 -16.58
C LYS B 53 12.13 -45.61 -15.84
N ASP B 54 12.19 -44.80 -14.78
CA ASP B 54 11.03 -44.42 -13.95
C ASP B 54 9.93 -43.82 -14.84
N ILE B 55 10.29 -42.82 -15.65
CA ILE B 55 9.31 -42.01 -16.40
C ILE B 55 8.74 -42.88 -17.55
N ARG B 56 9.54 -43.71 -18.20
CA ARG B 56 9.02 -44.65 -19.24
C ARG B 56 8.06 -45.65 -18.58
N GLU B 57 8.37 -46.15 -17.39
CA GLU B 57 7.48 -47.09 -16.65
C GLU B 57 6.12 -46.42 -16.37
N PHE B 58 6.13 -45.14 -15.96
CA PHE B 58 4.90 -44.36 -15.75
C PHE B 58 4.11 -44.26 -17.06
N ILE B 59 4.75 -43.78 -18.13
CA ILE B 59 4.10 -43.54 -19.44
C ILE B 59 3.51 -44.86 -19.94
N ASP B 60 4.20 -45.98 -19.73
CA ASP B 60 3.82 -47.30 -20.30
C ASP B 60 2.76 -48.04 -19.45
N ASN B 61 2.34 -47.53 -18.27
CA ASN B 61 1.52 -48.36 -17.35
C ASN B 61 0.28 -47.64 -16.82
N PRO B 62 -0.53 -46.97 -17.66
CA PRO B 62 -1.78 -46.36 -17.18
C PRO B 62 -2.73 -47.38 -16.54
N LYS B 63 -2.79 -48.58 -17.10
CA LYS B 63 -3.74 -49.62 -16.62
C LYS B 63 -3.40 -49.99 -15.18
N TRP B 64 -2.12 -50.10 -14.83
CA TRP B 64 -1.69 -50.45 -13.45
C TRP B 64 -2.27 -49.42 -12.47
N TYR B 65 -2.22 -48.14 -12.83
CA TYR B 65 -2.77 -47.03 -12.02
C TYR B 65 -4.29 -47.17 -11.94
N ILE B 66 -4.97 -47.27 -13.08
CA ILE B 66 -6.46 -47.25 -13.09
C ILE B 66 -7.00 -48.47 -12.33
N ASP B 67 -6.42 -49.66 -12.52
CA ASP B 67 -6.88 -50.89 -11.83
C ASP B 67 -6.86 -50.67 -10.31
N ARG B 68 -5.85 -49.94 -9.79
CA ARG B 68 -5.66 -49.78 -8.33
C ARG B 68 -6.32 -48.48 -7.83
N GLY B 69 -6.95 -47.72 -8.71
CA GLY B 69 -7.67 -46.45 -8.40
C GLY B 69 -6.75 -45.27 -8.10
N ILE B 70 -5.49 -45.33 -8.53
CA ILE B 70 -4.43 -44.34 -8.17
C ILE B 70 -4.40 -43.25 -9.23
N PRO B 71 -4.42 -41.94 -8.84
CA PRO B 71 -4.32 -40.85 -9.80
C PRO B 71 -3.12 -41.06 -10.74
N TYR B 72 -3.37 -41.02 -12.05
CA TYR B 72 -2.37 -41.27 -13.12
C TYR B 72 -1.63 -39.97 -13.42
N ARG B 73 -0.70 -39.67 -12.53
CA ARG B 73 0.13 -38.43 -12.48
C ARG B 73 1.49 -38.80 -11.90
N ARG B 74 2.53 -38.08 -12.29
CA ARG B 74 3.85 -38.27 -11.66
C ARG B 74 4.59 -36.94 -11.63
N GLY B 75 5.28 -36.70 -10.52
CA GLY B 75 6.06 -35.47 -10.31
C GLY B 75 7.51 -35.80 -10.01
N TYR B 76 8.40 -34.94 -10.50
CA TYR B 76 9.86 -35.08 -10.36
C TYR B 76 10.42 -33.78 -9.78
N LEU B 77 11.38 -33.88 -8.87
CA LEU B 77 12.11 -32.72 -8.32
C LEU B 77 13.59 -32.93 -8.60
N LEU B 78 14.21 -32.06 -9.38
CA LEU B 78 15.68 -32.02 -9.50
C LEU B 78 16.17 -30.85 -8.64
N TYR B 79 17.11 -31.10 -7.74
CA TYR B 79 17.60 -30.06 -6.81
C TYR B 79 19.13 -30.08 -6.76
N GLY B 80 19.73 -28.91 -6.59
CA GLY B 80 21.17 -28.81 -6.28
C GLY B 80 21.74 -27.50 -6.80
N PRO B 81 23.07 -27.34 -6.68
CA PRO B 81 23.71 -26.06 -6.95
C PRO B 81 23.61 -25.59 -8.41
N PRO B 82 23.75 -24.26 -8.66
CA PRO B 82 23.70 -23.74 -10.03
C PRO B 82 24.76 -24.34 -10.97
N GLY B 83 24.31 -24.74 -12.16
CA GLY B 83 25.18 -25.09 -13.29
C GLY B 83 25.54 -26.56 -13.30
N CYS B 84 24.68 -27.45 -12.78
CA CYS B 84 25.02 -28.89 -12.64
C CYS B 84 24.14 -29.81 -13.52
N GLY B 85 23.11 -29.30 -14.19
CA GLY B 85 22.45 -30.08 -15.28
C GLY B 85 20.93 -30.16 -15.20
N LYS B 86 20.27 -29.42 -14.33
CA LYS B 86 18.84 -29.59 -14.10
C LYS B 86 18.06 -29.15 -15.34
N SER B 87 18.21 -27.89 -15.79
CA SER B 87 17.42 -27.39 -16.94
C SER B 87 17.84 -28.13 -18.23
N SER B 88 19.14 -28.35 -18.45
CA SER B 88 19.62 -29.06 -19.66
C SER B 88 19.11 -30.51 -19.67
N PHE B 89 19.17 -31.22 -18.54
CA PHE B 89 18.64 -32.61 -18.49
C PHE B 89 17.15 -32.64 -18.86
N ILE B 90 16.34 -31.75 -18.29
CA ILE B 90 14.87 -31.76 -18.55
C ILE B 90 14.62 -31.48 -20.05
N THR B 91 15.39 -30.58 -20.65
CA THR B 91 15.31 -30.30 -22.12
C THR B 91 15.60 -31.58 -22.89
N ALA B 92 16.69 -32.27 -22.58
CA ALA B 92 17.15 -33.49 -23.29
C ALA B 92 16.17 -34.62 -23.06
N LEU B 93 15.70 -34.78 -21.81
CA LEU B 93 14.67 -35.79 -21.46
C LEU B 93 13.43 -35.59 -22.32
N ALA B 94 12.93 -34.37 -22.41
CA ALA B 94 11.75 -34.04 -23.24
C ALA B 94 12.01 -34.51 -24.66
N GLY B 95 13.19 -34.22 -25.20
CA GLY B 95 13.59 -34.63 -26.56
C GLY B 95 13.59 -36.14 -26.71
N GLU B 96 14.21 -36.84 -25.76
CA GLU B 96 14.29 -38.32 -25.75
C GLU B 96 12.87 -38.94 -25.77
N LEU B 97 11.92 -38.38 -25.04
CA LEU B 97 10.54 -38.92 -24.90
C LEU B 97 9.61 -38.33 -25.95
N GLU B 98 10.13 -37.51 -26.87
CA GLU B 98 9.32 -36.78 -27.88
C GLU B 98 8.18 -36.05 -27.16
N HIS B 99 8.49 -35.41 -26.04
CA HIS B 99 7.52 -34.61 -25.26
C HIS B 99 7.84 -33.13 -25.53
N SER B 100 6.81 -32.30 -25.46
CA SER B 100 6.97 -30.83 -25.45
C SER B 100 7.22 -30.39 -24.01
N ILE B 101 7.48 -29.10 -23.80
CA ILE B 101 7.63 -28.52 -22.44
C ILE B 101 6.69 -27.33 -22.29
N CYS B 102 5.91 -27.33 -21.23
CA CYS B 102 5.06 -26.21 -20.76
C CYS B 102 5.79 -25.47 -19.63
N LEU B 103 6.21 -24.24 -19.89
CA LEU B 103 6.93 -23.35 -18.95
C LEU B 103 5.90 -22.62 -18.08
N LEU B 104 5.72 -23.06 -16.84
CA LEU B 104 4.75 -22.45 -15.91
C LEU B 104 5.51 -21.66 -14.85
N SER B 105 5.43 -20.33 -14.91
CA SER B 105 6.01 -19.40 -13.91
C SER B 105 5.03 -19.24 -12.74
N LEU B 106 5.42 -19.60 -11.52
CA LEU B 106 4.50 -19.51 -10.36
C LEU B 106 4.48 -18.08 -9.81
N THR B 107 5.54 -17.30 -10.04
CA THR B 107 5.66 -15.87 -9.65
C THR B 107 5.26 -15.01 -10.85
N ASP B 108 4.00 -14.60 -10.91
CA ASP B 108 3.38 -13.98 -12.11
C ASP B 108 2.07 -13.31 -11.71
N SER B 109 1.90 -12.04 -12.07
CA SER B 109 0.78 -11.14 -11.68
C SER B 109 -0.58 -11.79 -11.99
N SER B 110 -0.77 -12.27 -13.22
CA SER B 110 -2.07 -12.78 -13.75
C SER B 110 -2.43 -14.14 -13.11
N LEU B 111 -1.45 -14.91 -12.61
CA LEU B 111 -1.67 -16.32 -12.17
C LEU B 111 -2.42 -16.32 -10.84
N SER B 112 -3.64 -16.88 -10.85
CA SER B 112 -4.49 -17.17 -9.67
C SER B 112 -4.53 -18.68 -9.47
N ASP B 113 -5.10 -19.13 -8.35
CA ASP B 113 -5.38 -20.56 -8.06
C ASP B 113 -6.25 -21.13 -9.19
N ASP B 114 -7.25 -20.36 -9.58
CA ASP B 114 -8.21 -20.74 -10.65
C ASP B 114 -7.46 -20.97 -11.95
N ARG B 115 -6.64 -20.01 -12.39
CA ARG B 115 -5.89 -20.09 -13.66
C ARG B 115 -4.92 -21.30 -13.62
N LEU B 116 -4.23 -21.51 -12.50
CA LEU B 116 -3.25 -22.63 -12.38
C LEU B 116 -3.99 -23.95 -12.58
N ASN B 117 -5.13 -24.13 -11.90
CA ASN B 117 -5.96 -25.35 -12.04
C ASN B 117 -6.28 -25.57 -13.52
N HIS B 118 -6.74 -24.53 -14.23
CA HIS B 118 -7.16 -24.63 -15.64
CA HIS B 118 -7.16 -24.63 -15.64
C HIS B 118 -5.93 -24.93 -16.51
N LEU B 119 -4.81 -24.25 -16.26
CA LEU B 119 -3.58 -24.44 -17.06
C LEU B 119 -3.11 -25.89 -16.94
N LEU B 120 -3.08 -26.46 -15.74
CA LEU B 120 -2.63 -27.86 -15.56
C LEU B 120 -3.62 -28.81 -16.23
N SER B 121 -4.90 -28.45 -16.30
CA SER B 121 -5.95 -29.33 -16.87
C SER B 121 -5.92 -29.33 -18.41
N VAL B 122 -5.39 -28.29 -19.08
CA VAL B 122 -5.39 -28.20 -20.58
C VAL B 122 -3.96 -28.23 -21.11
N ALA B 123 -3.00 -28.77 -20.34
CA ALA B 123 -1.62 -28.95 -20.80
C ALA B 123 -1.65 -29.82 -22.04
N PRO B 124 -0.96 -29.42 -23.13
CA PRO B 124 -0.82 -30.27 -24.31
C PRO B 124 -0.42 -31.69 -23.86
N GLN B 125 -0.99 -32.71 -24.49
CA GLN B 125 -0.63 -34.12 -24.20
C GLN B 125 0.81 -34.37 -24.64
N GLN B 126 1.48 -35.33 -23.99
CA GLN B 126 2.89 -35.67 -24.29
C GLN B 126 3.73 -34.42 -24.01
N SER B 127 3.55 -33.81 -22.84
CA SER B 127 4.35 -32.66 -22.37
C SER B 127 4.82 -32.87 -20.93
N LEU B 128 5.94 -32.25 -20.60
CA LEU B 128 6.39 -32.06 -19.22
C LEU B 128 5.99 -30.65 -18.81
N VAL B 129 5.21 -30.48 -17.75
CA VAL B 129 4.99 -29.16 -17.12
C VAL B 129 6.20 -28.86 -16.24
N LEU B 130 6.91 -27.76 -16.50
CA LEU B 130 8.16 -27.40 -15.80
C LEU B 130 7.88 -26.23 -14.86
N LEU B 131 8.11 -26.45 -13.55
CA LEU B 131 8.10 -25.41 -12.49
C LEU B 131 9.54 -25.17 -12.04
N GLU B 132 10.24 -24.23 -12.66
CA GLU B 132 11.64 -23.89 -12.29
C GLU B 132 11.59 -23.10 -10.97
N ASP B 133 12.56 -23.33 -10.09
CA ASP B 133 12.81 -22.45 -8.91
C ASP B 133 11.54 -22.37 -8.07
N VAL B 134 10.97 -23.52 -7.74
CA VAL B 134 9.66 -23.61 -7.04
C VAL B 134 9.80 -23.09 -5.60
N ASP B 135 11.02 -23.02 -5.04
CA ASP B 135 11.31 -22.39 -3.73
C ASP B 135 10.94 -20.89 -3.73
N ALA B 136 10.98 -20.23 -4.89
CA ALA B 136 10.83 -18.75 -4.99
C ALA B 136 9.35 -18.33 -5.04
N ALA B 137 8.39 -19.26 -5.16
CA ALA B 137 6.95 -18.91 -5.12
C ALA B 137 6.55 -18.53 -3.68
N PHE B 138 7.20 -19.13 -2.66
CA PHE B 138 6.89 -18.98 -1.21
C PHE B 138 8.20 -19.06 -0.40
N GLY B 155 -6.50 -12.32 -9.29
CA GLY B 155 -5.85 -12.41 -7.96
C GLY B 155 -4.44 -12.96 -8.04
N ARG B 156 -4.00 -13.69 -7.01
CA ARG B 156 -2.63 -14.26 -6.91
C ARG B 156 -2.70 -15.70 -6.34
N LEU B 157 -1.65 -16.47 -6.64
CA LEU B 157 -1.50 -17.90 -6.25
C LEU B 157 -1.30 -18.00 -4.73
N THR B 158 -1.88 -19.02 -4.12
CA THR B 158 -1.70 -19.35 -2.68
C THR B 158 -1.04 -20.72 -2.61
N PHE B 159 -0.37 -20.98 -1.48
CA PHE B 159 0.31 -22.28 -1.20
C PHE B 159 -0.72 -23.41 -1.35
N SER B 160 -1.88 -23.29 -0.70
CA SER B 160 -2.98 -24.29 -0.78
C SER B 160 -3.45 -24.47 -2.23
N GLY B 161 -3.57 -23.40 -3.00
CA GLY B 161 -3.94 -23.50 -4.42
C GLY B 161 -2.97 -24.39 -5.17
N LEU B 162 -1.68 -24.17 -4.96
CA LEU B 162 -0.60 -24.96 -5.63
C LEU B 162 -0.71 -26.43 -5.19
N LEU B 163 -0.80 -26.71 -3.89
CA LEU B 163 -0.85 -28.12 -3.38
C LEU B 163 -2.05 -28.84 -4.01
N ASN B 164 -3.21 -28.18 -4.09
CA ASN B 164 -4.47 -28.83 -4.52
C ASN B 164 -4.49 -28.94 -6.05
N ALA B 165 -3.82 -28.05 -6.78
CA ALA B 165 -3.65 -28.18 -8.23
C ALA B 165 -2.77 -29.40 -8.52
N LEU B 166 -1.66 -29.55 -7.79
CA LEU B 166 -0.69 -30.64 -8.02
C LEU B 166 -1.31 -31.99 -7.62
N ASP B 167 -1.95 -32.08 -6.45
CA ASP B 167 -2.56 -33.34 -5.93
C ASP B 167 -3.75 -33.01 -5.06
N GLY B 168 -4.91 -32.90 -5.69
CA GLY B 168 -6.20 -32.64 -5.04
C GLY B 168 -7.32 -33.23 -5.87
N VAL B 169 -8.53 -33.02 -5.38
CA VAL B 169 -9.80 -33.59 -5.89
C VAL B 169 -9.96 -33.33 -7.40
N ALA B 170 -9.57 -32.16 -7.90
CA ALA B 170 -9.79 -31.73 -9.31
C ALA B 170 -8.55 -31.95 -10.20
N SER B 171 -7.45 -32.51 -9.69
CA SER B 171 -6.20 -32.67 -10.48
C SER B 171 -6.47 -33.62 -11.65
N THR B 172 -5.86 -33.39 -12.82
CA THR B 172 -6.12 -34.18 -14.05
C THR B 172 -5.07 -35.29 -14.22
N GLU B 173 -5.32 -36.23 -15.12
CA GLU B 173 -4.50 -37.46 -15.28
C GLU B 173 -3.63 -37.34 -16.53
N ALA B 174 -2.73 -38.31 -16.72
CA ALA B 174 -1.70 -38.33 -17.79
C ALA B 174 -0.85 -37.06 -17.73
N ARG B 175 -0.50 -36.62 -16.53
CA ARG B 175 0.17 -35.31 -16.31
C ARG B 175 1.53 -35.57 -15.66
N ILE B 176 2.59 -35.03 -16.27
CA ILE B 176 3.97 -35.12 -15.70
C ILE B 176 4.45 -33.72 -15.36
N VAL B 177 4.87 -33.51 -14.12
CA VAL B 177 5.40 -32.22 -13.61
C VAL B 177 6.86 -32.43 -13.21
N PHE B 178 7.73 -31.50 -13.63
CA PHE B 178 9.12 -31.38 -13.16
C PHE B 178 9.23 -30.09 -12.37
N MET B 179 9.80 -30.18 -11.17
CA MET B 179 10.16 -29.02 -10.31
C MET B 179 11.68 -28.99 -10.20
N THR B 180 12.25 -27.79 -10.11
CA THR B 180 13.68 -27.60 -9.78
C THR B 180 13.79 -26.64 -8.60
N THR B 181 14.92 -26.72 -7.91
CA THR B 181 15.33 -25.70 -6.90
C THR B 181 16.84 -25.81 -6.67
N ASN B 182 17.46 -24.69 -6.34
CA ASN B 182 18.83 -24.66 -5.75
C ASN B 182 18.75 -24.90 -4.24
N TYR B 183 17.56 -24.82 -3.64
CA TYR B 183 17.39 -24.76 -2.16
C TYR B 183 16.27 -25.70 -1.70
N ILE B 184 16.48 -27.01 -1.70
CA ILE B 184 15.43 -27.97 -1.28
C ILE B 184 15.06 -27.74 0.19
N ASP B 185 15.98 -27.30 1.05
CA ASP B 185 15.71 -27.02 2.48
C ASP B 185 14.65 -25.91 2.65
N ARG B 186 14.40 -25.10 1.63
CA ARG B 186 13.36 -24.02 1.72
C ARG B 186 11.97 -24.55 1.39
N LEU B 187 11.83 -25.75 0.83
CA LEU B 187 10.52 -26.29 0.38
C LEU B 187 9.78 -26.85 1.59
N ASP B 188 8.50 -26.52 1.70
CA ASP B 188 7.61 -27.15 2.70
C ASP B 188 7.44 -28.64 2.34
N PRO B 189 7.61 -29.57 3.31
CA PRO B 189 7.42 -30.99 3.04
C PRO B 189 6.13 -31.35 2.30
N ALA B 190 5.03 -30.63 2.55
CA ALA B 190 3.71 -30.91 1.95
C ALA B 190 3.76 -30.72 0.43
N LEU B 191 4.56 -29.76 -0.05
CA LEU B 191 4.72 -29.47 -1.48
C LEU B 191 5.34 -30.65 -2.22
N ILE B 192 6.22 -31.41 -1.58
CA ILE B 192 7.07 -32.41 -2.31
C ILE B 192 6.84 -33.82 -1.76
N ARG B 193 5.75 -34.05 -1.02
CA ARG B 193 5.42 -35.39 -0.49
C ARG B 193 5.09 -36.31 -1.66
N PRO B 194 5.27 -37.64 -1.52
CA PRO B 194 4.84 -38.58 -2.55
C PRO B 194 3.38 -38.28 -2.95
N GLY B 195 3.08 -38.38 -4.25
CA GLY B 195 1.78 -37.99 -4.84
C GLY B 195 1.79 -36.58 -5.42
N ARG B 196 2.70 -35.72 -4.96
CA ARG B 196 3.01 -34.41 -5.59
C ARG B 196 4.36 -34.54 -6.28
N VAL B 197 5.38 -34.92 -5.52
CA VAL B 197 6.72 -35.34 -6.05
C VAL B 197 6.95 -36.81 -5.71
N ASP B 198 7.14 -37.63 -6.74
CA ASP B 198 7.30 -39.10 -6.62
C ASP B 198 8.78 -39.44 -6.63
N LEU B 199 9.62 -38.64 -7.28
CA LEU B 199 11.07 -38.90 -7.37
C LEU B 199 11.84 -37.58 -7.25
N LYS B 200 12.71 -37.53 -6.25
CA LYS B 200 13.59 -36.38 -5.91
C LYS B 200 15.00 -36.82 -6.29
N GLU B 201 15.71 -36.03 -7.10
CA GLU B 201 17.13 -36.37 -7.40
C GLU B 201 18.00 -35.14 -7.21
N TYR B 202 19.09 -35.33 -6.45
CA TYR B 202 20.19 -34.40 -6.27
C TYR B 202 21.05 -34.40 -7.53
N VAL B 203 21.34 -33.21 -8.03
CA VAL B 203 22.17 -32.96 -9.24
C VAL B 203 23.33 -32.09 -8.77
N GLY B 204 24.51 -32.71 -8.61
CA GLY B 204 25.63 -32.13 -7.85
C GLY B 204 26.82 -31.73 -8.72
N TYR B 205 27.87 -31.32 -8.04
CA TYR B 205 29.19 -30.99 -8.59
C TYR B 205 29.81 -32.28 -9.16
N CYS B 206 30.79 -32.11 -10.06
CA CYS B 206 31.38 -33.21 -10.87
C CYS B 206 32.02 -34.27 -9.95
N SER B 207 31.62 -35.52 -10.17
CA SER B 207 32.34 -36.76 -9.77
C SER B 207 33.51 -36.97 -10.74
N HIS B 208 34.44 -37.83 -10.36
CA HIS B 208 35.54 -38.32 -11.24
C HIS B 208 34.92 -38.81 -12.57
N TRP B 209 33.89 -39.64 -12.46
CA TRP B 209 33.20 -40.23 -13.63
C TRP B 209 32.65 -39.14 -14.55
N GLN B 210 32.04 -38.08 -14.03
CA GLN B 210 31.49 -36.97 -14.88
C GLN B 210 32.62 -36.25 -15.62
N LEU B 211 33.78 -36.12 -14.98
CA LEU B 211 34.93 -35.39 -15.59
C LEU B 211 35.46 -36.19 -16.78
N THR B 212 35.66 -37.49 -16.64
CA THR B 212 36.19 -38.35 -17.74
C THR B 212 35.14 -38.42 -18.87
N GLN B 213 33.87 -38.59 -18.51
CA GLN B 213 32.76 -38.64 -19.49
C GLN B 213 32.69 -37.32 -20.27
N MET B 214 32.80 -36.19 -19.60
CA MET B 214 32.68 -34.88 -20.26
C MET B 214 33.90 -34.68 -21.18
N PHE B 215 35.10 -35.02 -20.72
CA PHE B 215 36.32 -34.87 -21.54
C PHE B 215 36.15 -35.68 -22.84
N GLN B 216 35.64 -36.91 -22.75
CA GLN B 216 35.51 -37.84 -23.91
C GLN B 216 34.44 -37.31 -24.88
N ARG B 217 33.42 -36.60 -24.39
CA ARG B 217 32.37 -36.00 -25.28
C ARG B 217 32.91 -34.77 -26.00
N PHE B 218 33.72 -33.95 -25.35
CA PHE B 218 34.22 -32.68 -25.92
C PHE B 218 35.43 -32.95 -26.81
N TYR B 219 36.16 -34.05 -26.55
CA TYR B 219 37.38 -34.48 -27.29
C TYR B 219 37.25 -35.95 -27.67
N PRO B 220 36.35 -36.27 -28.64
CA PRO B 220 36.12 -37.65 -29.04
C PRO B 220 37.39 -38.20 -29.72
N GLY B 221 37.67 -39.50 -29.51
CA GLY B 221 38.78 -40.20 -30.17
C GLY B 221 40.14 -39.93 -29.52
N GLN B 222 40.16 -39.44 -28.28
CA GLN B 222 41.39 -39.41 -27.44
C GLN B 222 41.42 -40.69 -26.61
N ALA B 223 42.60 -41.11 -26.16
CA ALA B 223 42.78 -42.23 -25.22
C ALA B 223 41.99 -41.95 -23.94
N PRO B 224 41.21 -42.93 -23.43
CA PRO B 224 40.69 -42.87 -22.07
C PRO B 224 41.72 -42.41 -21.02
N SER B 225 43.00 -42.78 -21.17
CA SER B 225 44.08 -42.41 -20.22
C SER B 225 44.19 -40.89 -20.13
N LEU B 226 43.88 -40.16 -21.22
CA LEU B 226 44.00 -38.68 -21.22
C LEU B 226 42.85 -38.06 -20.42
N ALA B 227 41.64 -38.58 -20.57
CA ALA B 227 40.47 -38.18 -19.76
C ALA B 227 40.78 -38.42 -18.29
N GLU B 228 41.41 -39.55 -17.95
CA GLU B 228 41.84 -39.92 -16.57
C GLU B 228 42.78 -38.85 -16.03
N ASN B 229 43.80 -38.51 -16.79
CA ASN B 229 44.80 -37.46 -16.45
C ASN B 229 44.03 -36.18 -16.10
N PHE B 230 43.08 -35.78 -16.95
CA PHE B 230 42.26 -34.55 -16.78
C PHE B 230 41.49 -34.62 -15.45
N ALA B 231 40.77 -35.71 -15.20
CA ALA B 231 39.88 -35.88 -14.03
C ALA B 231 40.71 -35.82 -12.73
N GLU B 232 41.77 -36.62 -12.64
CA GLU B 232 42.64 -36.71 -11.42
C GLU B 232 43.11 -35.30 -11.03
N HIS B 233 43.58 -34.52 -12.01
CA HIS B 233 44.23 -33.21 -11.81
C HIS B 233 43.17 -32.16 -11.44
N VAL B 234 41.99 -32.20 -12.06
CA VAL B 234 40.87 -31.27 -11.74
C VAL B 234 40.44 -31.49 -10.29
N LEU B 235 40.35 -32.74 -9.84
CA LEU B 235 39.89 -33.07 -8.45
C LEU B 235 40.95 -32.68 -7.41
N LYS B 236 42.22 -32.55 -7.80
CA LYS B 236 43.30 -32.07 -6.91
C LYS B 236 43.34 -30.54 -6.90
N ALA B 237 42.94 -29.86 -7.98
CA ALA B 237 42.99 -28.38 -8.09
C ALA B 237 41.70 -27.72 -7.56
N THR B 238 40.63 -28.48 -7.36
CA THR B 238 39.29 -27.96 -6.98
C THR B 238 38.72 -28.77 -5.81
N SER B 239 37.93 -28.12 -4.94
CA SER B 239 37.06 -28.76 -3.92
C SER B 239 35.73 -29.17 -4.58
N GLU B 240 35.16 -28.26 -5.36
CA GLU B 240 33.87 -28.43 -6.08
C GLU B 240 34.04 -27.84 -7.47
N ILE B 241 33.56 -28.53 -8.50
CA ILE B 241 33.51 -27.91 -9.86
C ILE B 241 32.20 -28.33 -10.53
N SER B 242 31.45 -27.37 -11.04
CA SER B 242 30.18 -27.65 -11.76
C SER B 242 30.51 -28.13 -13.19
N PRO B 243 29.66 -29.00 -13.78
CA PRO B 243 29.72 -29.24 -15.22
C PRO B 243 29.71 -27.95 -16.06
N ALA B 244 28.98 -26.92 -15.65
CA ALA B 244 28.96 -25.61 -16.37
C ALA B 244 30.39 -25.03 -16.42
N GLN B 245 31.16 -25.11 -15.32
CA GLN B 245 32.57 -24.64 -15.29
C GLN B 245 33.43 -25.49 -16.23
N VAL B 246 33.19 -26.80 -16.28
CA VAL B 246 33.97 -27.74 -17.13
C VAL B 246 33.70 -27.39 -18.59
N GLN B 247 32.42 -27.25 -18.97
CA GLN B 247 32.02 -26.78 -20.32
C GLN B 247 32.77 -25.48 -20.65
N GLY B 248 32.70 -24.50 -19.76
CA GLY B 248 33.31 -23.16 -19.94
C GLY B 248 34.80 -23.25 -20.19
N TYR B 249 35.47 -24.16 -19.48
CA TYR B 249 36.93 -24.42 -19.61
C TYR B 249 37.22 -25.01 -21.00
N PHE B 250 36.45 -26.03 -21.41
CA PHE B 250 36.66 -26.71 -22.71
C PHE B 250 36.44 -25.71 -23.84
N MET B 251 35.55 -24.73 -23.63
CA MET B 251 35.29 -23.66 -24.63
C MET B 251 36.57 -22.83 -24.89
N LEU B 252 37.52 -22.79 -23.96
CA LEU B 252 38.81 -22.06 -24.13
C LEU B 252 39.80 -22.92 -24.91
N TYR B 253 39.54 -24.22 -25.06
CA TYR B 253 40.48 -25.20 -25.69
C TYR B 253 39.73 -26.02 -26.72
N LYS B 254 39.00 -25.34 -27.61
CA LYS B 254 38.26 -26.02 -28.71
C LYS B 254 39.29 -26.76 -29.58
N ASN B 255 39.08 -28.06 -29.80
CA ASN B 255 39.97 -28.93 -30.61
C ASN B 255 41.38 -28.95 -30.04
N ASP B 256 41.56 -28.66 -28.74
CA ASP B 256 42.91 -28.62 -28.09
C ASP B 256 42.88 -29.44 -26.80
N PRO B 257 42.72 -30.78 -26.88
CA PRO B 257 42.69 -31.64 -25.70
C PRO B 257 43.93 -31.56 -24.81
N MET B 258 45.11 -31.43 -25.41
CA MET B 258 46.39 -31.26 -24.65
C MET B 258 46.37 -29.91 -23.92
N GLY B 259 45.88 -28.85 -24.57
CA GLY B 259 45.64 -27.55 -23.91
C GLY B 259 44.78 -27.72 -22.66
N ALA B 260 43.65 -28.42 -22.78
CA ALA B 260 42.71 -28.69 -21.67
C ALA B 260 43.48 -29.39 -20.53
N VAL B 261 44.28 -30.39 -20.85
CA VAL B 261 45.02 -31.18 -19.82
C VAL B 261 46.15 -30.34 -19.20
N HIS B 262 46.72 -29.38 -19.92
CA HIS B 262 47.94 -28.63 -19.47
C HIS B 262 47.58 -27.39 -18.64
N ASN B 263 46.34 -26.89 -18.69
CA ASN B 263 45.98 -25.56 -18.13
C ASN B 263 45.03 -25.71 -16.92
N ILE B 264 45.04 -26.87 -16.28
CA ILE B 264 44.07 -27.21 -15.19
C ILE B 264 44.31 -26.33 -13.97
N GLU B 265 45.53 -25.83 -13.73
CA GLU B 265 45.81 -24.94 -12.55
C GLU B 265 44.93 -23.68 -12.66
N SER B 266 44.50 -23.30 -13.86
CA SER B 266 43.61 -22.13 -14.07
C SER B 266 42.23 -22.36 -13.45
N LEU B 267 41.84 -23.61 -13.11
CA LEU B 267 40.52 -23.93 -12.51
C LEU B 267 40.55 -23.76 -10.99
N ARG B 268 41.72 -23.62 -10.41
CA ARG B 268 41.88 -23.32 -8.97
C ARG B 268 41.15 -22.01 -8.70
N PRO B 269 40.21 -21.95 -7.73
CA PRO B 269 39.38 -20.75 -7.56
C PRO B 269 40.19 -19.46 -7.36
N ARG B 270 39.68 -18.39 -7.97
CA ARG B 270 40.33 -17.06 -8.09
C ARG B 270 39.28 -16.02 -7.68
N ASP B 271 39.60 -15.12 -6.74
CA ASP B 271 38.70 -14.01 -6.33
C ASP B 271 38.32 -13.13 -7.53
N HIS B 272 37.15 -12.49 -7.47
CA HIS B 272 36.82 -11.28 -8.27
C HIS B 272 37.83 -10.19 -7.89
N HIS B 273 38.16 -9.27 -8.80
CA HIS B 273 39.01 -8.12 -8.40
C HIS B 273 38.24 -7.24 -7.39
N LYS C 15 -20.01 -41.66 -12.70
CA LYS C 15 -18.86 -40.69 -12.71
C LYS C 15 -18.98 -39.74 -11.51
N THR C 16 -17.95 -38.95 -11.24
CA THR C 16 -17.98 -37.88 -10.22
C THR C 16 -17.75 -36.52 -10.89
N VAL C 17 -18.73 -35.63 -10.83
CA VAL C 17 -18.66 -34.26 -11.40
C VAL C 17 -18.00 -33.33 -10.36
N MET C 18 -16.96 -32.58 -10.79
CA MET C 18 -16.29 -31.50 -10.02
C MET C 18 -16.84 -30.14 -10.48
N TYR C 19 -17.26 -29.30 -9.55
CA TYR C 19 -17.67 -27.90 -9.82
C TYR C 19 -16.64 -26.96 -9.20
N THR C 20 -16.33 -25.85 -9.88
CA THR C 20 -15.61 -24.69 -9.28
C THR C 20 -16.51 -23.45 -9.41
N ALA C 21 -16.26 -22.45 -8.58
CA ALA C 21 -16.98 -21.17 -8.54
C ALA C 21 -16.50 -20.29 -9.70
N VAL C 22 -17.43 -19.79 -10.51
CA VAL C 22 -17.18 -18.65 -11.44
C VAL C 22 -18.15 -17.53 -11.04
N GLY C 23 -17.62 -16.46 -10.46
CA GLY C 23 -18.41 -15.42 -9.79
C GLY C 23 -19.26 -16.03 -8.69
N SER C 24 -20.58 -15.88 -8.80
CA SER C 24 -21.57 -16.24 -7.75
C SER C 24 -22.20 -17.60 -8.07
N GLU C 25 -21.69 -18.30 -9.09
CA GLU C 25 -22.33 -19.54 -9.62
C GLU C 25 -21.29 -20.67 -9.77
N TRP C 26 -21.78 -21.92 -9.77
CA TRP C 26 -20.97 -23.15 -9.92
C TRP C 26 -20.96 -23.59 -11.38
N ARG C 27 -19.79 -23.98 -11.90
CA ARG C 27 -19.63 -24.52 -13.28
C ARG C 27 -18.82 -25.83 -13.21
N THR C 28 -19.09 -26.78 -14.10
CA THR C 28 -18.34 -28.06 -14.18
C THR C 28 -16.87 -27.75 -14.47
N PHE C 29 -15.97 -28.53 -13.88
CA PHE C 29 -14.51 -28.42 -14.08
C PHE C 29 -14.03 -29.65 -14.85
N GLY C 30 -13.63 -29.44 -16.12
CA GLY C 30 -13.15 -30.51 -17.02
C GLY C 30 -14.16 -31.64 -17.21
N TYR C 31 -13.65 -32.85 -17.40
CA TYR C 31 -14.41 -34.10 -17.66
C TYR C 31 -15.07 -34.60 -16.38
N PRO C 32 -16.23 -35.29 -16.45
CA PRO C 32 -16.67 -36.17 -15.37
C PRO C 32 -15.55 -37.19 -15.10
N ARG C 33 -15.19 -37.41 -13.83
CA ARG C 33 -14.04 -38.25 -13.43
C ARG C 33 -14.54 -39.65 -13.11
N ARG C 34 -13.71 -40.67 -13.40
CA ARG C 34 -13.94 -42.06 -12.92
C ARG C 34 -13.96 -42.03 -11.39
N ARG C 35 -14.97 -42.68 -10.81
CA ARG C 35 -15.15 -42.80 -9.34
C ARG C 35 -13.94 -43.59 -8.82
N ARG C 36 -13.27 -43.08 -7.80
CA ARG C 36 -12.27 -43.88 -7.07
C ARG C 36 -13.04 -44.82 -6.15
N PRO C 37 -12.84 -46.14 -6.23
CA PRO C 37 -13.51 -47.06 -5.30
C PRO C 37 -13.08 -46.82 -3.85
N LEU C 38 -14.05 -46.81 -2.93
CA LEU C 38 -13.85 -46.50 -1.50
C LEU C 38 -12.79 -47.45 -0.93
N ASP C 39 -12.77 -48.68 -1.45
CA ASP C 39 -11.89 -49.77 -0.99
C ASP C 39 -10.44 -49.45 -1.34
N SER C 40 -10.18 -48.60 -2.33
CA SER C 40 -8.82 -48.24 -2.81
C SER C 40 -8.20 -47.21 -1.88
N VAL C 41 -8.98 -46.64 -0.96
CA VAL C 41 -8.50 -45.73 0.12
C VAL C 41 -8.56 -46.49 1.44
N VAL C 42 -7.43 -46.71 2.09
CA VAL C 42 -7.31 -47.56 3.30
C VAL C 42 -7.12 -46.65 4.50
N LEU C 43 -8.19 -46.37 5.23
CA LEU C 43 -8.10 -45.56 6.48
C LEU C 43 -7.90 -46.52 7.66
N GLN C 44 -7.59 -45.96 8.83
CA GLN C 44 -7.50 -46.75 10.07
CA GLN C 44 -7.52 -46.70 10.10
C GLN C 44 -8.79 -47.56 10.25
N GLN C 45 -8.64 -48.71 10.88
CA GLN C 45 -9.70 -49.75 10.99
C GLN C 45 -10.95 -49.12 11.59
N GLY C 46 -12.10 -49.25 10.90
CA GLY C 46 -13.40 -48.77 11.37
C GLY C 46 -13.70 -47.32 11.00
N LEU C 47 -12.70 -46.53 10.61
CA LEU C 47 -12.89 -45.05 10.43
C LEU C 47 -13.82 -44.80 9.24
N ALA C 48 -13.52 -45.36 8.07
CA ALA C 48 -14.32 -45.18 6.83
C ALA C 48 -15.78 -45.60 7.10
N ASP C 49 -15.98 -46.77 7.75
CA ASP C 49 -17.33 -47.28 8.05
C ASP C 49 -18.08 -46.29 8.93
N ARG C 50 -17.43 -45.72 9.94
CA ARG C 50 -18.08 -44.77 10.88
C ARG C 50 -18.50 -43.50 10.10
N ILE C 51 -17.69 -42.98 9.17
CA ILE C 51 -18.03 -41.72 8.44
C ILE C 51 -19.17 -42.00 7.46
N VAL C 52 -19.09 -43.11 6.72
CA VAL C 52 -20.14 -43.53 5.74
C VAL C 52 -21.47 -43.68 6.49
N LYS C 53 -21.46 -44.39 7.62
CA LYS C 53 -22.67 -44.61 8.45
C LYS C 53 -23.25 -43.26 8.88
N ASP C 54 -22.42 -42.37 9.41
CA ASP C 54 -22.84 -41.02 9.88
C ASP C 54 -23.52 -40.26 8.73
N ILE C 55 -22.87 -40.20 7.58
CA ILE C 55 -23.33 -39.34 6.45
C ILE C 55 -24.59 -39.98 5.83
N ARG C 56 -24.68 -41.31 5.73
CA ARG C 56 -25.92 -41.98 5.25
C ARG C 56 -27.07 -41.73 6.25
N GLU C 57 -26.79 -41.76 7.56
CA GLU C 57 -27.83 -41.47 8.59
C GLU C 57 -28.36 -40.04 8.41
N PHE C 58 -27.48 -39.08 8.14
CA PHE C 58 -27.87 -37.67 7.86
C PHE C 58 -28.77 -37.63 6.61
N ILE C 59 -28.30 -38.19 5.51
CA ILE C 59 -29.01 -38.16 4.20
C ILE C 59 -30.39 -38.79 4.38
N ASP C 60 -30.49 -39.87 5.17
CA ASP C 60 -31.74 -40.66 5.31
C ASP C 60 -32.72 -40.08 6.33
N ASN C 61 -32.39 -39.01 7.08
CA ASN C 61 -33.24 -38.59 8.23
C ASN C 61 -33.59 -37.10 8.24
N PRO C 62 -34.04 -36.49 7.11
CA PRO C 62 -34.49 -35.10 7.14
C PRO C 62 -35.65 -34.87 8.11
N LYS C 63 -36.56 -35.82 8.21
CA LYS C 63 -37.78 -35.66 9.05
C LYS C 63 -37.37 -35.52 10.52
N TRP C 64 -36.38 -36.28 10.96
CA TRP C 64 -35.90 -36.20 12.38
C TRP C 64 -35.45 -34.78 12.69
N TYR C 65 -34.73 -34.15 11.74
CA TYR C 65 -34.25 -32.75 11.85
C TYR C 65 -35.47 -31.81 11.86
N ILE C 66 -36.34 -31.90 10.87
CA ILE C 66 -37.47 -30.94 10.75
C ILE C 66 -38.39 -31.05 11.98
N ASP C 67 -38.71 -32.25 12.44
CA ASP C 67 -39.59 -32.44 13.63
C ASP C 67 -38.99 -31.68 14.84
N ARG C 68 -37.67 -31.64 14.99
CA ARG C 68 -36.99 -31.06 16.18
C ARG C 68 -36.57 -29.61 15.90
N GLY C 69 -36.85 -29.08 14.70
CA GLY C 69 -36.55 -27.69 14.29
C GLY C 69 -35.07 -27.41 14.01
N ILE C 70 -34.28 -28.45 13.76
CA ILE C 70 -32.79 -28.38 13.65
C ILE C 70 -32.42 -28.14 12.18
N PRO C 71 -31.54 -27.16 11.89
CA PRO C 71 -31.07 -26.93 10.52
C PRO C 71 -30.55 -28.23 9.91
N TYR C 72 -31.08 -28.59 8.73
CA TYR C 72 -30.77 -29.84 8.01
C TYR C 72 -29.49 -29.65 7.19
N ARG C 73 -28.38 -29.72 7.91
CA ARG C 73 -27.01 -29.46 7.44
C ARG C 73 -26.06 -30.36 8.22
N ARG C 74 -24.93 -30.74 7.63
CA ARG C 74 -23.88 -31.46 8.40
C ARG C 74 -22.51 -31.07 7.86
N GLY C 75 -21.56 -30.91 8.76
CA GLY C 75 -20.16 -30.57 8.43
C GLY C 75 -19.19 -31.60 8.96
N TYR C 76 -18.13 -31.85 8.20
CA TYR C 76 -17.08 -32.85 8.52
C TYR C 76 -15.72 -32.15 8.46
N LEU C 77 -14.82 -32.48 9.37
CA LEU C 77 -13.41 -32.04 9.35
C LEU C 77 -12.53 -33.29 9.31
N LEU C 78 -11.73 -33.47 8.26
CA LEU C 78 -10.66 -34.47 8.26
C LEU C 78 -9.34 -33.72 8.47
N TYR C 79 -8.55 -34.13 9.46
CA TYR C 79 -7.32 -33.41 9.81
C TYR C 79 -6.17 -34.41 9.98
N GLY C 80 -4.97 -33.99 9.61
CA GLY C 80 -3.75 -34.77 9.93
C GLY C 80 -2.68 -34.55 8.88
N PRO C 81 -1.55 -35.28 9.00
CA PRO C 81 -0.35 -35.02 8.20
C PRO C 81 -0.56 -35.22 6.70
N PRO C 82 0.28 -34.58 5.85
CA PRO C 82 0.22 -34.79 4.41
C PRO C 82 0.37 -36.25 3.98
N GLY C 83 -0.52 -36.68 3.09
CA GLY C 83 -0.39 -37.94 2.36
C GLY C 83 -1.04 -39.10 3.07
N CYS C 84 -2.09 -38.88 3.86
CA CYS C 84 -2.67 -39.96 4.71
C CYS C 84 -4.11 -40.31 4.32
N GLY C 85 -4.76 -39.59 3.40
CA GLY C 85 -6.02 -40.06 2.77
C GLY C 85 -7.17 -39.05 2.78
N LYS C 86 -6.95 -37.79 3.10
CA LYS C 86 -8.08 -36.85 3.30
C LYS C 86 -8.74 -36.57 1.95
N SER C 87 -7.99 -36.06 0.97
CA SER C 87 -8.55 -35.68 -0.35
C SER C 87 -9.03 -36.94 -1.08
N SER C 88 -8.24 -38.03 -1.05
CA SER C 88 -8.61 -39.31 -1.71
C SER C 88 -9.91 -39.87 -1.08
N PHE C 89 -10.02 -39.90 0.23
CA PHE C 89 -11.25 -40.42 0.88
C PHE C 89 -12.48 -39.61 0.45
N ILE C 90 -12.39 -38.28 0.47
CA ILE C 90 -13.56 -37.42 0.12
C ILE C 90 -13.95 -37.69 -1.34
N THR C 91 -12.98 -37.87 -2.24
CA THR C 91 -13.25 -38.21 -3.67
C THR C 91 -14.03 -39.53 -3.74
N ALA C 92 -13.54 -40.57 -3.06
CA ALA C 92 -14.13 -41.92 -3.07
C ALA C 92 -15.51 -41.89 -2.41
N LEU C 93 -15.62 -41.19 -1.28
CA LEU C 93 -16.91 -41.02 -0.55
C LEU C 93 -17.94 -40.41 -1.49
N ALA C 94 -17.60 -39.33 -2.20
CA ALA C 94 -18.51 -38.67 -3.16
C ALA C 94 -18.98 -39.73 -4.19
N GLY C 95 -18.06 -40.55 -4.69
CA GLY C 95 -18.37 -41.62 -5.65
C GLY C 95 -19.34 -42.63 -5.06
N GLU C 96 -19.05 -43.10 -3.85
CA GLU C 96 -19.90 -44.08 -3.12
C GLU C 96 -21.32 -43.55 -2.95
N LEU C 97 -21.50 -42.26 -2.66
CA LEU C 97 -22.81 -41.64 -2.36
C LEU C 97 -23.44 -41.07 -3.64
N GLU C 98 -22.82 -41.27 -4.80
CA GLU C 98 -23.23 -40.65 -6.07
C GLU C 98 -23.45 -39.15 -5.87
N HIS C 99 -22.53 -38.51 -5.16
CA HIS C 99 -22.54 -37.04 -4.94
C HIS C 99 -21.48 -36.43 -5.87
N SER C 100 -21.71 -35.20 -6.29
CA SER C 100 -20.69 -34.37 -6.97
C SER C 100 -19.84 -33.66 -5.90
N ILE C 101 -18.79 -32.97 -6.31
CA ILE C 101 -17.99 -32.14 -5.38
C ILE C 101 -17.90 -30.71 -5.90
N CYS C 102 -18.21 -29.75 -5.03
CA CYS C 102 -18.01 -28.31 -5.22
C CYS C 102 -16.73 -27.87 -4.50
N LEU C 103 -15.72 -27.47 -5.27
CA LEU C 103 -14.40 -27.00 -4.80
C LEU C 103 -14.50 -25.51 -4.47
N LEU C 104 -14.57 -25.17 -3.20
CA LEU C 104 -14.70 -23.76 -2.76
C LEU C 104 -13.37 -23.32 -2.14
N SER C 105 -12.63 -22.46 -2.84
CA SER C 105 -11.34 -21.89 -2.37
C SER C 105 -11.60 -20.65 -1.52
N LEU C 106 -11.21 -20.65 -0.25
CA LEU C 106 -11.51 -19.52 0.66
C LEU C 106 -10.48 -18.41 0.49
N THR C 107 -9.28 -18.75 -0.01
CA THR C 107 -8.20 -17.78 -0.39
C THR C 107 -8.33 -17.49 -1.88
N ASP C 108 -9.04 -16.41 -2.23
CA ASP C 108 -9.41 -16.09 -3.62
C ASP C 108 -9.88 -14.63 -3.70
N SER C 109 -9.30 -13.86 -4.63
CA SER C 109 -9.48 -12.39 -4.81
C SER C 109 -10.97 -12.03 -4.90
N SER C 110 -11.73 -12.71 -5.77
CA SER C 110 -13.15 -12.37 -6.11
C SER C 110 -14.08 -12.72 -4.94
N LEU C 111 -13.71 -13.64 -4.05
CA LEU C 111 -14.63 -14.18 -3.01
C LEU C 111 -14.83 -13.13 -1.91
N SER C 112 -16.06 -12.67 -1.76
CA SER C 112 -16.55 -11.80 -0.65
C SER C 112 -17.47 -12.64 0.24
N ASP C 113 -17.87 -12.08 1.39
CA ASP C 113 -18.88 -12.67 2.31
C ASP C 113 -20.17 -12.90 1.52
N ASP C 114 -20.56 -11.91 0.72
CA ASP C 114 -21.78 -11.93 -0.10
C ASP C 114 -21.69 -13.13 -1.07
N ARG C 115 -20.60 -13.24 -1.84
CA ARG C 115 -20.44 -14.32 -2.84
C ARG C 115 -20.47 -15.69 -2.15
N LEU C 116 -19.79 -15.84 -1.01
CA LEU C 116 -19.72 -17.15 -0.30
C LEU C 116 -21.15 -17.56 0.10
N ASN C 117 -21.91 -16.64 0.68
CA ASN C 117 -23.32 -16.90 1.08
C ASN C 117 -24.10 -17.42 -0.12
N HIS C 118 -23.98 -16.76 -1.26
CA HIS C 118 -24.75 -17.11 -2.48
CA HIS C 118 -24.76 -17.10 -2.48
C HIS C 118 -24.27 -18.46 -3.00
N LEU C 119 -22.93 -18.67 -3.03
CA LEU C 119 -22.37 -19.95 -3.53
C LEU C 119 -22.88 -21.12 -2.69
N LEU C 120 -22.89 -21.01 -1.37
CA LEU C 120 -23.38 -22.11 -0.49
C LEU C 120 -24.88 -22.32 -0.70
N SER C 121 -25.63 -21.28 -1.05
CA SER C 121 -27.10 -21.36 -1.21
C SER C 121 -27.48 -22.01 -2.56
N VAL C 122 -26.63 -21.98 -3.59
CA VAL C 122 -26.97 -22.53 -4.94
C VAL C 122 -26.06 -23.72 -5.28
N ALA C 123 -25.47 -24.36 -4.29
CA ALA C 123 -24.67 -25.60 -4.47
C ALA C 123 -25.57 -26.63 -5.14
N PRO C 124 -25.10 -27.29 -6.22
CA PRO C 124 -25.85 -28.38 -6.84
C PRO C 124 -26.30 -29.35 -5.75
N GLN C 125 -27.53 -29.87 -5.87
CA GLN C 125 -28.02 -30.91 -4.93
C GLN C 125 -27.20 -32.21 -5.08
N GLN C 126 -27.16 -33.01 -4.02
CA GLN C 126 -26.37 -34.28 -3.99
C GLN C 126 -24.90 -33.92 -4.25
N SER C 127 -24.37 -32.93 -3.52
CA SER C 127 -22.95 -32.54 -3.60
C SER C 127 -22.34 -32.40 -2.21
N LEU C 128 -21.04 -32.60 -2.15
CA LEU C 128 -20.20 -32.24 -0.99
C LEU C 128 -19.53 -30.92 -1.34
N VAL C 129 -19.73 -29.88 -0.53
CA VAL C 129 -18.90 -28.65 -0.61
C VAL C 129 -17.58 -28.93 0.12
N LEU C 130 -16.46 -28.81 -0.59
CA LEU C 130 -15.12 -29.12 -0.07
C LEU C 130 -14.36 -27.81 0.19
N LEU C 131 -13.97 -27.58 1.45
CA LEU C 131 -13.06 -26.47 1.87
C LEU C 131 -11.71 -27.08 2.27
N GLU C 132 -10.78 -27.19 1.34
CA GLU C 132 -9.42 -27.73 1.60
C GLU C 132 -8.62 -26.68 2.39
N ASP C 133 -7.80 -27.12 3.35
CA ASP C 133 -6.77 -26.28 4.00
C ASP C 133 -7.44 -25.03 4.60
N VAL C 134 -8.47 -25.24 5.38
CA VAL C 134 -9.31 -24.14 5.93
C VAL C 134 -8.51 -23.32 6.95
N ASP C 135 -7.42 -23.87 7.51
CA ASP C 135 -6.46 -23.13 8.37
C ASP C 135 -5.83 -21.95 7.62
N ALA C 136 -5.69 -22.03 6.29
CA ALA C 136 -4.92 -21.06 5.48
C ALA C 136 -5.76 -19.83 5.11
N ALA C 137 -7.08 -19.82 5.35
CA ALA C 137 -7.91 -18.62 5.10
C ALA C 137 -7.60 -17.52 6.12
N PHE C 138 -7.19 -17.90 7.36
CA PHE C 138 -6.95 -17.00 8.52
C PHE C 138 -5.86 -17.63 9.41
N ARG C 156 -13.25 -8.80 0.15
CA ARG C 156 -12.67 -10.12 0.48
C ARG C 156 -13.41 -10.74 1.68
N LEU C 157 -13.24 -12.04 1.88
CA LEU C 157 -13.86 -12.88 2.93
C LEU C 157 -13.38 -12.44 4.32
N THR C 158 -14.28 -12.44 5.30
CA THR C 158 -13.96 -12.16 6.72
C THR C 158 -14.28 -13.42 7.53
N PHE C 159 -13.67 -13.56 8.69
CA PHE C 159 -13.87 -14.71 9.59
C PHE C 159 -15.38 -14.84 9.91
N SER C 160 -16.01 -13.75 10.33
CA SER C 160 -17.46 -13.69 10.63
C SER C 160 -18.29 -14.08 9.40
N GLY C 161 -17.91 -13.64 8.19
CA GLY C 161 -18.64 -14.03 6.97
C GLY C 161 -18.65 -15.54 6.80
N LEU C 162 -17.50 -16.18 7.02
CA LEU C 162 -17.35 -17.64 6.90
C LEU C 162 -18.23 -18.32 7.96
N LEU C 163 -18.12 -17.90 9.23
CA LEU C 163 -18.90 -18.55 10.33
C LEU C 163 -20.40 -18.46 10.02
N ASN C 164 -20.87 -17.31 9.54
CA ASN C 164 -22.32 -17.05 9.36
C ASN C 164 -22.82 -17.75 8.08
N ALA C 165 -21.96 -17.93 7.08
CA ALA C 165 -22.31 -18.72 5.89
C ALA C 165 -22.49 -20.19 6.32
N LEU C 166 -21.56 -20.72 7.11
CA LEU C 166 -21.56 -22.15 7.52
C LEU C 166 -22.73 -22.42 8.49
N ASP C 167 -22.96 -21.55 9.49
CA ASP C 167 -24.05 -21.72 10.48
C ASP C 167 -24.50 -20.36 10.95
N GLY C 168 -25.47 -19.80 10.25
CA GLY C 168 -26.12 -18.54 10.60
C GLY C 168 -27.54 -18.52 10.08
N VAL C 169 -28.19 -17.38 10.28
CA VAL C 169 -29.63 -17.14 10.02
C VAL C 169 -29.99 -17.50 8.57
N ALA C 170 -29.12 -17.23 7.60
CA ALA C 170 -29.37 -17.36 6.15
C ALA C 170 -28.77 -18.66 5.58
N SER C 171 -28.16 -19.52 6.38
CA SER C 171 -27.56 -20.78 5.88
C SER C 171 -28.68 -21.67 5.30
N THR C 172 -28.43 -22.42 4.21
CA THR C 172 -29.47 -23.22 3.53
C THR C 172 -29.37 -24.69 4.01
N GLU C 173 -30.39 -25.49 3.68
CA GLU C 173 -30.54 -26.87 4.19
C GLU C 173 -30.16 -27.88 3.09
N ALA C 174 -30.13 -29.16 3.44
CA ALA C 174 -29.68 -30.30 2.59
C ALA C 174 -28.24 -30.02 2.09
N ARG C 175 -27.40 -29.50 2.98
CA ARG C 175 -26.03 -29.05 2.61
C ARG C 175 -25.02 -29.86 3.43
N ILE C 176 -24.05 -30.48 2.74
CA ILE C 176 -22.94 -31.20 3.39
C ILE C 176 -21.62 -30.49 3.05
N VAL C 177 -20.85 -30.14 4.09
CA VAL C 177 -19.53 -29.47 3.94
C VAL C 177 -18.46 -30.40 4.49
N PHE C 178 -17.35 -30.55 3.77
CA PHE C 178 -16.11 -31.19 4.23
C PHE C 178 -15.03 -30.13 4.30
N MET C 179 -14.34 -30.06 5.44
CA MET C 179 -13.13 -29.23 5.67
C MET C 179 -11.95 -30.18 5.85
N THR C 180 -10.77 -29.75 5.42
CA THR C 180 -9.50 -30.45 5.71
C THR C 180 -8.52 -29.45 6.30
N THR C 181 -7.53 -29.97 7.03
CA THR C 181 -6.35 -29.18 7.48
C THR C 181 -5.25 -30.16 7.86
N ASN C 182 -4.00 -29.76 7.68
CA ASN C 182 -2.83 -30.40 8.30
C ASN C 182 -2.64 -29.89 9.73
N TYR C 183 -3.32 -28.81 10.13
CA TYR C 183 -3.03 -28.06 11.37
C TYR C 183 -4.31 -27.71 12.14
N ILE C 184 -4.96 -28.70 12.76
CA ILE C 184 -6.22 -28.43 13.51
C ILE C 184 -5.96 -27.43 14.65
N ASP C 185 -4.77 -27.42 15.27
CA ASP C 185 -4.44 -26.46 16.36
C ASP C 185 -4.49 -25.00 15.89
N ARG C 186 -4.43 -24.74 14.59
CA ARG C 186 -4.52 -23.35 14.06
C ARG C 186 -5.97 -22.90 13.86
N LEU C 187 -6.96 -23.78 13.97
CA LEU C 187 -8.38 -23.45 13.72
C LEU C 187 -8.94 -22.78 14.97
N ASP C 188 -9.68 -21.70 14.81
CA ASP C 188 -10.47 -21.09 15.90
C ASP C 188 -11.57 -22.06 16.31
N PRO C 189 -11.77 -22.33 17.62
CA PRO C 189 -12.86 -23.22 18.05
C PRO C 189 -14.25 -22.89 17.46
N ALA C 190 -14.55 -21.61 17.24
CA ALA C 190 -15.86 -21.16 16.72
C ALA C 190 -16.09 -21.69 15.31
N LEU C 191 -15.04 -21.79 14.50
CA LEU C 191 -15.12 -22.32 13.11
C LEU C 191 -15.57 -23.79 13.10
N ILE C 192 -15.21 -24.58 14.11
CA ILE C 192 -15.40 -26.08 14.02
C ILE C 192 -16.29 -26.57 15.17
N ARG C 193 -17.05 -25.67 15.83
CA ARG C 193 -17.98 -26.07 16.91
C ARG C 193 -19.10 -26.91 16.29
N PRO C 194 -19.76 -27.76 17.09
CA PRO C 194 -20.93 -28.51 16.58
C PRO C 194 -21.91 -27.53 15.94
N GLY C 195 -22.54 -27.91 14.83
CA GLY C 195 -23.42 -27.05 14.01
C GLY C 195 -22.70 -26.40 12.84
N ARG C 196 -21.38 -26.30 12.92
CA ARG C 196 -20.49 -25.94 11.78
C ARG C 196 -19.77 -27.23 11.37
N VAL C 197 -19.05 -27.83 12.31
CA VAL C 197 -18.45 -29.20 12.16
C VAL C 197 -19.10 -30.15 13.19
N ASP C 198 -19.72 -31.19 12.68
CA ASP C 198 -20.49 -32.18 13.48
C ASP C 198 -19.60 -33.40 13.73
N LEU C 199 -18.64 -33.69 12.86
CA LEU C 199 -17.74 -34.85 13.00
C LEU C 199 -16.32 -34.48 12.58
N LYS C 200 -15.39 -34.62 13.52
CA LYS C 200 -13.93 -34.34 13.33
C LYS C 200 -13.25 -35.71 13.34
N GLU C 201 -12.46 -36.04 12.31
CA GLU C 201 -11.70 -37.31 12.32
C GLU C 201 -10.25 -37.04 11.96
N TYR C 202 -9.36 -37.58 12.78
CA TYR C 202 -7.90 -37.63 12.54
C TYR C 202 -7.62 -38.70 11.48
N VAL C 203 -6.81 -38.34 10.52
CA VAL C 203 -6.35 -39.23 9.41
C VAL C 203 -4.83 -39.28 9.48
N GLY C 204 -4.28 -40.39 9.95
CA GLY C 204 -2.89 -40.46 10.43
C GLY C 204 -2.00 -41.36 9.60
N TYR C 205 -0.78 -41.53 10.10
CA TYR C 205 0.27 -42.42 9.55
C TYR C 205 -0.21 -43.88 9.71
N CYS C 206 0.39 -44.77 8.94
CA CYS C 206 -0.06 -46.19 8.80
C CYS C 206 0.02 -46.92 10.14
N SER C 207 -1.10 -47.54 10.52
CA SER C 207 -1.19 -48.67 11.49
C SER C 207 -0.68 -49.96 10.83
N HIS C 208 -0.40 -50.97 11.64
CA HIS C 208 -0.15 -52.36 11.17
C HIS C 208 -1.26 -52.79 10.19
N TRP C 209 -2.51 -52.60 10.60
CA TRP C 209 -3.69 -52.98 9.80
C TRP C 209 -3.67 -52.29 8.43
N GLN C 210 -3.33 -50.99 8.35
CA GLN C 210 -3.32 -50.26 7.06
C GLN C 210 -2.23 -50.83 6.14
N LEU C 211 -1.10 -51.25 6.72
CA LEU C 211 0.04 -51.77 5.94
C LEU C 211 -0.35 -53.10 5.30
N THR C 212 -0.96 -54.03 6.05
CA THR C 212 -1.38 -55.36 5.51
C THR C 212 -2.49 -55.17 4.48
N GLN C 213 -3.46 -54.29 4.76
CA GLN C 213 -4.58 -54.01 3.83
C GLN C 213 -4.01 -53.43 2.53
N MET C 214 -3.06 -52.50 2.60
CA MET C 214 -2.50 -51.85 1.40
C MET C 214 -1.70 -52.88 0.60
N PHE C 215 -0.89 -53.70 1.26
CA PHE C 215 -0.09 -54.74 0.58
C PHE C 215 -1.03 -55.67 -0.21
N GLN C 216 -2.15 -56.08 0.40
CA GLN C 216 -3.13 -57.05 -0.19
C GLN C 216 -3.82 -56.41 -1.39
N ARG C 217 -4.03 -55.09 -1.39
CA ARG C 217 -4.68 -54.37 -2.53
C ARG C 217 -3.70 -54.23 -3.69
N PHE C 218 -2.42 -53.98 -3.43
CA PHE C 218 -1.41 -53.72 -4.48
C PHE C 218 -0.90 -55.06 -5.05
N TYR C 219 -0.95 -56.13 -4.24
CA TYR C 219 -0.48 -57.50 -4.58
C TYR C 219 -1.57 -58.52 -4.22
N PRO C 220 -2.68 -58.53 -4.99
CA PRO C 220 -3.78 -59.46 -4.72
C PRO C 220 -3.29 -60.90 -4.95
N GLY C 221 -3.84 -61.84 -4.16
CA GLY C 221 -3.60 -63.29 -4.32
C GLY C 221 -2.27 -63.75 -3.73
N GLN C 222 -1.64 -62.95 -2.87
CA GLN C 222 -0.48 -63.38 -2.07
C GLN C 222 -1.00 -63.91 -0.73
N ALA C 223 -0.23 -64.77 -0.07
CA ALA C 223 -0.52 -65.28 1.29
C ALA C 223 -0.66 -64.10 2.24
N PRO C 224 -1.70 -64.05 3.10
CA PRO C 224 -1.73 -63.08 4.21
C PRO C 224 -0.40 -63.01 4.98
N SER C 225 0.30 -64.12 5.15
CA SER C 225 1.60 -64.18 5.87
C SER C 225 2.61 -63.23 5.23
N LEU C 226 2.53 -63.02 3.91
CA LEU C 226 3.50 -62.12 3.20
C LEU C 226 3.18 -60.64 3.52
N ALA C 227 1.90 -60.27 3.57
CA ALA C 227 1.46 -58.92 3.98
C ALA C 227 1.95 -58.67 5.42
N GLU C 228 1.82 -59.69 6.29
CA GLU C 228 2.27 -59.65 7.70
C GLU C 228 3.77 -59.35 7.76
N ASN C 229 4.56 -60.10 6.99
CA ASN C 229 6.03 -59.92 6.88
C ASN C 229 6.30 -58.45 6.52
N PHE C 230 5.60 -57.92 5.52
CA PHE C 230 5.79 -56.53 5.04
C PHE C 230 5.50 -55.54 6.18
N ALA C 231 4.35 -55.67 6.85
CA ALA C 231 3.89 -54.73 7.89
C ALA C 231 4.87 -54.73 9.08
N GLU C 232 5.21 -55.90 9.60
CA GLU C 232 6.12 -56.04 10.77
C GLU C 232 7.42 -55.31 10.51
N HIS C 233 8.01 -55.51 9.32
N HIS C 233 8.01 -55.51 9.32
CA HIS C 233 9.36 -55.01 8.94
CA HIS C 233 9.36 -55.01 8.95
C HIS C 233 9.30 -53.50 8.69
C HIS C 233 9.30 -53.50 8.69
N VAL C 234 8.22 -53.00 8.08
CA VAL C 234 8.04 -51.55 7.83
C VAL C 234 7.96 -50.82 9.18
N LEU C 235 7.22 -51.37 10.15
CA LEU C 235 7.03 -50.73 11.49
C LEU C 235 8.32 -50.77 12.31
N LYS C 236 9.25 -51.69 12.00
CA LYS C 236 10.57 -51.75 12.68
C LYS C 236 11.55 -50.80 11.99
N ALA C 237 11.41 -50.54 10.69
CA ALA C 237 12.34 -49.65 9.93
C ALA C 237 11.92 -48.17 10.03
N THR C 238 10.68 -47.87 10.45
CA THR C 238 10.10 -46.51 10.41
C THR C 238 9.42 -46.18 11.73
N SER C 239 9.46 -44.91 12.15
CA SER C 239 8.67 -44.35 13.29
C SER C 239 7.27 -43.97 12.81
N GLU C 240 7.20 -43.33 11.65
CA GLU C 240 5.95 -42.86 10.99
C GLU C 240 6.06 -43.13 9.49
N ILE C 241 5.04 -43.69 8.87
CA ILE C 241 5.03 -43.78 7.38
C ILE C 241 3.63 -43.48 6.86
N SER C 242 3.51 -42.57 5.91
CA SER C 242 2.19 -42.22 5.30
C SER C 242 1.78 -43.31 4.31
N PRO C 243 0.46 -43.53 4.13
CA PRO C 243 -0.02 -44.29 2.97
C PRO C 243 0.56 -43.80 1.64
N ALA C 244 0.74 -42.49 1.44
CA ALA C 244 1.34 -41.93 0.21
C ALA C 244 2.74 -42.51 -0.01
N GLN C 245 3.56 -42.63 1.05
CA GLN C 245 4.92 -43.24 0.98
C GLN C 245 4.80 -44.72 0.61
N VAL C 246 3.81 -45.42 1.17
CA VAL C 246 3.60 -46.88 0.93
C VAL C 246 3.22 -47.06 -0.54
N GLN C 247 2.25 -46.30 -1.04
CA GLN C 247 1.89 -46.26 -2.49
C GLN C 247 3.18 -46.05 -3.32
N GLY C 248 3.95 -45.01 -3.01
CA GLY C 248 5.16 -44.63 -3.75
C GLY C 248 6.17 -45.75 -3.80
N TYR C 249 6.30 -46.50 -2.70
CA TYR C 249 7.22 -47.66 -2.58
C TYR C 249 6.73 -48.79 -3.50
N PHE C 250 5.43 -49.12 -3.44
CA PHE C 250 4.85 -50.20 -4.25
C PHE C 250 5.00 -49.86 -5.74
N MET C 251 4.97 -48.58 -6.09
CA MET C 251 5.17 -48.10 -7.47
C MET C 251 6.56 -48.49 -7.99
N LEU C 252 7.55 -48.72 -7.11
CA LEU C 252 8.92 -49.15 -7.53
C LEU C 252 8.94 -50.67 -7.74
N TYR C 253 7.92 -51.40 -7.30
CA TYR C 253 7.88 -52.89 -7.32
C TYR C 253 6.55 -53.35 -7.90
N LYS C 254 6.17 -52.79 -9.05
CA LYS C 254 4.92 -53.16 -9.74
C LYS C 254 5.01 -54.65 -10.08
N ASN C 255 3.99 -55.42 -9.67
CA ASN C 255 3.87 -56.89 -9.89
C ASN C 255 5.08 -57.62 -9.30
N ASP C 256 5.76 -57.06 -8.30
CA ASP C 256 6.97 -57.65 -7.68
C ASP C 256 6.82 -57.66 -6.16
N PRO C 257 5.88 -58.46 -5.60
CA PRO C 257 5.65 -58.50 -4.15
C PRO C 257 6.87 -58.92 -3.33
N MET C 258 7.70 -59.84 -3.85
CA MET C 258 8.97 -60.24 -3.20
C MET C 258 9.94 -59.06 -3.19
N GLY C 259 10.03 -58.31 -4.27
CA GLY C 259 10.79 -57.04 -4.32
C GLY C 259 10.36 -56.11 -3.19
N ALA C 260 9.06 -55.90 -3.04
CA ALA C 260 8.47 -55.03 -1.99
C ALA C 260 8.93 -55.52 -0.62
N VAL C 261 8.85 -56.83 -0.37
CA VAL C 261 9.19 -57.42 0.96
C VAL C 261 10.71 -57.36 1.18
N HIS C 262 11.54 -57.38 0.14
CA HIS C 262 13.02 -57.49 0.27
C HIS C 262 13.70 -56.13 0.43
N ASN C 263 13.05 -55.03 0.05
CA ASN C 263 13.73 -53.70 -0.08
C ASN C 263 13.21 -52.73 0.99
N ILE C 264 12.67 -53.23 2.09
CA ILE C 264 11.99 -52.40 3.13
C ILE C 264 13.01 -51.48 3.84
N GLU C 265 14.28 -51.88 3.93
CA GLU C 265 15.32 -51.06 4.59
C GLU C 265 15.47 -49.72 3.85
N SER C 266 15.08 -49.66 2.56
CA SER C 266 15.11 -48.41 1.77
C SER C 266 14.11 -47.38 2.33
N LEU C 267 13.13 -47.78 3.16
CA LEU C 267 12.09 -46.86 3.72
C LEU C 267 12.60 -46.22 5.01
N ARG C 268 13.70 -46.71 5.57
CA ARG C 268 14.37 -46.07 6.73
C ARG C 268 14.73 -44.65 6.31
N PRO C 269 14.32 -43.60 7.06
CA PRO C 269 14.49 -42.22 6.57
C PRO C 269 15.95 -41.86 6.23
N ARG C 270 16.10 -41.12 5.14
CA ARG C 270 17.38 -40.72 4.51
C ARG C 270 17.30 -39.22 4.23
N ASP C 271 18.28 -38.45 4.69
CA ASP C 271 18.32 -36.96 4.52
C ASP C 271 18.31 -36.63 3.01
N HIS C 272 17.81 -35.44 2.63
CA HIS C 272 18.18 -34.81 1.33
C HIS C 272 19.69 -34.52 1.36
N HIS C 273 20.33 -34.44 0.19
CA HIS C 273 21.74 -33.98 0.07
C HIS C 273 21.84 -32.50 0.48
N LYS D 15 -16.01 45.22 -4.08
CA LYS D 15 -16.11 43.80 -3.58
C LYS D 15 -14.74 43.12 -3.66
N THR D 16 -14.59 41.94 -3.07
CA THR D 16 -13.36 41.11 -3.18
C THR D 16 -13.69 39.76 -3.81
N VAL D 17 -13.12 39.46 -4.99
CA VAL D 17 -13.37 38.19 -5.72
C VAL D 17 -12.39 37.12 -5.22
N MET D 18 -12.90 35.95 -4.85
CA MET D 18 -12.16 34.72 -4.47
C MET D 18 -12.11 33.77 -5.66
N TYR D 19 -10.92 33.27 -6.00
CA TYR D 19 -10.72 32.21 -7.02
C TYR D 19 -10.23 30.94 -6.33
N THR D 20 -10.67 29.76 -6.80
CA THR D 20 -10.05 28.46 -6.45
C THR D 20 -9.58 27.78 -7.75
N ALA D 21 -8.65 26.84 -7.63
CA ALA D 21 -8.09 26.07 -8.75
C ALA D 21 -9.09 24.99 -9.16
N VAL D 22 -9.42 24.91 -10.44
CA VAL D 22 -10.11 23.74 -11.07
C VAL D 22 -9.18 23.27 -12.18
N GLY D 23 -8.55 22.12 -11.97
CA GLY D 23 -7.44 21.63 -12.81
C GLY D 23 -6.32 22.65 -12.86
N SER D 24 -6.00 23.14 -14.06
CA SER D 24 -4.83 24.00 -14.35
C SER D 24 -5.26 25.48 -14.40
N GLU D 25 -6.52 25.78 -14.07
CA GLU D 25 -7.12 27.12 -14.27
C GLU D 25 -7.85 27.61 -13.01
N TRP D 26 -7.99 28.93 -12.87
CA TRP D 26 -8.66 29.60 -11.73
C TRP D 26 -10.11 29.90 -12.07
N ARG D 27 -11.04 29.64 -11.15
CA ARG D 27 -12.50 29.95 -11.34
C ARG D 27 -13.01 30.70 -10.11
N THR D 28 -13.97 31.61 -10.29
CA THR D 28 -14.55 32.38 -9.16
C THR D 28 -15.21 31.41 -8.18
N PHE D 29 -15.12 31.69 -6.89
CA PHE D 29 -15.70 30.88 -5.80
C PHE D 29 -16.86 31.68 -5.18
N GLY D 30 -18.08 31.23 -5.42
CA GLY D 30 -19.34 31.87 -4.98
C GLY D 30 -19.43 33.34 -5.40
N TYR D 31 -20.08 34.14 -4.57
CA TYR D 31 -20.38 35.58 -4.73
C TYR D 31 -19.11 36.41 -4.54
N PRO D 32 -18.97 37.57 -5.23
CA PRO D 32 -18.04 38.60 -4.78
C PRO D 32 -18.41 38.98 -3.33
N ARG D 33 -17.40 39.06 -2.45
CA ARG D 33 -17.60 39.27 -0.99
C ARG D 33 -17.49 40.76 -0.67
N ARG D 34 -18.26 41.22 0.30
CA ARG D 34 -18.12 42.58 0.90
C ARG D 34 -16.69 42.70 1.46
N ARG D 35 -16.00 43.79 1.12
CA ARG D 35 -14.63 44.07 1.58
C ARG D 35 -14.67 44.21 3.09
N ARG D 36 -13.78 43.52 3.80
CA ARG D 36 -13.52 43.85 5.22
C ARG D 36 -12.68 45.11 5.27
N PRO D 37 -13.13 46.17 5.98
CA PRO D 37 -12.31 47.37 6.14
C PRO D 37 -11.03 47.05 6.93
N LEU D 38 -9.90 47.59 6.47
CA LEU D 38 -8.56 47.35 7.07
C LEU D 38 -8.59 47.78 8.54
N ASP D 39 -9.39 48.78 8.85
CA ASP D 39 -9.49 49.36 10.21
C ASP D 39 -10.16 48.37 11.17
N SER D 40 -10.93 47.42 10.65
CA SER D 40 -11.67 46.42 11.46
C SER D 40 -10.71 45.30 11.90
N VAL D 41 -9.49 45.27 11.36
CA VAL D 41 -8.41 44.33 11.76
C VAL D 41 -7.37 45.13 12.57
N VAL D 42 -7.17 44.75 13.83
CA VAL D 42 -6.30 45.52 14.77
C VAL D 42 -5.03 44.73 14.99
N LEU D 43 -3.97 45.05 14.27
CA LEU D 43 -2.65 44.37 14.43
C LEU D 43 -1.83 45.16 15.43
N GLN D 44 -0.71 44.60 15.88
CA GLN D 44 0.24 45.34 16.75
C GLN D 44 0.62 46.66 16.06
N GLN D 45 0.88 47.68 16.88
CA GLN D 45 1.02 49.08 16.46
C GLN D 45 2.05 49.17 15.33
N GLY D 46 1.65 49.75 14.18
CA GLY D 46 2.53 50.01 13.03
C GLY D 46 2.66 48.85 12.08
N LEU D 47 2.25 47.62 12.46
CA LEU D 47 2.49 46.44 11.59
C LEU D 47 1.71 46.56 10.26
N ALA D 48 0.40 46.83 10.32
CA ALA D 48 -0.46 46.99 9.13
C ALA D 48 0.13 48.02 8.17
N ASP D 49 0.51 49.20 8.71
CA ASP D 49 1.08 50.32 7.92
C ASP D 49 2.35 49.85 7.23
N ARG D 50 3.22 49.11 7.92
CA ARG D 50 4.51 48.65 7.35
C ARG D 50 4.23 47.70 6.18
N ILE D 51 3.26 46.78 6.28
CA ILE D 51 2.99 45.79 5.19
C ILE D 51 2.36 46.51 3.99
N VAL D 52 1.37 47.38 4.24
CA VAL D 52 0.69 48.18 3.18
C VAL D 52 1.74 49.01 2.43
N LYS D 53 2.62 49.71 3.16
CA LYS D 53 3.68 50.56 2.56
C LYS D 53 4.57 49.69 1.66
N ASP D 54 5.03 48.56 2.18
CA ASP D 54 5.92 47.62 1.44
C ASP D 54 5.25 47.20 0.14
N ILE D 55 4.01 46.73 0.22
CA ILE D 55 3.32 46.09 -0.92
C ILE D 55 2.94 47.18 -1.95
N ARG D 56 2.54 48.37 -1.52
CA ARG D 56 2.30 49.50 -2.46
C ARG D 56 3.62 49.88 -3.15
N GLU D 57 4.74 49.92 -2.43
CA GLU D 57 6.05 50.23 -3.03
C GLU D 57 6.41 49.19 -4.11
N PHE D 58 6.14 47.92 -3.87
CA PHE D 58 6.34 46.84 -4.87
C PHE D 58 5.46 47.10 -6.09
N ILE D 59 4.16 47.28 -5.89
CA ILE D 59 3.17 47.46 -6.99
C ILE D 59 3.58 48.69 -7.82
N ASP D 60 4.08 49.75 -7.16
CA ASP D 60 4.38 51.05 -7.82
C ASP D 60 5.74 51.08 -8.51
N ASN D 61 6.61 50.05 -8.41
CA ASN D 61 8.02 50.19 -8.86
C ASN D 61 8.50 49.05 -9.74
N PRO D 62 7.73 48.61 -10.78
CA PRO D 62 8.22 47.60 -11.72
C PRO D 62 9.51 48.03 -12.42
N LYS D 63 9.64 49.31 -12.74
CA LYS D 63 10.80 49.82 -13.53
C LYS D 63 12.07 49.62 -12.71
N TRP D 64 12.02 49.87 -11.41
CA TRP D 64 13.20 49.72 -10.53
C TRP D 64 13.71 48.27 -10.62
N TYR D 65 12.79 47.30 -10.61
CA TYR D 65 13.11 45.86 -10.72
C TYR D 65 13.70 45.60 -12.11
N ILE D 66 13.01 45.99 -13.18
CA ILE D 66 13.42 45.64 -14.56
C ILE D 66 14.81 46.25 -14.84
N ASP D 67 15.04 47.51 -14.47
CA ASP D 67 16.33 48.19 -14.72
C ASP D 67 17.49 47.37 -14.10
N ARG D 68 17.27 46.75 -12.93
CA ARG D 68 18.34 46.05 -12.17
C ARG D 68 18.33 44.54 -12.49
N GLY D 69 17.40 44.09 -13.36
CA GLY D 69 17.30 42.69 -13.82
C GLY D 69 16.69 41.74 -12.79
N ILE D 70 15.98 42.27 -11.79
CA ILE D 70 15.47 41.51 -10.60
C ILE D 70 14.07 40.99 -10.92
N PRO D 71 13.80 39.68 -10.70
CA PRO D 71 12.45 39.15 -10.93
C PRO D 71 11.40 39.97 -10.18
N TYR D 72 10.36 40.41 -10.91
CA TYR D 72 9.31 41.33 -10.39
C TYR D 72 8.23 40.49 -9.71
N ARG D 73 8.54 40.09 -8.48
CA ARG D 73 7.75 39.17 -7.62
C ARG D 73 7.97 39.58 -6.18
N ARG D 74 7.00 39.36 -5.30
CA ARG D 74 7.22 39.57 -3.87
C ARG D 74 6.39 38.57 -3.06
N GLY D 75 6.98 38.06 -1.98
CA GLY D 75 6.32 37.07 -1.11
C GLY D 75 6.26 37.56 0.32
N TYR D 76 5.17 37.22 1.02
CA TYR D 76 4.90 37.64 2.41
C TYR D 76 4.58 36.41 3.23
N LEU D 77 5.09 36.34 4.46
CA LEU D 77 4.78 35.28 5.44
C LEU D 77 4.19 35.94 6.67
N LEU D 78 2.95 35.63 7.02
CA LEU D 78 2.39 35.98 8.34
C LEU D 78 2.39 34.71 9.20
N TYR D 79 2.97 34.78 10.39
CA TYR D 79 3.10 33.59 11.27
C TYR D 79 2.67 33.95 12.69
N GLY D 80 2.07 32.99 13.38
CA GLY D 80 1.81 33.13 14.82
C GLY D 80 0.59 32.33 15.24
N PRO D 81 0.20 32.43 16.53
CA PRO D 81 -0.85 31.61 17.09
C PRO D 81 -2.24 31.78 16.45
N PRO D 82 -3.12 30.78 16.55
CA PRO D 82 -4.49 30.89 16.03
C PRO D 82 -5.28 32.06 16.62
N GLY D 83 -5.95 32.80 15.73
CA GLY D 83 -7.00 33.78 16.07
C GLY D 83 -6.43 35.17 16.34
N CYS D 84 -5.32 35.53 15.69
CA CYS D 84 -4.61 36.82 15.98
C CYS D 84 -4.62 37.78 14.78
N GLY D 85 -5.07 37.37 13.60
CA GLY D 85 -5.43 38.28 12.50
C GLY D 85 -4.81 37.97 11.14
N LYS D 86 -4.22 36.81 10.93
CA LYS D 86 -3.53 36.51 9.66
C LYS D 86 -4.53 36.45 8.50
N SER D 87 -5.55 35.58 8.59
CA SER D 87 -6.52 35.41 7.46
C SER D 87 -7.34 36.70 7.29
N SER D 88 -7.79 37.31 8.39
CA SER D 88 -8.60 38.56 8.38
C SER D 88 -7.77 39.69 7.75
N PHE D 89 -6.53 39.86 8.17
CA PHE D 89 -5.66 40.93 7.59
C PHE D 89 -5.51 40.75 6.08
N ILE D 90 -5.23 39.53 5.61
CA ILE D 90 -5.00 39.28 4.18
C ILE D 90 -6.29 39.61 3.41
N THR D 91 -7.45 39.25 3.94
CA THR D 91 -8.76 39.58 3.32
C THR D 91 -8.89 41.11 3.19
N ALA D 92 -8.64 41.85 4.27
CA ALA D 92 -8.82 43.31 4.35
C ALA D 92 -7.78 43.99 3.44
N LEU D 93 -6.53 43.51 3.48
CA LEU D 93 -5.46 44.00 2.60
C LEU D 93 -5.88 43.88 1.13
N ALA D 94 -6.38 42.72 0.71
CA ALA D 94 -6.87 42.50 -0.67
C ALA D 94 -7.91 43.57 -1.00
N GLY D 95 -8.84 43.83 -0.08
CA GLY D 95 -9.89 44.85 -0.26
C GLY D 95 -9.28 46.24 -0.42
N GLU D 96 -8.35 46.60 0.46
CA GLU D 96 -7.67 47.92 0.44
C GLU D 96 -6.96 48.13 -0.90
N LEU D 97 -6.32 47.11 -1.47
CA LEU D 97 -5.53 47.21 -2.71
C LEU D 97 -6.41 46.92 -3.95
N GLU D 98 -7.70 46.71 -3.76
CA GLU D 98 -8.63 46.27 -4.84
C GLU D 98 -8.02 45.07 -5.58
N HIS D 99 -7.49 44.12 -4.82
CA HIS D 99 -6.93 42.86 -5.37
C HIS D 99 -7.93 41.76 -5.09
N SER D 100 -7.97 40.76 -5.96
CA SER D 100 -8.71 39.50 -5.72
C SER D 100 -7.79 38.57 -4.93
N ILE D 101 -8.31 37.42 -4.52
CA ILE D 101 -7.50 36.39 -3.81
C ILE D 101 -7.67 35.06 -4.54
N CYS D 102 -6.55 34.44 -4.86
CA CYS D 102 -6.43 33.07 -5.38
C CYS D 102 -6.08 32.12 -4.22
N LEU D 103 -7.01 31.24 -3.85
CA LEU D 103 -6.86 30.24 -2.77
C LEU D 103 -6.17 29.00 -3.34
N LEU D 104 -4.89 28.83 -3.08
CA LEU D 104 -4.11 27.68 -3.61
C LEU D 104 -3.85 26.69 -2.45
N SER D 105 -4.50 25.54 -2.49
CA SER D 105 -4.28 24.42 -1.54
C SER D 105 -3.07 23.58 -1.96
N LEU D 106 -2.03 23.49 -1.15
CA LEU D 106 -0.81 22.71 -1.53
C LEU D 106 -1.01 21.23 -1.24
N THR D 107 -1.91 20.89 -0.29
CA THR D 107 -2.30 19.50 0.06
C THR D 107 -3.56 19.13 -0.72
N ASP D 108 -3.39 18.50 -1.89
CA ASP D 108 -4.49 18.30 -2.86
C ASP D 108 -4.06 17.23 -3.88
N SER D 109 -4.89 16.20 -4.08
CA SER D 109 -4.61 15.00 -4.90
C SER D 109 -4.19 15.39 -6.32
N SER D 110 -4.95 16.27 -6.99
CA SER D 110 -4.76 16.63 -8.43
C SER D 110 -3.51 17.51 -8.62
N LEU D 111 -3.03 18.20 -7.58
CA LEU D 111 -1.95 19.21 -7.71
C LEU D 111 -0.60 18.49 -7.90
N SER D 112 0.01 18.70 -9.07
CA SER D 112 1.38 18.28 -9.43
C SER D 112 2.28 19.54 -9.47
N ASP D 113 3.59 19.33 -9.57
CA ASP D 113 4.60 20.41 -9.79
C ASP D 113 4.20 21.17 -11.07
N ASP D 114 3.84 20.41 -12.10
CA ASP D 114 3.45 20.96 -13.42
C ASP D 114 2.23 21.89 -13.25
N ARG D 115 1.17 21.41 -12.62
CA ARG D 115 -0.10 22.18 -12.42
C ARG D 115 0.21 23.45 -11.58
N LEU D 116 1.01 23.35 -10.51
CA LEU D 116 1.33 24.50 -9.65
C LEU D 116 2.02 25.58 -10.50
N ASN D 117 3.02 25.19 -11.30
CA ASN D 117 3.74 26.12 -12.21
C ASN D 117 2.73 26.84 -13.08
N HIS D 118 1.80 26.11 -13.70
CA HIS D 118 0.79 26.68 -14.64
C HIS D 118 -0.15 27.60 -13.87
N LEU D 119 -0.62 27.16 -12.68
CA LEU D 119 -1.56 27.95 -11.86
C LEU D 119 -0.92 29.28 -11.48
N LEU D 120 0.35 29.29 -11.04
CA LEU D 120 1.02 30.56 -10.66
C LEU D 120 1.20 31.44 -11.90
N SER D 121 1.36 30.86 -13.08
CA SER D 121 1.62 31.62 -14.33
C SER D 121 0.32 32.25 -14.88
N VAL D 122 -0.87 31.73 -14.55
CA VAL D 122 -2.16 32.28 -15.11
C VAL D 122 -3.01 32.86 -13.99
N ALA D 123 -2.41 33.23 -12.87
CA ALA D 123 -3.12 33.92 -11.76
C ALA D 123 -3.73 35.19 -12.32
N PRO D 124 -5.03 35.46 -12.07
CA PRO D 124 -5.65 36.72 -12.41
C PRO D 124 -4.74 37.88 -11.99
N GLN D 125 -4.64 38.90 -12.82
CA GLN D 125 -3.87 40.13 -12.48
C GLN D 125 -4.58 40.86 -11.32
N GLN D 126 -3.81 41.64 -10.56
CA GLN D 126 -4.32 42.35 -9.36
C GLN D 126 -4.86 41.30 -8.38
N SER D 127 -4.09 40.25 -8.09
CA SER D 127 -4.49 39.22 -7.10
C SER D 127 -3.35 38.89 -6.13
N LEU D 128 -3.72 38.46 -4.93
CA LEU D 128 -2.80 37.85 -3.96
C LEU D 128 -3.00 36.33 -4.07
N VAL D 129 -1.94 35.57 -4.37
CA VAL D 129 -1.99 34.10 -4.25
C VAL D 129 -1.76 33.74 -2.78
N LEU D 130 -2.72 33.04 -2.16
CA LEU D 130 -2.74 32.76 -0.72
C LEU D 130 -2.43 31.28 -0.51
N LEU D 131 -1.33 30.98 0.20
CA LEU D 131 -0.96 29.60 0.65
C LEU D 131 -1.14 29.55 2.18
N GLU D 132 -2.32 29.17 2.64
CA GLU D 132 -2.58 29.04 4.11
C GLU D 132 -1.86 27.79 4.64
N ASP D 133 -1.29 27.86 5.84
CA ASP D 133 -0.80 26.66 6.58
C ASP D 133 0.22 25.92 5.73
N VAL D 134 1.21 26.66 5.24
CA VAL D 134 2.22 26.12 4.28
C VAL D 134 3.11 25.07 4.99
N ASP D 135 3.16 25.09 6.33
CA ASP D 135 3.85 24.05 7.16
C ASP D 135 3.25 22.66 6.91
N ALA D 136 1.96 22.57 6.54
CA ALA D 136 1.24 21.27 6.40
C ALA D 136 1.51 20.59 5.05
N ALA D 137 2.15 21.22 4.08
CA ALA D 137 2.50 20.57 2.78
C ALA D 137 3.67 19.59 3.02
N PHE D 138 4.56 19.90 3.98
CA PHE D 138 5.79 19.12 4.28
C PHE D 138 6.09 19.10 5.79
N GLY D 155 2.11 13.80 -10.76
CA GLY D 155 1.06 13.21 -9.90
C GLY D 155 0.82 14.02 -8.63
N ARG D 156 1.90 14.33 -7.89
CA ARG D 156 1.82 15.02 -6.57
C ARG D 156 2.93 16.06 -6.44
N LEU D 157 2.71 17.06 -5.58
CA LEU D 157 3.64 18.20 -5.34
C LEU D 157 4.89 17.69 -4.62
N THR D 158 6.07 18.20 -4.97
CA THR D 158 7.35 17.90 -4.29
C THR D 158 7.89 19.21 -3.73
N PHE D 159 8.77 19.11 -2.74
CA PHE D 159 9.40 20.29 -2.09
C PHE D 159 10.10 21.13 -3.15
N SER D 160 10.94 20.49 -3.96
CA SER D 160 11.70 21.14 -5.07
C SER D 160 10.73 21.78 -6.07
N GLY D 161 9.61 21.14 -6.40
CA GLY D 161 8.61 21.74 -7.29
C GLY D 161 8.10 23.06 -6.76
N LEU D 162 7.78 23.09 -5.46
CA LEU D 162 7.27 24.32 -4.79
C LEU D 162 8.38 25.40 -4.81
N LEU D 163 9.61 25.08 -4.42
CA LEU D 163 10.71 26.08 -4.39
C LEU D 163 10.92 26.68 -5.79
N ASN D 164 10.88 25.86 -6.84
CA ASN D 164 11.20 26.31 -8.21
C ASN D 164 10.00 27.07 -8.80
N ALA D 165 8.77 26.74 -8.40
CA ALA D 165 7.59 27.52 -8.81
C ALA D 165 7.67 28.91 -8.17
N LEU D 166 8.02 28.99 -6.88
CA LEU D 166 8.06 30.28 -6.13
C LEU D 166 9.22 31.15 -6.62
N ASP D 167 10.42 30.59 -6.79
CA ASP D 167 11.61 31.34 -7.25
C ASP D 167 12.55 30.39 -8.02
N GLY D 168 12.30 30.30 -9.32
CA GLY D 168 13.12 29.51 -10.24
C GLY D 168 13.04 30.09 -11.64
N VAL D 169 13.69 29.40 -12.56
CA VAL D 169 13.89 29.85 -13.96
C VAL D 169 12.55 30.17 -14.65
N ALA D 170 11.50 29.40 -14.38
CA ALA D 170 10.17 29.50 -15.04
C ALA D 170 9.16 30.36 -14.26
N SER D 171 9.52 30.92 -13.10
CA SER D 171 8.58 31.72 -12.28
C SER D 171 8.17 32.98 -13.07
N THR D 172 6.92 33.43 -12.94
CA THR D 172 6.36 34.59 -13.69
C THR D 172 6.46 35.87 -12.87
N GLU D 173 6.24 37.02 -13.51
CA GLU D 173 6.42 38.36 -12.87
C GLU D 173 5.05 38.97 -12.54
N ALA D 174 5.05 40.10 -11.84
CA ALA D 174 3.86 40.80 -11.31
C ALA D 174 3.03 39.84 -10.43
N ARG D 175 3.71 39.06 -9.61
CA ARG D 175 3.10 37.99 -8.81
C ARG D 175 3.34 38.28 -7.32
N ILE D 176 2.26 38.31 -6.53
CA ILE D 176 2.33 38.50 -5.07
C ILE D 176 1.79 37.24 -4.39
N VAL D 177 2.60 36.65 -3.50
CA VAL D 177 2.23 35.42 -2.73
C VAL D 177 2.20 35.77 -1.26
N PHE D 178 1.16 35.35 -0.56
CA PHE D 178 1.06 35.37 0.92
C PHE D 178 1.05 33.93 1.40
N MET D 179 1.92 33.63 2.39
CA MET D 179 1.95 32.37 3.14
C MET D 179 1.55 32.67 4.57
N THR D 180 0.90 31.73 5.23
CA THR D 180 0.66 31.77 6.69
C THR D 180 1.13 30.44 7.30
N THR D 181 1.40 30.47 8.60
CA THR D 181 1.63 29.26 9.41
C THR D 181 1.40 29.61 10.88
N ASN D 182 0.95 28.63 11.68
CA ASN D 182 1.02 28.70 13.15
C ASN D 182 2.41 28.26 13.63
N TYR D 183 3.23 27.66 12.77
CA TYR D 183 4.47 26.95 13.17
C TYR D 183 5.65 27.31 12.25
N ILE D 184 6.19 28.52 12.37
CA ILE D 184 7.33 28.94 11.49
C ILE D 184 8.55 28.04 11.70
N ASP D 185 8.77 27.51 12.91
CA ASP D 185 9.89 26.58 13.23
C ASP D 185 9.81 25.30 12.38
N ARG D 186 8.67 24.94 11.82
CA ARG D 186 8.54 23.74 10.97
C ARG D 186 8.92 24.01 9.52
N LEU D 187 9.09 25.28 9.11
CA LEU D 187 9.35 25.62 7.69
C LEU D 187 10.84 25.43 7.41
N ASP D 188 11.18 24.79 6.30
CA ASP D 188 12.58 24.73 5.81
C ASP D 188 13.05 26.14 5.43
N PRO D 189 14.22 26.60 5.90
CA PRO D 189 14.75 27.91 5.53
C PRO D 189 14.71 28.23 4.02
N ALA D 190 14.92 27.23 3.16
CA ALA D 190 14.99 27.42 1.69
C ALA D 190 13.62 27.88 1.17
N LEU D 191 12.52 27.41 1.77
CA LEU D 191 11.15 27.79 1.37
C LEU D 191 10.91 29.29 1.58
N ILE D 192 11.52 29.90 2.59
CA ILE D 192 11.10 31.30 2.99
C ILE D 192 12.32 32.23 2.93
N ARG D 193 13.37 31.88 2.19
CA ARG D 193 14.57 32.76 2.02
C ARG D 193 14.14 33.98 1.22
N PRO D 194 14.84 35.12 1.34
CA PRO D 194 14.56 36.28 0.49
C PRO D 194 14.53 35.86 -0.99
N GLY D 195 13.58 36.40 -1.76
CA GLY D 195 13.32 36.01 -3.17
C GLY D 195 12.20 34.99 -3.29
N ARG D 196 11.89 34.25 -2.23
CA ARG D 196 10.67 33.42 -2.10
C ARG D 196 9.74 34.15 -1.13
N VAL D 197 10.23 34.42 0.08
CA VAL D 197 9.56 35.33 1.07
C VAL D 197 10.47 36.53 1.35
N ASP D 198 9.94 37.73 1.10
CA ASP D 198 10.69 39.00 1.20
C ASP D 198 10.39 39.67 2.54
N LEU D 199 9.23 39.40 3.13
CA LEU D 199 8.81 40.03 4.39
C LEU D 199 8.07 38.99 5.25
N LYS D 200 8.60 38.75 6.44
CA LYS D 200 8.07 37.79 7.45
C LYS D 200 7.54 38.65 8.60
N GLU D 201 6.28 38.49 9.00
CA GLU D 201 5.76 39.25 10.15
C GLU D 201 5.04 38.33 11.13
N TYR D 202 5.42 38.45 12.40
CA TYR D 202 4.77 37.79 13.55
C TYR D 202 3.45 38.50 13.85
N VAL D 203 2.39 37.73 14.00
CA VAL D 203 1.02 38.20 14.36
C VAL D 203 0.61 37.51 15.65
N GLY D 204 0.67 38.23 16.76
CA GLY D 204 0.68 37.68 18.14
C GLY D 204 -0.56 37.97 18.95
N TYR D 205 -0.51 37.59 20.22
CA TYR D 205 -1.56 37.84 21.24
C TYR D 205 -1.62 39.35 21.51
N CYS D 206 -2.72 39.81 22.09
CA CYS D 206 -3.04 41.26 22.26
C CYS D 206 -1.99 41.95 23.12
N SER D 207 -1.43 43.05 22.60
CA SER D 207 -0.76 44.14 23.35
C SER D 207 -1.82 45.01 24.05
N HIS D 208 -1.37 45.84 24.98
CA HIS D 208 -2.19 46.88 25.62
C HIS D 208 -2.86 47.73 24.53
N TRP D 209 -2.08 48.18 23.57
CA TRP D 209 -2.55 49.01 22.45
C TRP D 209 -3.68 48.30 21.67
N GLN D 210 -3.56 47.01 21.38
CA GLN D 210 -4.60 46.27 20.60
C GLN D 210 -5.90 46.20 21.41
N LEU D 211 -5.79 46.08 22.74
CA LEU D 211 -6.99 45.95 23.61
C LEU D 211 -7.76 47.28 23.61
N THR D 212 -7.09 48.42 23.76
CA THR D 212 -7.76 49.75 23.78
C THR D 212 -8.33 50.04 22.39
N GLN D 213 -7.58 49.75 21.33
CA GLN D 213 -8.04 49.96 19.93
C GLN D 213 -9.29 49.10 19.66
N MET D 214 -9.29 47.84 20.09
CA MET D 214 -10.43 46.93 19.83
C MET D 214 -11.65 47.42 20.63
N PHE D 215 -11.46 47.79 21.88
CA PHE D 215 -12.58 48.31 22.72
C PHE D 215 -13.22 49.52 22.04
N GLN D 216 -12.41 50.45 21.52
CA GLN D 216 -12.88 51.71 20.88
C GLN D 216 -13.63 51.41 19.57
N ARG D 217 -13.26 50.34 18.86
CA ARG D 217 -13.95 49.95 17.60
C ARG D 217 -15.30 49.30 17.92
N PHE D 218 -15.40 48.50 18.98
CA PHE D 218 -16.63 47.74 19.31
C PHE D 218 -17.60 48.65 20.06
N TYR D 219 -17.08 49.67 20.77
CA TYR D 219 -17.85 50.64 21.60
C TYR D 219 -17.41 52.05 21.23
N PRO D 220 -17.79 52.55 20.04
CA PRO D 220 -17.40 53.89 19.60
C PRO D 220 -18.07 54.94 20.49
N GLY D 221 -17.36 56.04 20.74
CA GLY D 221 -17.88 57.21 21.47
C GLY D 221 -17.87 57.02 22.99
N GLN D 222 -17.09 56.06 23.51
CA GLN D 222 -16.82 55.96 24.97
C GLN D 222 -15.55 56.74 25.28
N ALA D 223 -15.37 57.16 26.53
CA ALA D 223 -14.14 57.82 27.02
C ALA D 223 -12.95 56.91 26.75
N PRO D 224 -11.83 57.42 26.20
CA PRO D 224 -10.59 56.65 26.16
C PRO D 224 -10.22 56.00 27.51
N SER D 225 -10.55 56.66 28.62
CA SER D 225 -10.27 56.16 30.00
C SER D 225 -10.95 54.80 30.21
N LEU D 226 -12.10 54.56 29.57
CA LEU D 226 -12.84 53.28 29.73
C LEU D 226 -12.11 52.15 28.99
N ALA D 227 -11.61 52.41 27.79
CA ALA D 227 -10.80 51.45 27.01
C ALA D 227 -9.56 51.10 27.84
N GLU D 228 -8.94 52.10 28.48
CA GLU D 228 -7.75 51.94 29.36
C GLU D 228 -8.09 50.98 30.50
N ASN D 229 -9.20 51.23 31.19
CA ASN D 229 -9.70 50.40 32.31
C ASN D 229 -9.79 48.96 31.81
N PHE D 230 -10.40 48.74 30.63
CA PHE D 230 -10.60 47.40 30.04
C PHE D 230 -9.23 46.72 29.82
N ALA D 231 -8.30 47.42 29.16
CA ALA D 231 -6.99 46.85 28.76
C ALA D 231 -6.18 46.47 30.00
N GLU D 232 -6.03 47.38 30.97
CA GLU D 232 -5.26 47.15 32.21
C GLU D 232 -5.74 45.85 32.89
N HIS D 233 -7.06 45.70 33.03
N HIS D 233 -7.05 45.69 33.04
CA HIS D 233 -7.71 44.60 33.80
CA HIS D 233 -7.71 44.60 33.80
C HIS D 233 -7.59 43.28 33.02
C HIS D 233 -7.59 43.28 33.02
N VAL D 234 -7.74 43.31 31.69
CA VAL D 234 -7.60 42.09 30.85
C VAL D 234 -6.16 41.57 30.98
N LEU D 235 -5.17 42.44 30.96
CA LEU D 235 -3.73 42.03 31.02
C LEU D 235 -3.38 41.53 32.41
N LYS D 236 -4.12 41.88 33.46
CA LYS D 236 -3.91 41.36 34.84
C LYS D 236 -4.64 40.03 34.99
N ALA D 237 -5.75 39.78 34.27
CA ALA D 237 -6.54 38.54 34.39
C ALA D 237 -6.02 37.42 33.46
N THR D 238 -5.17 37.75 32.49
CA THR D 238 -4.70 36.82 31.43
C THR D 238 -3.18 36.92 31.26
N SER D 239 -2.54 35.81 30.90
CA SER D 239 -1.13 35.75 30.41
C SER D 239 -1.10 36.05 28.91
N GLU D 240 -2.04 35.45 28.17
CA GLU D 240 -2.15 35.58 26.70
C GLU D 240 -3.64 35.73 26.37
N ILE D 241 -4.00 36.67 25.49
CA ILE D 241 -5.40 36.68 24.96
C ILE D 241 -5.35 37.03 23.47
N SER D 242 -5.99 36.22 22.66
CA SER D 242 -6.07 36.49 21.19
C SER D 242 -7.12 37.58 20.92
N PRO D 243 -6.93 38.39 19.86
CA PRO D 243 -8.03 39.22 19.34
C PRO D 243 -9.33 38.44 19.09
N ALA D 244 -9.26 37.19 18.65
CA ALA D 244 -10.45 36.32 18.45
C ALA D 244 -11.21 36.18 19.78
N GLN D 245 -10.51 35.98 20.90
CA GLN D 245 -11.13 35.86 22.24
C GLN D 245 -11.77 37.19 22.63
N VAL D 246 -11.12 38.30 22.32
CA VAL D 246 -11.62 39.67 22.65
C VAL D 246 -12.90 39.90 21.86
N GLN D 247 -12.90 39.65 20.55
CA GLN D 247 -14.11 39.70 19.70
C GLN D 247 -15.23 38.87 20.34
N GLY D 248 -14.93 37.61 20.68
CA GLY D 248 -15.90 36.66 21.27
C GLY D 248 -16.53 37.20 22.54
N TYR D 249 -15.72 37.85 23.37
CA TYR D 249 -16.14 38.46 24.65
C TYR D 249 -17.09 39.64 24.37
N PHE D 250 -16.71 40.52 23.45
CA PHE D 250 -17.52 41.72 23.12
C PHE D 250 -18.86 41.27 22.53
N MET D 251 -18.89 40.14 21.83
CA MET D 251 -20.14 39.56 21.29
C MET D 251 -21.12 39.21 22.43
N LEU D 252 -20.66 39.00 23.66
CA LEU D 252 -21.54 38.71 24.84
C LEU D 252 -22.08 40.03 25.42
N TYR D 253 -21.51 41.17 25.04
CA TYR D 253 -21.83 42.51 25.61
C TYR D 253 -22.05 43.50 24.48
N LYS D 254 -22.89 43.11 23.52
CA LYS D 254 -23.25 43.99 22.38
C LYS D 254 -23.93 45.22 22.98
N ASN D 255 -23.44 46.42 22.60
CA ASN D 255 -23.96 47.73 23.05
C ASN D 255 -23.89 47.83 24.58
N ASP D 256 -23.02 47.08 25.26
CA ASP D 256 -22.92 47.08 26.75
C ASP D 256 -21.46 47.25 27.17
N PRO D 257 -20.84 48.43 26.92
CA PRO D 257 -19.45 48.67 27.28
C PRO D 257 -19.13 48.51 28.78
N MET D 258 -20.04 48.91 29.65
CA MET D 258 -19.89 48.75 31.12
C MET D 258 -19.95 47.26 31.46
N GLY D 259 -20.83 46.49 30.82
CA GLY D 259 -20.84 45.01 30.92
C GLY D 259 -19.47 44.44 30.59
N ALA D 260 -18.88 44.85 29.47
CA ALA D 260 -17.55 44.40 28.99
C ALA D 260 -16.52 44.69 30.09
N VAL D 261 -16.55 45.90 30.66
CA VAL D 261 -15.57 46.34 31.69
C VAL D 261 -15.79 45.59 33.02
N HIS D 262 -17.02 45.18 33.33
CA HIS D 262 -17.38 44.60 34.66
C HIS D 262 -17.16 43.08 34.71
N ASN D 263 -17.08 42.39 33.57
CA ASN D 263 -17.13 40.90 33.53
C ASN D 263 -15.78 40.32 33.08
N ILE D 264 -14.69 41.08 33.25
CA ILE D 264 -13.34 40.71 32.72
C ILE D 264 -12.81 39.45 33.42
N GLU D 265 -13.20 39.19 34.67
CA GLU D 265 -12.70 38.01 35.43
C GLU D 265 -13.15 36.73 34.71
N SER D 266 -14.21 36.80 33.89
CA SER D 266 -14.69 35.66 33.07
C SER D 266 -13.66 35.26 32.00
N LEU D 267 -12.67 36.11 31.68
CA LEU D 267 -11.63 35.83 30.65
C LEU D 267 -10.45 35.08 31.26
N ARG D 268 -10.38 35.01 32.60
CA ARG D 268 -9.36 34.20 33.31
C ARG D 268 -9.52 32.76 32.83
N PRO D 269 -8.47 32.09 32.33
CA PRO D 269 -8.64 30.78 31.69
C PRO D 269 -9.29 29.73 32.62
N ARG D 270 -10.15 28.91 32.03
CA ARG D 270 -11.02 27.92 32.71
C ARG D 270 -10.88 26.60 31.94
N ASP D 271 -10.58 25.50 32.64
CA ASP D 271 -10.44 24.15 32.04
C ASP D 271 -11.76 23.75 31.34
N HIS D 272 -11.68 22.89 30.32
CA HIS D 272 -12.85 22.10 29.85
C HIS D 272 -13.23 21.14 31.00
N HIS D 273 -14.50 20.74 31.08
CA HIS D 273 -14.97 19.67 31.99
C HIS D 273 -14.39 18.33 31.52
N HIS D 274 -13.81 17.54 32.44
CA HIS D 274 -13.07 16.29 32.10
C HIS D 274 -13.98 15.07 32.25
N GLU E 13 31.08 3.78 -44.83
CA GLU E 13 31.37 3.89 -43.35
C GLU E 13 30.14 3.45 -42.55
N GLY E 14 30.37 2.64 -41.53
CA GLY E 14 29.30 2.05 -40.70
C GLY E 14 28.96 2.90 -39.48
N LYS E 15 27.73 2.71 -39.00
CA LYS E 15 27.10 3.35 -37.81
C LYS E 15 26.73 2.26 -36.81
N THR E 16 26.30 2.63 -35.60
CA THR E 16 25.80 1.69 -34.56
C THR E 16 24.35 2.03 -34.22
N VAL E 17 23.43 1.10 -34.47
CA VAL E 17 21.98 1.26 -34.16
C VAL E 17 21.72 0.86 -32.71
N MET E 18 21.06 1.73 -31.94
CA MET E 18 20.55 1.50 -30.57
C MET E 18 19.06 1.14 -30.64
N TYR E 19 18.65 0.06 -29.97
CA TYR E 19 17.23 -0.34 -29.82
C TYR E 19 16.83 -0.18 -28.35
N THR E 20 15.59 0.24 -28.08
CA THR E 20 14.95 0.12 -26.74
C THR E 20 13.68 -0.72 -26.88
N ALA E 21 13.22 -1.30 -25.78
CA ALA E 21 11.99 -2.11 -25.69
C ALA E 21 10.78 -1.17 -25.69
N VAL E 22 9.83 -1.40 -26.59
CA VAL E 22 8.45 -0.83 -26.52
C VAL E 22 7.48 -2.01 -26.45
N GLY E 23 6.88 -2.23 -25.29
CA GLY E 23 6.15 -3.47 -24.98
C GLY E 23 7.06 -4.67 -25.13
N SER E 24 6.67 -5.60 -26.01
CA SER E 24 7.31 -6.92 -26.19
C SER E 24 8.27 -6.89 -27.39
N GLU E 25 8.49 -5.71 -27.97
CA GLU E 25 9.25 -5.56 -29.24
C GLU E 25 10.33 -4.49 -29.14
N TRP E 26 11.36 -4.58 -29.99
CA TRP E 26 12.51 -3.65 -30.04
C TRP E 26 12.24 -2.58 -31.11
N ARG E 27 12.52 -1.31 -30.82
CA ARG E 27 12.39 -0.18 -31.77
C ARG E 27 13.69 0.63 -31.75
N THR E 28 14.09 1.20 -32.89
CA THR E 28 15.30 2.04 -32.99
C THR E 28 15.14 3.25 -32.07
N PHE E 29 16.24 3.66 -31.43
CA PHE E 29 16.28 4.82 -30.51
C PHE E 29 17.11 5.92 -31.18
N GLY E 30 16.44 7.00 -31.60
CA GLY E 30 17.03 8.15 -32.32
C GLY E 30 17.78 7.73 -33.58
N TYR E 31 18.83 8.47 -33.89
CA TYR E 31 19.70 8.33 -35.09
C TYR E 31 20.63 7.12 -34.92
N PRO E 32 21.04 6.46 -36.02
CA PRO E 32 22.27 5.65 -36.01
C PRO E 32 23.44 6.53 -35.53
N ARG E 33 24.24 6.00 -34.60
CA ARG E 33 25.35 6.73 -33.93
C ARG E 33 26.67 6.45 -34.65
N ARG E 34 27.55 7.44 -34.69
CA ARG E 34 28.96 7.27 -35.12
C ARG E 34 29.62 6.23 -34.21
N ARG E 35 30.30 5.25 -34.81
CA ARG E 35 31.05 4.20 -34.12
C ARG E 35 32.18 4.89 -33.37
N ARG E 36 32.33 4.60 -32.08
CA ARG E 36 33.55 4.97 -31.34
C ARG E 36 34.65 4.00 -31.72
N PRO E 37 35.81 4.47 -32.21
CA PRO E 37 36.92 3.58 -32.52
C PRO E 37 37.43 2.84 -31.27
N LEU E 38 37.68 1.53 -31.39
CA LEU E 38 38.05 0.64 -30.26
C LEU E 38 39.32 1.19 -29.60
N ASP E 39 40.18 1.79 -30.42
CA ASP E 39 41.51 2.31 -30.01
C ASP E 39 41.32 3.54 -29.13
N SER E 40 40.17 4.22 -29.19
CA SER E 40 39.89 5.46 -28.43
C SER E 40 39.50 5.10 -26.99
N VAL E 41 39.26 3.81 -26.71
CA VAL E 41 39.02 3.29 -25.33
C VAL E 41 40.27 2.53 -24.91
N VAL E 42 40.93 2.98 -23.85
CA VAL E 42 42.25 2.45 -23.41
C VAL E 42 42.02 1.63 -22.15
N LEU E 43 41.93 0.31 -22.30
CA LEU E 43 41.76 -0.62 -21.15
C LEU E 43 43.16 -1.05 -20.69
N GLN E 44 43.24 -1.71 -19.56
CA GLN E 44 44.54 -2.29 -19.10
C GLN E 44 45.09 -3.20 -20.20
N GLN E 45 46.41 -3.28 -20.26
CA GLN E 45 47.16 -3.92 -21.37
C GLN E 45 46.65 -5.35 -21.57
N GLY E 46 46.24 -5.69 -22.79
CA GLY E 46 45.81 -7.04 -23.18
C GLY E 46 44.33 -7.28 -22.97
N LEU E 47 43.62 -6.44 -22.20
CA LEU E 47 42.21 -6.77 -21.80
C LEU E 47 41.31 -6.73 -23.02
N ALA E 48 41.34 -5.63 -23.79
CA ALA E 48 40.48 -5.44 -24.99
C ALA E 48 40.73 -6.61 -25.96
N ASP E 49 41.99 -6.95 -26.21
CA ASP E 49 42.35 -8.05 -27.15
C ASP E 49 41.77 -9.37 -26.67
N ARG E 50 41.83 -9.66 -25.38
CA ARG E 50 41.28 -10.93 -24.83
C ARG E 50 39.76 -10.99 -25.04
N ILE E 51 39.02 -9.89 -24.83
CA ILE E 51 37.53 -9.90 -24.99
C ILE E 51 37.16 -10.03 -26.47
N VAL E 52 37.83 -9.26 -27.34
CA VAL E 52 37.60 -9.28 -28.81
C VAL E 52 37.87 -10.71 -29.32
N LYS E 53 38.98 -11.32 -28.92
CA LYS E 53 39.35 -12.69 -29.34
C LYS E 53 38.25 -13.67 -28.93
N ASP E 54 37.82 -13.60 -27.66
CA ASP E 54 36.77 -14.49 -27.10
C ASP E 54 35.50 -14.36 -27.94
N ILE E 55 35.04 -13.14 -28.16
CA ILE E 55 33.71 -12.88 -28.79
C ILE E 55 33.79 -13.24 -30.28
N ARG E 56 34.90 -12.97 -30.96
CA ARG E 56 35.09 -13.41 -32.37
C ARG E 56 35.07 -14.94 -32.45
N GLU E 57 35.72 -15.63 -31.51
CA GLU E 57 35.73 -17.12 -31.47
C GLU E 57 34.29 -17.65 -31.31
N PHE E 58 33.49 -17.02 -30.45
CA PHE E 58 32.06 -17.38 -30.28
C PHE E 58 31.32 -17.19 -31.61
N ILE E 59 31.40 -16.00 -32.20
CA ILE E 59 30.67 -15.64 -33.46
C ILE E 59 31.08 -16.62 -34.55
N ASP E 60 32.36 -17.02 -34.60
CA ASP E 60 32.91 -17.84 -35.71
C ASP E 60 32.66 -19.35 -35.52
N ASN E 61 32.09 -19.82 -34.40
CA ASN E 61 32.06 -21.29 -34.12
C ASN E 61 30.69 -21.84 -33.75
N PRO E 62 29.58 -21.49 -34.44
CA PRO E 62 28.28 -22.08 -34.15
C PRO E 62 28.27 -23.61 -34.30
N LYS E 63 29.00 -24.14 -35.29
CA LYS E 63 28.99 -25.59 -35.58
C LYS E 63 29.56 -26.35 -34.37
N TRP E 64 30.62 -25.82 -33.74
CA TRP E 64 31.26 -26.47 -32.58
C TRP E 64 30.22 -26.65 -31.47
N TYR E 65 29.40 -25.62 -31.25
CA TYR E 65 28.31 -25.63 -30.23
C TYR E 65 27.26 -26.66 -30.65
N ILE E 66 26.75 -26.59 -31.88
CA ILE E 66 25.61 -27.46 -32.30
C ILE E 66 26.06 -28.93 -32.29
N ASP E 67 27.26 -29.24 -32.77
CA ASP E 67 27.78 -30.64 -32.76
C ASP E 67 27.75 -31.22 -31.34
N ARG E 68 28.04 -30.41 -30.32
CA ARG E 68 28.18 -30.88 -28.92
C ARG E 68 26.86 -30.69 -28.15
N GLY E 69 25.82 -30.14 -28.79
CA GLY E 69 24.48 -29.93 -28.22
C GLY E 69 24.40 -28.76 -27.23
N ILE E 70 25.37 -27.84 -27.27
CA ILE E 70 25.54 -26.74 -26.28
C ILE E 70 24.76 -25.52 -26.75
N PRO E 71 23.92 -24.89 -25.91
CA PRO E 71 23.21 -23.66 -26.27
C PRO E 71 24.19 -22.62 -26.84
N TYR E 72 23.88 -22.12 -28.05
CA TYR E 72 24.73 -21.16 -28.79
C TYR E 72 24.42 -19.73 -28.31
N ARG E 73 24.98 -19.42 -27.14
CA ARG E 73 24.77 -18.16 -26.39
C ARG E 73 26.08 -17.84 -25.66
N ARG E 74 26.35 -16.56 -25.41
CA ARG E 74 27.50 -16.18 -24.57
C ARG E 74 27.17 -14.91 -23.80
N GLY E 75 27.64 -14.83 -22.56
CA GLY E 75 27.43 -13.67 -21.69
C GLY E 75 28.73 -13.11 -21.18
N TYR E 76 28.79 -11.80 -21.02
CA TYR E 76 29.98 -11.04 -20.57
C TYR E 76 29.55 -10.15 -19.40
N LEU E 77 30.42 -10.03 -18.39
CA LEU E 77 30.24 -9.09 -17.26
C LEU E 77 31.47 -8.19 -17.23
N LEU E 78 31.27 -6.88 -17.40
CA LEU E 78 32.32 -5.89 -17.08
C LEU E 78 31.96 -5.27 -15.73
N TYR E 79 32.89 -5.27 -14.79
CA TYR E 79 32.64 -4.73 -13.43
C TYR E 79 33.79 -3.81 -13.01
N GLY E 80 33.46 -2.78 -12.24
CA GLY E 80 34.47 -1.97 -11.54
C GLY E 80 33.99 -0.54 -11.36
N PRO E 81 34.86 0.35 -10.84
CA PRO E 81 34.47 1.68 -10.39
C PRO E 81 33.92 2.57 -11.52
N PRO E 82 33.12 3.60 -11.18
CA PRO E 82 32.67 4.56 -12.17
C PRO E 82 33.79 5.25 -12.95
N GLY E 83 33.61 5.33 -14.26
CA GLY E 83 34.42 6.18 -15.15
C GLY E 83 35.65 5.47 -15.69
N CYS E 84 35.63 4.14 -15.84
CA CYS E 84 36.87 3.38 -16.17
C CYS E 84 36.77 2.67 -17.53
N GLY E 85 35.61 2.66 -18.21
CA GLY E 85 35.53 2.31 -19.64
C GLY E 85 34.49 1.25 -19.99
N LYS E 86 33.57 0.91 -19.10
CA LYS E 86 32.66 -0.23 -19.36
C LYS E 86 31.70 0.12 -20.49
N SER E 87 30.93 1.20 -20.35
CA SER E 87 29.91 1.59 -21.35
C SER E 87 30.61 1.98 -22.67
N SER E 88 31.70 2.74 -22.61
CA SER E 88 32.43 3.18 -23.83
C SER E 88 33.03 1.96 -24.55
N PHE E 89 33.65 1.03 -23.83
CA PHE E 89 34.18 -0.20 -24.47
C PHE E 89 33.08 -0.97 -25.22
N ILE E 90 31.93 -1.17 -24.58
CA ILE E 90 30.83 -1.99 -25.17
C ILE E 90 30.34 -1.27 -26.44
N THR E 91 30.23 0.04 -26.42
CA THR E 91 29.86 0.86 -27.60
C THR E 91 30.86 0.61 -28.73
N ALA E 92 32.15 0.73 -28.45
CA ALA E 92 33.25 0.58 -29.42
C ALA E 92 33.28 -0.87 -29.95
N LEU E 93 33.16 -1.83 -29.04
CA LEU E 93 33.12 -3.27 -29.40
C LEU E 93 31.99 -3.52 -30.39
N ALA E 94 30.78 -3.03 -30.11
CA ALA E 94 29.61 -3.18 -31.00
C ALA E 94 30.00 -2.65 -32.38
N GLY E 95 30.64 -1.48 -32.44
CA GLY E 95 31.06 -0.87 -33.70
C GLY E 95 32.08 -1.73 -34.43
N GLU E 96 33.08 -2.22 -33.72
CA GLU E 96 34.13 -3.10 -34.29
C GLU E 96 33.52 -4.37 -34.92
N LEU E 97 32.50 -4.96 -34.29
CA LEU E 97 31.84 -6.22 -34.73
C LEU E 97 30.67 -5.94 -35.67
N GLU E 98 30.42 -4.66 -36.01
CA GLU E 98 29.25 -4.22 -36.79
C GLU E 98 27.98 -4.82 -36.18
N HIS E 99 27.88 -4.76 -34.85
CA HIS E 99 26.69 -5.22 -34.10
C HIS E 99 25.92 -3.97 -33.67
N SER E 100 24.61 -4.09 -33.55
CA SER E 100 23.75 -3.07 -32.92
C SER E 100 23.72 -3.33 -31.42
N ILE E 101 23.06 -2.47 -30.65
CA ILE E 101 22.91 -2.63 -29.18
C ILE E 101 21.43 -2.52 -28.81
N CYS E 102 20.95 -3.52 -28.07
CA CYS E 102 19.62 -3.54 -27.43
C CYS E 102 19.76 -3.15 -25.95
N LEU E 103 19.21 -1.99 -25.59
CA LEU E 103 19.23 -1.42 -24.22
C LEU E 103 18.06 -2.01 -23.44
N LEU E 104 18.33 -2.95 -22.56
CA LEU E 104 17.28 -3.62 -21.76
C LEU E 104 17.40 -3.14 -20.31
N SER E 105 16.44 -2.34 -19.86
CA SER E 105 16.32 -1.87 -18.45
C SER E 105 15.59 -2.93 -17.62
N LEU E 106 16.23 -3.47 -16.59
CA LEU E 106 15.60 -4.54 -15.75
C LEU E 106 14.69 -3.91 -14.71
N THR E 107 14.93 -2.66 -14.33
CA THR E 107 14.09 -1.86 -13.38
C THR E 107 13.10 -1.01 -14.19
N ASP E 108 11.89 -1.52 -14.42
CA ASP E 108 10.97 -0.97 -15.43
C ASP E 108 9.55 -1.51 -15.18
N SER E 109 8.57 -0.62 -15.07
CA SER E 109 7.16 -0.90 -14.69
C SER E 109 6.55 -2.00 -15.58
N SER E 110 6.68 -1.85 -16.91
CA SER E 110 6.01 -2.74 -17.91
C SER E 110 6.69 -4.11 -17.96
N LEU E 111 7.96 -4.25 -17.54
CA LEU E 111 8.76 -5.49 -17.75
C LEU E 111 8.30 -6.56 -16.77
N SER E 112 7.77 -7.65 -17.31
CA SER E 112 7.39 -8.90 -16.61
C SER E 112 8.38 -9.99 -17.04
N ASP E 113 8.34 -11.15 -16.37
CA ASP E 113 9.11 -12.36 -16.75
C ASP E 113 8.75 -12.73 -18.20
N ASP E 114 7.47 -12.67 -18.51
CA ASP E 114 6.92 -13.01 -19.84
C ASP E 114 7.55 -12.07 -20.89
N ARG E 115 7.49 -10.77 -20.68
CA ARG E 115 8.01 -9.76 -21.63
C ARG E 115 9.52 -9.95 -21.83
N LEU E 116 10.28 -10.17 -20.73
CA LEU E 116 11.75 -10.34 -20.82
C LEU E 116 12.07 -11.54 -21.72
N ASN E 117 11.39 -12.67 -21.48
CA ASN E 117 11.57 -13.89 -22.31
C ASN E 117 11.37 -13.55 -23.78
N HIS E 118 10.28 -12.86 -24.11
CA HIS E 118 9.92 -12.54 -25.51
CA HIS E 118 9.92 -12.55 -25.51
C HIS E 118 10.95 -11.55 -26.07
N LEU E 119 11.34 -10.54 -25.30
CA LEU E 119 12.31 -9.52 -25.75
C LEU E 119 13.64 -10.21 -26.09
N LEU E 120 14.15 -11.10 -25.24
CA LEU E 120 15.43 -11.79 -25.53
C LEU E 120 15.28 -12.70 -26.75
N SER E 121 14.08 -13.23 -27.01
CA SER E 121 13.83 -14.16 -28.14
C SER E 121 13.74 -13.42 -29.49
N VAL E 122 13.40 -12.13 -29.52
CA VAL E 122 13.22 -11.37 -30.81
C VAL E 122 14.27 -10.25 -30.91
N ALA E 123 15.38 -10.36 -30.19
CA ALA E 123 16.51 -9.41 -30.28
C ALA E 123 16.98 -9.40 -31.72
N PRO E 124 17.15 -8.21 -32.34
CA PRO E 124 17.71 -8.12 -33.68
C PRO E 124 18.97 -8.98 -33.76
N GLN E 125 19.18 -9.69 -34.87
CA GLN E 125 20.42 -10.45 -35.09
C GLN E 125 21.61 -9.48 -35.22
N GLN E 126 22.81 -9.97 -34.91
CA GLN E 126 24.05 -9.15 -34.93
C GLN E 126 23.85 -8.01 -33.92
N SER E 127 23.41 -8.31 -32.70
CA SER E 127 23.27 -7.30 -31.62
C SER E 127 23.86 -7.81 -30.30
N LEU E 128 24.28 -6.87 -29.47
CA LEU E 128 24.63 -7.11 -28.07
C LEU E 128 23.44 -6.67 -27.24
N VAL E 129 22.85 -7.56 -26.42
CA VAL E 129 21.85 -7.15 -25.41
C VAL E 129 22.63 -6.61 -24.19
N LEU E 130 22.38 -5.36 -23.80
CA LEU E 130 23.13 -4.66 -22.74
C LEU E 130 22.24 -4.52 -21.52
N LEU E 131 22.67 -5.13 -20.39
CA LEU E 131 22.03 -4.96 -19.05
C LEU E 131 22.98 -4.14 -18.16
N GLU E 132 22.83 -2.83 -18.16
CA GLU E 132 23.68 -1.92 -17.34
C GLU E 132 23.25 -2.06 -15.88
N ASP E 133 24.20 -2.01 -14.94
CA ASP E 133 23.93 -1.87 -13.49
C ASP E 133 22.99 -2.98 -13.03
N VAL E 134 23.35 -4.22 -13.37
CA VAL E 134 22.46 -5.40 -13.15
C VAL E 134 22.32 -5.68 -11.64
N ASP E 135 23.23 -5.18 -10.79
CA ASP E 135 23.12 -5.22 -9.31
C ASP E 135 21.85 -4.49 -8.83
N ALA E 136 21.35 -3.49 -9.57
CA ALA E 136 20.23 -2.63 -9.13
C ALA E 136 18.85 -3.27 -9.39
N ALA E 137 18.75 -4.38 -10.11
CA ALA E 137 17.46 -5.09 -10.30
C ALA E 137 17.02 -5.77 -8.97
N PHE E 138 17.99 -6.21 -8.15
CA PHE E 138 17.77 -6.98 -6.89
C PHE E 138 18.87 -6.64 -5.87
N GLY E 155 2.61 -7.16 -14.78
CA GLY E 155 3.34 -7.51 -13.53
C GLY E 155 4.76 -7.01 -13.54
N ARG E 156 5.66 -7.69 -12.82
CA ARG E 156 7.07 -7.23 -12.59
C ARG E 156 8.05 -8.41 -12.63
N LEU E 157 9.32 -8.11 -12.92
CA LEU E 157 10.41 -9.09 -13.11
C LEU E 157 10.74 -9.77 -11.77
N THR E 158 11.04 -11.06 -11.79
CA THR E 158 11.50 -11.82 -10.61
C THR E 158 12.91 -12.33 -10.89
N PHE E 159 13.65 -12.64 -9.83
CA PHE E 159 15.03 -13.15 -9.90
C PHE E 159 15.04 -14.41 -10.78
N SER E 160 14.16 -15.37 -10.49
CA SER E 160 14.03 -16.63 -11.25
C SER E 160 13.67 -16.36 -12.71
N GLY E 161 12.80 -15.39 -12.98
CA GLY E 161 12.45 -15.01 -14.38
C GLY E 161 13.71 -14.60 -15.14
N LEU E 162 14.56 -13.77 -14.53
CA LEU E 162 15.81 -13.29 -15.15
C LEU E 162 16.75 -14.49 -15.40
N LEU E 163 16.98 -15.32 -14.38
CA LEU E 163 17.92 -16.48 -14.53
C LEU E 163 17.45 -17.39 -15.66
N ASN E 164 16.16 -17.64 -15.77
CA ASN E 164 15.60 -18.63 -16.74
C ASN E 164 15.53 -18.00 -18.14
N ALA E 165 15.38 -16.69 -18.24
CA ALA E 165 15.47 -15.99 -19.54
C ALA E 165 16.91 -16.09 -20.04
N LEU E 166 17.88 -15.83 -19.18
CA LEU E 166 19.33 -15.81 -19.56
C LEU E 166 19.81 -17.23 -19.90
N ASP E 167 19.48 -18.23 -19.07
CA ASP E 167 19.91 -19.64 -19.29
C ASP E 167 18.87 -20.58 -18.71
N GLY E 168 17.88 -20.92 -19.53
CA GLY E 168 16.81 -21.86 -19.19
C GLY E 168 16.29 -22.54 -20.43
N VAL E 169 15.29 -23.39 -20.23
CA VAL E 169 14.74 -24.30 -21.26
C VAL E 169 14.34 -23.55 -22.54
N ALA E 170 13.78 -22.35 -22.42
CA ALA E 170 13.21 -21.56 -23.54
C ALA E 170 14.18 -20.47 -24.05
N SER E 171 15.40 -20.37 -23.53
CA SER E 171 16.38 -19.34 -23.98
C SER E 171 16.72 -19.59 -25.46
N THR E 172 16.91 -18.54 -26.26
CA THR E 172 17.16 -18.63 -27.73
C THR E 172 18.65 -18.56 -28.01
N GLU E 173 19.06 -18.88 -29.24
CA GLU E 173 20.47 -19.04 -29.65
C GLU E 173 20.93 -17.82 -30.45
N ALA E 174 22.23 -17.77 -30.79
CA ALA E 174 22.92 -16.66 -31.46
C ALA E 174 22.70 -15.36 -30.67
N ARG E 175 22.77 -15.44 -29.34
CA ARG E 175 22.46 -14.32 -28.43
C ARG E 175 23.71 -13.98 -27.62
N ILE E 176 24.10 -12.72 -27.62
CA ILE E 176 25.24 -12.20 -26.81
C ILE E 176 24.69 -11.17 -25.82
N VAL E 177 24.96 -11.36 -24.54
CA VAL E 177 24.53 -10.44 -23.46
C VAL E 177 25.79 -9.85 -22.80
N PHE E 178 25.77 -8.53 -22.58
CA PHE E 178 26.74 -7.82 -21.74
C PHE E 178 26.02 -7.30 -20.52
N MET E 179 26.58 -7.59 -19.35
CA MET E 179 26.16 -7.03 -18.04
C MET E 179 27.28 -6.10 -17.57
N THR E 180 26.92 -5.03 -16.89
CA THR E 180 27.87 -4.19 -16.12
C THR E 180 27.40 -4.07 -14.68
N THR E 181 28.33 -3.73 -13.80
CA THR E 181 28.05 -3.35 -12.40
C THR E 181 29.26 -2.60 -11.85
N ASN E 182 29.03 -1.67 -10.94
CA ASN E 182 30.07 -1.08 -10.06
C ASN E 182 30.29 -2.01 -8.85
N TYR E 183 29.40 -2.98 -8.61
CA TYR E 183 29.34 -3.75 -7.34
C TYR E 183 29.18 -5.25 -7.60
N ILE E 184 30.20 -5.95 -8.08
CA ILE E 184 30.09 -7.41 -8.37
C ILE E 184 29.78 -8.18 -7.07
N ASP E 185 30.24 -7.73 -5.90
CA ASP E 185 29.95 -8.40 -4.59
C ASP E 185 28.45 -8.42 -4.28
N ARG E 186 27.64 -7.57 -4.92
CA ARG E 186 26.17 -7.56 -4.70
C ARG E 186 25.45 -8.57 -5.60
N LEU E 187 26.11 -9.17 -6.59
CA LEU E 187 25.46 -10.11 -7.54
C LEU E 187 25.36 -11.47 -6.88
N ASP E 188 24.20 -12.12 -6.97
CA ASP E 188 24.04 -13.54 -6.59
C ASP E 188 24.87 -14.39 -7.54
N PRO E 189 25.70 -15.33 -7.03
CA PRO E 189 26.50 -16.21 -7.90
C PRO E 189 25.72 -16.89 -9.02
N ALA E 190 24.45 -17.24 -8.80
CA ALA E 190 23.60 -17.94 -9.78
C ALA E 190 23.39 -17.08 -11.03
N LEU E 191 23.29 -15.75 -10.86
CA LEU E 191 23.11 -14.80 -11.99
C LEU E 191 24.31 -14.84 -12.93
N ILE E 192 25.52 -15.09 -12.42
CA ILE E 192 26.77 -14.86 -13.23
C ILE E 192 27.57 -16.16 -13.35
N ARG E 193 26.96 -17.32 -13.07
CA ARG E 193 27.65 -18.63 -13.22
C ARG E 193 27.91 -18.86 -14.70
N PRO E 194 28.93 -19.66 -15.06
CA PRO E 194 29.15 -20.03 -16.47
C PRO E 194 27.84 -20.54 -17.08
N GLY E 195 27.58 -20.18 -18.34
CA GLY E 195 26.32 -20.46 -19.04
C GLY E 195 25.33 -19.30 -18.98
N ARG E 196 25.49 -18.40 -18.00
CA ARG E 196 24.79 -17.09 -17.95
C ARG E 196 25.84 -16.03 -18.27
N VAL E 197 26.92 -16.00 -17.47
CA VAL E 197 28.14 -15.19 -17.76
C VAL E 197 29.32 -16.14 -17.98
N ASP E 198 29.94 -16.04 -19.15
CA ASP E 198 31.04 -16.93 -19.59
C ASP E 198 32.38 -16.23 -19.32
N LEU E 199 32.40 -14.89 -19.31
CA LEU E 199 33.65 -14.11 -19.12
C LEU E 199 33.33 -12.88 -18.28
N LYS E 200 34.03 -12.74 -17.15
CA LYS E 200 33.94 -11.61 -16.20
C LYS E 200 35.25 -10.84 -16.34
N GLU E 201 35.23 -9.52 -16.55
CA GLU E 201 36.47 -8.73 -16.57
C GLU E 201 36.31 -7.48 -15.70
N TYR E 202 37.29 -7.28 -14.84
CA TYR E 202 37.46 -6.07 -14.01
C TYR E 202 38.00 -4.96 -14.90
N VAL E 203 37.38 -3.78 -14.79
CA VAL E 203 37.75 -2.55 -15.52
C VAL E 203 38.06 -1.49 -14.47
N GLY E 204 39.35 -1.20 -14.26
CA GLY E 204 39.83 -0.49 -13.05
C GLY E 204 40.40 0.89 -13.34
N TYR E 205 40.98 1.46 -12.30
CA TYR E 205 41.68 2.76 -12.31
C TYR E 205 42.95 2.62 -13.17
N CYS E 206 43.50 3.74 -13.63
CA CYS E 206 44.62 3.79 -14.61
C CYS E 206 45.87 3.12 -14.05
N SER E 207 46.42 2.18 -14.82
CA SER E 207 47.81 1.68 -14.75
C SER E 207 48.74 2.73 -15.39
N HIS E 208 50.04 2.59 -15.16
CA HIS E 208 51.10 3.38 -15.85
C HIS E 208 50.87 3.30 -17.37
N TRP E 209 50.67 2.09 -17.88
CA TRP E 209 50.46 1.86 -19.33
C TRP E 209 49.24 2.64 -19.85
N GLN E 210 48.12 2.68 -19.12
CA GLN E 210 46.90 3.40 -19.58
C GLN E 210 47.19 4.92 -19.64
N LEU E 211 48.01 5.42 -18.71
CA LEU E 211 48.31 6.88 -18.64
C LEU E 211 49.16 7.28 -19.86
N THR E 212 50.20 6.52 -20.21
CA THR E 212 51.07 6.84 -21.37
C THR E 212 50.27 6.68 -22.66
N GLN E 213 49.45 5.63 -22.76
CA GLN E 213 48.60 5.38 -23.96
C GLN E 213 47.60 6.53 -24.14
N MET E 214 46.98 6.98 -23.05
CA MET E 214 45.94 8.05 -23.13
C MET E 214 46.63 9.36 -23.51
N PHE E 215 47.78 9.67 -22.93
CA PHE E 215 48.53 10.90 -23.25
C PHE E 215 48.85 10.93 -24.75
N GLN E 216 49.30 9.80 -25.32
CA GLN E 216 49.72 9.69 -26.73
C GLN E 216 48.50 9.84 -27.66
N ARG E 217 47.31 9.42 -27.23
CA ARG E 217 46.07 9.56 -28.04
C ARG E 217 45.59 11.02 -28.02
N PHE E 218 45.70 11.71 -26.89
CA PHE E 218 45.17 13.08 -26.75
C PHE E 218 46.17 14.09 -27.32
N TYR E 219 47.47 13.74 -27.33
CA TYR E 219 48.59 14.59 -27.79
C TYR E 219 49.48 13.79 -28.76
N PRO E 220 48.98 13.54 -29.99
CA PRO E 220 49.73 12.77 -30.97
C PRO E 220 51.01 13.52 -31.36
N GLY E 221 52.06 12.74 -31.66
CA GLY E 221 53.36 13.23 -32.15
C GLY E 221 54.24 13.80 -31.05
N GLN E 222 53.98 13.49 -29.77
CA GLN E 222 54.88 13.89 -28.66
C GLN E 222 55.87 12.75 -28.43
N ALA E 223 57.06 13.09 -27.92
CA ALA E 223 58.10 12.13 -27.49
C ALA E 223 57.49 11.14 -26.50
N PRO E 224 57.72 9.83 -26.64
CA PRO E 224 57.34 8.88 -25.60
C PRO E 224 57.79 9.31 -24.20
N SER E 225 58.96 9.95 -24.11
CA SER E 225 59.54 10.44 -22.82
C SER E 225 58.57 11.41 -22.14
N LEU E 226 57.79 12.17 -22.90
CA LEU E 226 56.83 13.15 -22.31
C LEU E 226 55.61 12.43 -21.72
N ALA E 227 55.09 11.41 -22.40
CA ALA E 227 54.01 10.55 -21.88
C ALA E 227 54.49 9.89 -20.56
N GLU E 228 55.75 9.43 -20.55
CA GLU E 228 56.41 8.82 -19.35
C GLU E 228 56.40 9.81 -18.20
N ASN E 229 56.86 11.03 -18.43
CA ASN E 229 56.91 12.14 -17.45
C ASN E 229 55.50 12.29 -16.87
N PHE E 230 54.47 12.35 -17.72
CA PHE E 230 53.06 12.53 -17.30
C PHE E 230 52.64 11.38 -16.39
N ALA E 231 52.86 10.13 -16.80
CA ALA E 231 52.40 8.92 -16.10
C ALA E 231 53.06 8.85 -14.70
N GLU E 232 54.40 8.95 -14.64
CA GLU E 232 55.17 8.86 -13.38
C GLU E 232 54.62 9.84 -12.35
N HIS E 233 54.38 11.08 -12.76
CA HIS E 233 53.98 12.21 -11.88
C HIS E 233 52.53 12.04 -11.44
N VAL E 234 51.64 11.57 -12.33
CA VAL E 234 50.21 11.33 -12.00
C VAL E 234 50.15 10.23 -10.93
N LEU E 235 50.94 9.17 -11.05
CA LEU E 235 50.92 8.01 -10.12
C LEU E 235 51.52 8.41 -8.75
N LYS E 236 52.33 9.46 -8.70
CA LYS E 236 52.90 9.99 -7.42
C LYS E 236 51.91 10.97 -6.79
N ALA E 237 51.10 11.67 -7.56
CA ALA E 237 50.13 12.68 -7.06
C ALA E 237 48.77 12.06 -6.67
N THR E 238 48.49 10.83 -7.10
CA THR E 238 47.18 10.15 -6.92
C THR E 238 47.39 8.73 -6.38
N SER E 239 46.44 8.23 -5.59
CA SER E 239 46.32 6.80 -5.19
C SER E 239 45.59 6.03 -6.28
N GLU E 240 44.50 6.60 -6.78
CA GLU E 240 43.61 6.02 -7.81
C GLU E 240 43.23 7.15 -8.77
N ILE E 241 43.28 6.92 -10.07
CA ILE E 241 42.70 7.93 -11.02
C ILE E 241 41.97 7.19 -12.14
N SER E 242 40.73 7.55 -12.38
CA SER E 242 39.91 6.94 -13.48
C SER E 242 40.36 7.53 -14.81
N PRO E 243 40.28 6.75 -15.91
CA PRO E 243 40.34 7.33 -17.26
C PRO E 243 39.42 8.53 -17.46
N ALA E 244 38.21 8.52 -16.88
CA ALA E 244 37.27 9.67 -16.98
C ALA E 244 37.92 10.95 -16.41
N GLN E 245 38.62 10.85 -15.28
CA GLN E 245 39.36 12.00 -14.67
C GLN E 245 40.48 12.45 -15.60
N VAL E 246 41.19 11.51 -16.23
CA VAL E 246 42.32 11.83 -17.14
C VAL E 246 41.77 12.56 -18.36
N GLN E 247 40.71 12.03 -18.99
CA GLN E 247 39.98 12.72 -20.09
C GLN E 247 39.64 14.16 -19.65
N GLY E 248 38.99 14.32 -18.50
CA GLY E 248 38.52 15.62 -18.01
C GLY E 248 39.68 16.59 -17.81
N TYR E 249 40.83 16.10 -17.36
CA TYR E 249 42.06 16.90 -17.16
C TYR E 249 42.59 17.37 -18.54
N PHE E 250 42.69 16.45 -19.51
CA PHE E 250 43.21 16.77 -20.85
C PHE E 250 42.29 17.80 -21.52
N MET E 251 41.00 17.76 -21.20
CA MET E 251 40.01 18.73 -21.73
C MET E 251 40.36 20.16 -21.29
N LEU E 252 41.09 20.34 -20.18
CA LEU E 252 41.53 21.68 -19.70
C LEU E 252 42.78 22.14 -20.46
N TYR E 253 43.45 21.25 -21.19
CA TYR E 253 44.74 21.51 -21.86
C TYR E 253 44.68 21.00 -23.30
N LYS E 254 43.61 21.38 -24.01
CA LYS E 254 43.43 21.03 -25.43
C LYS E 254 44.63 21.62 -26.20
N ASN E 255 45.32 20.78 -26.99
CA ASN E 255 46.50 21.15 -27.81
C ASN E 255 47.61 21.73 -26.93
N ASP E 256 47.65 21.43 -25.62
CA ASP E 256 48.65 21.99 -24.68
C ASP E 256 49.29 20.85 -23.87
N PRO E 257 50.06 19.95 -24.52
CA PRO E 257 50.70 18.84 -23.82
C PRO E 257 51.64 19.25 -22.68
N MET E 258 52.37 20.35 -22.83
CA MET E 258 53.23 20.89 -21.75
C MET E 258 52.38 21.38 -20.59
N GLY E 259 51.25 22.04 -20.87
CA GLY E 259 50.25 22.39 -19.85
C GLY E 259 49.84 21.16 -19.05
N ALA E 260 49.47 20.08 -19.73
CA ALA E 260 49.05 18.79 -19.12
C ALA E 260 50.16 18.30 -18.18
N VAL E 261 51.41 18.33 -18.64
CA VAL E 261 52.57 17.80 -17.86
C VAL E 261 52.88 18.73 -16.69
N HIS E 262 52.60 20.04 -16.79
CA HIS E 262 53.03 21.04 -15.76
C HIS E 262 52.00 21.20 -14.64
N ASN E 263 50.74 20.77 -14.83
CA ASN E 263 49.63 21.11 -13.89
C ASN E 263 49.12 19.85 -13.16
N ILE E 264 49.96 18.81 -13.08
CA ILE E 264 49.55 17.48 -12.53
C ILE E 264 49.21 17.59 -11.03
N GLU E 265 49.80 18.52 -10.29
CA GLU E 265 49.51 18.69 -8.84
C GLU E 265 48.03 19.03 -8.65
N SER E 266 47.36 19.57 -9.66
CA SER E 266 45.91 19.86 -9.60
C SER E 266 45.08 18.57 -9.52
N LEU E 267 45.65 17.39 -9.84
CA LEU E 267 44.94 16.08 -9.79
C LEU E 267 45.02 15.48 -8.38
N ARG E 268 45.84 16.02 -7.49
CA ARG E 268 45.89 15.65 -6.06
C ARG E 268 44.50 15.90 -5.50
N PRO E 269 43.81 14.91 -4.87
CA PRO E 269 42.39 15.06 -4.54
C PRO E 269 42.10 16.29 -3.66
N ARG E 270 40.98 16.96 -3.96
CA ARG E 270 40.59 18.27 -3.39
C ARG E 270 39.13 18.17 -2.92
N ASP E 271 38.85 18.51 -1.65
CA ASP E 271 37.50 18.43 -1.03
C ASP E 271 36.51 19.32 -1.83
N HIS E 272 35.22 18.99 -1.79
CA HIS E 272 34.13 19.95 -2.07
C HIS E 272 34.21 21.06 -1.00
N HIS E 273 33.69 22.26 -1.28
CA HIS E 273 33.32 23.26 -0.24
C HIS E 273 32.16 22.69 0.61
N HIS E 274 32.29 22.71 1.93
CA HIS E 274 31.44 21.96 2.90
C HIS E 274 30.52 22.91 3.67
N LYS F 15 15.46 37.33 -26.42
CA LYS F 15 14.62 36.70 -25.35
C LYS F 15 15.18 35.32 -24.98
N THR F 16 14.73 34.73 -23.87
CA THR F 16 15.07 33.34 -23.47
C THR F 16 13.80 32.48 -23.45
N VAL F 17 13.74 31.45 -24.27
CA VAL F 17 12.62 30.48 -24.33
C VAL F 17 12.83 29.40 -23.26
N MET F 18 11.80 29.17 -22.42
CA MET F 18 11.68 28.08 -21.43
C MET F 18 10.84 26.95 -22.03
N TYR F 19 11.33 25.72 -21.97
CA TYR F 19 10.58 24.50 -22.35
C TYR F 19 10.30 23.68 -21.09
N THR F 20 9.12 23.04 -21.01
CA THR F 20 8.84 21.97 -20.03
C THR F 20 8.45 20.70 -20.80
N ALA F 21 8.59 19.54 -20.16
CA ALA F 21 8.25 18.22 -20.72
C ALA F 21 6.73 18.05 -20.67
N VAL F 22 6.13 17.70 -21.81
CA VAL F 22 4.75 17.15 -21.87
C VAL F 22 4.86 15.77 -22.52
N GLY F 23 4.66 14.73 -21.71
CA GLY F 23 4.98 13.35 -22.10
C GLY F 23 6.45 13.24 -22.45
N SER F 24 6.72 12.80 -23.69
CA SER F 24 8.06 12.44 -24.20
C SER F 24 8.63 13.60 -25.02
N GLU F 25 7.95 14.77 -25.03
CA GLU F 25 8.31 15.91 -25.92
C GLU F 25 8.39 17.23 -25.11
N TRP F 26 9.15 18.20 -25.64
CA TRP F 26 9.35 19.54 -25.03
C TRP F 26 8.37 20.54 -25.66
N ARG F 27 7.74 21.38 -24.84
CA ARG F 27 6.81 22.45 -25.28
C ARG F 27 7.21 23.77 -24.62
N THR F 28 7.03 24.90 -25.30
CA THR F 28 7.31 26.25 -24.74
C THR F 28 6.44 26.46 -23.50
N PHE F 29 7.00 27.12 -22.48
CA PHE F 29 6.30 27.46 -21.22
C PHE F 29 6.09 28.98 -21.18
N GLY F 30 4.84 29.41 -21.33
CA GLY F 30 4.44 30.84 -21.32
C GLY F 30 5.15 31.66 -22.38
N TYR F 31 5.40 32.93 -22.08
CA TYR F 31 6.03 33.95 -22.96
C TYR F 31 7.53 33.70 -23.06
N PRO F 32 8.19 34.05 -24.18
CA PRO F 32 9.64 34.25 -24.16
C PRO F 32 9.98 35.32 -23.12
N ARG F 33 10.98 35.07 -22.28
CA ARG F 33 11.34 35.93 -21.11
C ARG F 33 12.43 36.92 -21.51
N ARG F 34 12.39 38.13 -20.95
CA ARG F 34 13.49 39.11 -21.03
C ARG F 34 14.76 38.47 -20.44
N ARG F 35 15.88 38.57 -21.16
CA ARG F 35 17.19 38.04 -20.74
C ARG F 35 17.60 38.82 -19.50
N ARG F 36 17.97 38.12 -18.44
CA ARG F 36 18.69 38.76 -17.32
C ARG F 36 20.12 38.97 -17.76
N PRO F 37 20.65 40.21 -17.70
CA PRO F 37 22.05 40.47 -18.02
C PRO F 37 22.99 39.72 -17.06
N LEU F 38 24.06 39.13 -17.61
CA LEU F 38 25.05 38.32 -16.85
C LEU F 38 25.63 39.18 -15.72
N ASP F 39 25.76 40.47 -16.00
CA ASP F 39 26.40 41.45 -15.09
C ASP F 39 25.51 41.67 -13.86
N SER F 40 24.21 41.40 -13.96
CA SER F 40 23.23 41.63 -12.88
C SER F 40 23.31 40.49 -11.86
N VAL F 41 24.03 39.41 -12.17
CA VAL F 41 24.34 38.30 -11.24
C VAL F 41 25.79 38.42 -10.82
N VAL F 42 26.05 38.62 -9.53
CA VAL F 42 27.40 38.94 -9.01
C VAL F 42 27.89 37.70 -8.26
N LEU F 43 28.73 36.89 -8.95
CA LEU F 43 29.31 35.68 -8.36
C LEU F 43 30.66 36.07 -7.76
N GLN F 44 31.26 35.16 -7.00
CA GLN F 44 32.63 35.36 -6.49
C GLN F 44 33.55 35.70 -7.67
N GLN F 45 34.58 36.50 -7.38
CA GLN F 45 35.47 37.11 -8.40
C GLN F 45 36.06 35.99 -9.28
N GLY F 46 35.89 36.12 -10.59
CA GLY F 46 36.43 35.21 -11.61
C GLY F 46 35.56 33.98 -11.88
N LEU F 47 34.52 33.72 -11.07
CA LEU F 47 33.78 32.43 -11.20
C LEU F 47 32.97 32.44 -12.48
N ALA F 48 32.17 33.48 -12.71
CA ALA F 48 31.34 33.63 -13.94
C ALA F 48 32.24 33.49 -15.19
N ASP F 49 33.37 34.18 -15.21
CA ASP F 49 34.31 34.19 -16.35
C ASP F 49 34.82 32.77 -16.59
N ARG F 50 35.16 32.03 -15.55
CA ARG F 50 35.69 30.64 -15.69
C ARG F 50 34.60 29.75 -16.31
N ILE F 51 33.33 29.87 -15.90
CA ILE F 51 32.24 28.99 -16.43
C ILE F 51 31.94 29.35 -17.89
N VAL F 52 31.84 30.65 -18.19
CA VAL F 52 31.59 31.17 -19.56
C VAL F 52 32.70 30.66 -20.47
N LYS F 53 33.97 30.81 -20.06
CA LYS F 53 35.14 30.37 -20.86
C LYS F 53 35.03 28.86 -21.14
N ASP F 54 34.77 28.06 -20.11
CA ASP F 54 34.64 26.59 -20.22
C ASP F 54 33.56 26.24 -21.24
N ILE F 55 32.37 26.81 -21.09
CA ILE F 55 31.18 26.42 -21.90
C ILE F 55 31.38 26.91 -23.35
N ARG F 56 31.95 28.10 -23.56
CA ARG F 56 32.27 28.58 -24.93
C ARG F 56 33.33 27.65 -25.55
N GLU F 57 34.34 27.21 -24.80
CA GLU F 57 35.39 26.28 -25.30
C GLU F 57 34.74 24.97 -25.75
N PHE F 58 33.76 24.45 -24.99
CA PHE F 58 33.01 23.24 -25.37
C PHE F 58 32.26 23.50 -26.69
N ILE F 59 31.46 24.57 -26.75
CA ILE F 59 30.60 24.90 -27.93
C ILE F 59 31.51 25.06 -29.14
N ASP F 60 32.70 25.65 -28.98
CA ASP F 60 33.60 25.99 -30.11
C ASP F 60 34.47 24.80 -30.57
N ASN F 61 34.46 23.64 -29.91
CA ASN F 61 35.48 22.57 -30.21
C ASN F 61 34.89 21.19 -30.46
N PRO F 62 33.79 21.03 -31.25
CA PRO F 62 33.27 19.69 -31.56
C PRO F 62 34.32 18.79 -32.24
N LYS F 63 35.14 19.36 -33.12
CA LYS F 63 36.12 18.57 -33.91
C LYS F 63 37.13 17.92 -32.94
N TRP F 64 37.57 18.63 -31.92
CA TRP F 64 38.53 18.09 -30.92
C TRP F 64 37.96 16.84 -30.27
N TYR F 65 36.67 16.86 -29.94
CA TYR F 65 35.94 15.70 -29.35
C TYR F 65 35.88 14.58 -30.40
N ILE F 66 35.39 14.86 -31.59
CA ILE F 66 35.13 13.79 -32.60
C ILE F 66 36.47 13.15 -33.00
N ASP F 67 37.53 13.93 -33.20
CA ASP F 67 38.87 13.39 -33.55
C ASP F 67 39.33 12.36 -32.52
N ARG F 68 39.04 12.59 -31.24
CA ARG F 68 39.54 11.74 -30.12
C ARG F 68 38.50 10.68 -29.74
N GLY F 69 37.34 10.65 -30.40
CA GLY F 69 36.26 9.67 -30.19
C GLY F 69 35.44 9.91 -28.92
N ILE F 70 35.50 11.12 -28.35
CA ILE F 70 34.92 11.47 -27.02
C ILE F 70 33.49 11.95 -27.22
N PRO F 71 32.50 11.43 -26.46
CA PRO F 71 31.12 11.91 -26.54
C PRO F 71 31.08 13.43 -26.39
N TYR F 72 30.44 14.10 -27.36
CA TYR F 72 30.36 15.59 -27.44
C TYR F 72 29.19 16.06 -26.57
N ARG F 73 29.46 16.10 -25.27
CA ARG F 73 28.50 16.40 -24.18
C ARG F 73 29.27 17.10 -23.07
N ARG F 74 28.58 17.93 -22.29
CA ARG F 74 29.20 18.52 -21.10
C ARG F 74 28.13 18.72 -20.03
N GLY F 75 28.52 18.49 -18.77
CA GLY F 75 27.63 18.69 -17.62
C GLY F 75 28.27 19.60 -16.59
N TYR F 76 27.44 20.40 -15.94
CA TYR F 76 27.86 21.40 -14.94
C TYR F 76 27.04 21.17 -13.67
N LEU F 77 27.68 21.31 -12.51
CA LEU F 77 27.00 21.27 -11.20
C LEU F 77 27.29 22.59 -10.49
N LEU F 78 26.26 23.36 -10.17
CA LEU F 78 26.37 24.49 -9.23
C LEU F 78 25.80 24.03 -7.91
N TYR F 79 26.55 24.21 -6.83
CA TYR F 79 26.11 23.76 -5.49
C TYR F 79 26.35 24.85 -4.45
N GLY F 80 25.48 24.94 -3.46
CA GLY F 80 25.71 25.80 -2.28
C GLY F 80 24.41 26.27 -1.67
N PRO F 81 24.51 27.13 -0.64
CA PRO F 81 23.34 27.51 0.16
C PRO F 81 22.25 28.25 -0.62
N PRO F 82 20.99 28.24 -0.14
CA PRO F 82 19.92 28.98 -0.81
C PRO F 82 20.20 30.49 -0.92
N GLY F 83 19.94 31.03 -2.11
CA GLY F 83 19.88 32.47 -2.37
C GLY F 83 21.22 33.04 -2.75
N CYS F 84 22.10 32.27 -3.41
CA CYS F 84 23.50 32.73 -3.67
C CYS F 84 23.79 32.84 -5.17
N GLY F 85 22.90 32.41 -6.07
CA GLY F 85 22.95 32.80 -7.49
C GLY F 85 22.89 31.64 -8.48
N LYS F 86 22.50 30.44 -8.08
CA LYS F 86 22.59 29.27 -8.97
C LYS F 86 21.56 29.40 -10.10
N SER F 87 20.29 29.53 -9.78
CA SER F 87 19.19 29.59 -10.77
C SER F 87 19.32 30.90 -11.59
N SER F 88 19.62 32.04 -10.94
CA SER F 88 19.75 33.33 -11.64
C SER F 88 20.96 33.28 -12.58
N PHE F 89 22.09 32.74 -12.15
CA PHE F 89 23.26 32.63 -13.05
C PHE F 89 22.92 31.80 -14.30
N ILE F 90 22.27 30.67 -14.13
CA ILE F 90 21.98 29.74 -15.27
C ILE F 90 21.03 30.47 -16.23
N THR F 91 20.06 31.22 -15.72
CA THR F 91 19.15 32.05 -16.55
C THR F 91 19.96 33.04 -17.38
N ALA F 92 20.85 33.79 -16.74
CA ALA F 92 21.66 34.85 -17.37
C ALA F 92 22.62 34.23 -18.38
N LEU F 93 23.28 33.12 -17.99
CA LEU F 93 24.18 32.36 -18.87
C LEU F 93 23.45 31.96 -20.16
N ALA F 94 22.26 31.38 -20.04
CA ALA F 94 21.44 30.97 -21.19
C ALA F 94 21.24 32.19 -22.10
N GLY F 95 20.91 33.35 -21.52
CA GLY F 95 20.72 34.59 -22.27
C GLY F 95 21.99 35.02 -22.98
N GLU F 96 23.11 35.02 -22.28
CA GLU F 96 24.43 35.41 -22.83
C GLU F 96 24.78 34.53 -24.04
N LEU F 97 24.49 33.23 -24.00
CA LEU F 97 24.85 32.25 -25.05
C LEU F 97 23.72 32.12 -26.08
N GLU F 98 22.66 32.90 -25.96
CA GLU F 98 21.42 32.79 -26.79
C GLU F 98 20.98 31.32 -26.83
N HIS F 99 20.97 30.68 -25.67
CA HIS F 99 20.46 29.31 -25.49
C HIS F 99 19.09 29.39 -24.85
N SER F 100 18.22 28.44 -25.15
CA SER F 100 16.95 28.24 -24.43
C SER F 100 17.22 27.39 -23.18
N ILE F 101 16.22 27.20 -22.33
CA ILE F 101 16.33 26.32 -21.15
C ILE F 101 15.21 25.30 -21.17
N CYS F 102 15.59 24.03 -21.04
CA CYS F 102 14.67 22.88 -20.82
C CYS F 102 14.63 22.55 -19.32
N LEU F 103 13.47 22.75 -18.70
CA LEU F 103 13.19 22.49 -17.27
C LEU F 103 12.81 21.04 -17.10
N LEU F 104 13.71 20.20 -16.63
CA LEU F 104 13.46 18.75 -16.45
C LEU F 104 13.36 18.45 -14.96
N SER F 105 12.15 18.17 -14.45
CA SER F 105 11.89 17.77 -13.05
C SER F 105 12.09 16.26 -12.89
N LEU F 106 13.03 15.84 -12.05
CA LEU F 106 13.35 14.39 -11.87
C LEU F 106 12.34 13.73 -10.93
N THR F 107 11.71 14.52 -10.05
CA THR F 107 10.64 14.06 -9.12
C THR F 107 9.28 14.36 -9.75
N ASP F 108 8.71 13.36 -10.42
CA ASP F 108 7.55 13.57 -11.33
C ASP F 108 6.94 12.21 -11.67
N SER F 109 5.63 12.07 -11.47
CA SER F 109 4.86 10.79 -11.61
C SER F 109 5.07 10.17 -12.99
N SER F 110 4.91 10.95 -14.06
CA SER F 110 4.95 10.46 -15.47
C SER F 110 6.37 10.08 -15.91
N LEU F 111 7.41 10.62 -15.25
CA LEU F 111 8.82 10.44 -15.74
C LEU F 111 9.30 9.04 -15.43
N SER F 112 9.58 8.26 -16.48
CA SER F 112 10.20 6.91 -16.46
C SER F 112 11.63 7.05 -16.99
N ASP F 113 12.42 5.98 -16.84
CA ASP F 113 13.78 5.86 -17.44
C ASP F 113 13.66 6.07 -18.96
N ASP F 114 12.64 5.44 -19.54
CA ASP F 114 12.37 5.49 -21.00
C ASP F 114 12.12 6.94 -21.41
N ARG F 115 11.20 7.63 -20.74
CA ARG F 115 10.83 9.04 -21.06
C ARG F 115 12.06 9.95 -20.92
N LEU F 116 12.86 9.79 -19.85
CA LEU F 116 14.05 10.64 -19.61
C LEU F 116 15.01 10.48 -20.79
N ASN F 117 15.30 9.24 -21.19
CA ASN F 117 16.19 8.95 -22.34
C ASN F 117 15.70 9.71 -23.57
N HIS F 118 14.40 9.62 -23.87
CA HIS F 118 13.81 10.25 -25.07
CA HIS F 118 13.81 10.25 -25.08
C HIS F 118 13.87 11.77 -24.93
N LEU F 119 13.53 12.30 -23.76
CA LEU F 119 13.53 13.77 -23.53
C LEU F 119 14.94 14.32 -23.73
N LEU F 120 15.98 13.67 -23.21
CA LEU F 120 17.37 14.16 -23.39
C LEU F 120 17.78 14.07 -24.86
N SER F 121 17.23 13.10 -25.60
CA SER F 121 17.61 12.87 -27.02
C SER F 121 16.93 13.90 -27.95
N VAL F 122 15.79 14.50 -27.57
CA VAL F 122 15.06 15.46 -28.46
C VAL F 122 15.06 16.86 -27.86
N ALA F 123 16.00 17.17 -26.97
CA ALA F 123 16.18 18.54 -26.41
C ALA F 123 16.38 19.50 -27.57
N PRO F 124 15.64 20.62 -27.63
CA PRO F 124 15.89 21.66 -28.64
C PRO F 124 17.39 21.97 -28.69
N GLN F 125 17.92 22.17 -29.88
CA GLN F 125 19.35 22.56 -30.04
C GLN F 125 19.57 23.97 -29.48
N GLN F 126 20.80 24.25 -29.05
CA GLN F 126 21.18 25.55 -28.43
C GLN F 126 20.32 25.70 -27.16
N SER F 127 20.30 24.67 -26.32
CA SER F 127 19.58 24.71 -25.01
C SER F 127 20.48 24.16 -23.89
N LEU F 128 20.22 24.63 -22.69
CA LEU F 128 20.74 24.04 -21.44
C LEU F 128 19.61 23.21 -20.86
N VAL F 129 19.86 21.91 -20.63
CA VAL F 129 18.91 21.08 -19.85
C VAL F 129 19.21 21.34 -18.37
N LEU F 130 18.20 21.79 -17.61
CA LEU F 130 18.38 22.22 -16.21
C LEU F 130 17.72 21.17 -15.29
N LEU F 131 18.53 20.54 -14.43
CA LEU F 131 18.07 19.58 -13.39
C LEU F 131 18.25 20.24 -12.02
N GLU F 132 17.23 20.93 -11.53
CA GLU F 132 17.33 21.65 -10.24
C GLU F 132 17.22 20.61 -9.12
N ASP F 133 17.97 20.79 -8.02
CA ASP F 133 17.78 20.03 -6.78
C ASP F 133 17.89 18.53 -7.08
N VAL F 134 18.97 18.13 -7.74
CA VAL F 134 19.19 16.74 -8.20
C VAL F 134 19.38 15.80 -6.98
N ASP F 135 19.75 16.33 -5.81
CA ASP F 135 19.80 15.57 -4.53
C ASP F 135 18.43 15.00 -4.17
N ALA F 136 17.33 15.65 -4.58
CA ALA F 136 15.95 15.32 -4.13
C ALA F 136 15.35 14.19 -4.95
N ALA F 137 15.97 13.74 -6.04
CA ALA F 137 15.48 12.58 -6.82
C ALA F 137 15.72 11.29 -6.00
N PHE F 138 16.78 11.22 -5.18
CA PHE F 138 17.22 10.02 -4.41
C PHE F 138 17.82 10.45 -3.06
N GLY F 155 6.18 4.34 -15.91
CA GLY F 155 6.64 3.92 -14.57
C GLY F 155 7.30 5.06 -13.80
N ARG F 156 8.45 4.83 -13.15
CA ARG F 156 9.18 5.89 -12.40
C ARG F 156 10.70 5.79 -12.61
N LEU F 157 11.40 6.90 -12.39
CA LEU F 157 12.85 7.06 -12.62
C LEU F 157 13.64 6.21 -11.62
N THR F 158 14.73 5.59 -12.06
CA THR F 158 15.67 4.84 -11.19
C THR F 158 17.03 5.51 -11.31
N PHE F 159 17.87 5.30 -10.30
CA PHE F 159 19.24 5.86 -10.22
C PHE F 159 20.01 5.44 -11.48
N SER F 160 20.00 4.14 -11.82
CA SER F 160 20.71 3.60 -13.01
C SER F 160 20.14 4.24 -14.29
N GLY F 161 18.81 4.45 -14.37
CA GLY F 161 18.21 5.11 -15.54
C GLY F 161 18.84 6.48 -15.75
N LEU F 162 18.95 7.26 -14.66
CA LEU F 162 19.50 8.64 -14.71
C LEU F 162 20.97 8.58 -15.13
N LEU F 163 21.78 7.71 -14.50
CA LEU F 163 23.24 7.64 -14.82
C LEU F 163 23.41 7.31 -16.31
N ASN F 164 22.62 6.39 -16.86
CA ASN F 164 22.81 5.88 -18.24
C ASN F 164 22.23 6.89 -19.25
N ALA F 165 21.21 7.66 -18.86
CA ALA F 165 20.71 8.76 -19.70
C ALA F 165 21.80 9.84 -19.81
N LEU F 166 22.43 10.20 -18.68
CA LEU F 166 23.45 11.28 -18.64
C LEU F 166 24.70 10.84 -19.38
N ASP F 167 25.21 9.63 -19.11
CA ASP F 167 26.46 9.11 -19.74
C ASP F 167 26.36 7.59 -19.87
N GLY F 168 25.81 7.16 -21.01
CA GLY F 168 25.66 5.75 -21.36
C GLY F 168 25.64 5.58 -22.87
N VAL F 169 25.45 4.34 -23.29
CA VAL F 169 25.59 3.88 -24.70
C VAL F 169 24.71 4.70 -25.64
N ALA F 170 23.50 5.09 -25.22
CA ALA F 170 22.49 5.77 -26.06
C ALA F 170 22.44 7.28 -25.80
N SER F 171 23.33 7.85 -24.98
CA SER F 171 23.33 9.31 -24.70
C SER F 171 23.61 10.06 -26.01
N THR F 172 23.00 11.23 -26.23
CA THR F 172 23.14 12.00 -27.50
C THR F 172 24.21 13.08 -27.38
N GLU F 173 24.61 13.68 -28.50
CA GLU F 173 25.73 14.63 -28.57
C GLU F 173 25.20 16.06 -28.71
N ALA F 174 26.09 17.05 -28.62
CA ALA F 174 25.81 18.50 -28.56
C ALA F 174 24.81 18.78 -27.44
N ARG F 175 24.98 18.12 -26.29
CA ARG F 175 24.01 18.23 -25.16
C ARG F 175 24.72 18.86 -23.94
N ILE F 176 24.13 19.92 -23.40
CA ILE F 176 24.65 20.59 -22.19
C ILE F 176 23.63 20.45 -21.06
N VAL F 177 24.06 19.92 -19.92
CA VAL F 177 23.22 19.72 -18.72
C VAL F 177 23.80 20.57 -17.59
N PHE F 178 22.93 21.29 -16.89
CA PHE F 178 23.24 21.98 -15.60
C PHE F 178 22.44 21.29 -14.51
N MET F 179 23.14 20.93 -13.43
CA MET F 179 22.54 20.40 -12.17
C MET F 179 22.78 21.44 -11.10
N THR F 180 21.85 21.53 -10.14
CA THR F 180 22.04 22.32 -8.90
C THR F 180 21.73 21.43 -7.70
N THR F 181 22.28 21.80 -6.55
CA THR F 181 21.91 21.24 -5.24
C THR F 181 22.30 22.21 -4.13
N ASN F 182 21.55 22.23 -3.03
CA ASN F 182 21.97 22.82 -1.75
C ASN F 182 22.85 21.83 -0.97
N TYR F 183 22.88 20.56 -1.36
CA TYR F 183 23.46 19.45 -0.55
C TYR F 183 24.34 18.52 -1.39
N ILE F 184 25.53 18.97 -1.78
CA ILE F 184 26.42 18.14 -2.64
C ILE F 184 26.82 16.86 -1.89
N ASP F 185 26.95 16.89 -0.55
CA ASP F 185 27.32 15.69 0.26
C ASP F 185 26.28 14.56 0.11
N ARG F 186 25.06 14.86 -0.31
CA ARG F 186 24.02 13.83 -0.51
C ARG F 186 24.10 13.16 -1.87
N LEU F 187 24.90 13.68 -2.81
CA LEU F 187 24.97 13.13 -4.20
C LEU F 187 25.90 11.91 -4.19
N ASP F 188 25.49 10.83 -4.82
CA ASP F 188 26.37 9.67 -5.08
C ASP F 188 27.50 10.09 -6.03
N PRO F 189 28.78 9.78 -5.72
CA PRO F 189 29.90 10.09 -6.61
C PRO F 189 29.70 9.68 -8.08
N ALA F 190 29.02 8.56 -8.35
CA ALA F 190 28.80 8.04 -9.71
C ALA F 190 27.93 9.02 -10.53
N LEU F 191 26.99 9.69 -9.88
CA LEU F 191 26.09 10.70 -10.53
C LEU F 191 26.89 11.87 -11.07
N ILE F 192 27.99 12.27 -10.42
CA ILE F 192 28.64 13.58 -10.75
C ILE F 192 30.11 13.34 -11.16
N ARG F 193 30.49 12.11 -11.53
CA ARG F 193 31.87 11.81 -11.97
C ARG F 193 32.11 12.53 -13.29
N PRO F 194 33.37 12.83 -13.64
CA PRO F 194 33.67 13.39 -14.97
C PRO F 194 33.02 12.53 -16.06
N GLY F 195 32.47 13.18 -17.09
CA GLY F 195 31.68 12.52 -18.15
C GLY F 195 30.18 12.60 -17.92
N ARG F 196 29.77 12.81 -16.67
CA ARG F 196 28.37 13.15 -16.30
C ARG F 196 28.39 14.62 -15.87
N VAL F 197 29.22 14.95 -14.88
CA VAL F 197 29.53 16.36 -14.49
C VAL F 197 31.03 16.62 -14.74
N ASP F 198 31.30 17.61 -15.60
CA ASP F 198 32.68 17.94 -16.05
C ASP F 198 33.20 19.12 -15.24
N LEU F 199 32.31 19.96 -14.71
CA LEU F 199 32.71 21.14 -13.90
C LEU F 199 31.73 21.30 -12.74
N LYS F 200 32.25 21.28 -11.51
CA LYS F 200 31.53 21.54 -10.24
C LYS F 200 31.96 22.93 -9.78
N GLU F 201 31.03 23.81 -9.46
CA GLU F 201 31.39 25.10 -8.82
C GLU F 201 30.49 25.36 -7.62
N TYR F 202 31.14 25.70 -6.51
CA TYR F 202 30.51 26.19 -5.27
C TYR F 202 30.07 27.64 -5.49
N VAL F 203 28.82 27.93 -5.11
CA VAL F 203 28.21 29.29 -5.20
C VAL F 203 27.78 29.67 -3.78
N GLY F 204 28.53 30.56 -3.13
CA GLY F 204 28.51 30.75 -1.66
C GLY F 204 27.98 32.08 -1.19
N TYR F 205 28.10 32.31 0.11
CA TYR F 205 27.76 33.58 0.80
C TYR F 205 28.72 34.68 0.34
N CYS F 206 28.32 35.93 0.51
CA CYS F 206 29.01 37.13 -0.05
C CYS F 206 30.43 37.25 0.48
N SER F 207 31.39 37.37 -0.45
CA SER F 207 32.73 37.95 -0.24
C SER F 207 32.62 39.47 -0.11
N HIS F 208 33.69 40.10 0.40
CA HIS F 208 33.86 41.58 0.38
C HIS F 208 33.62 42.09 -1.04
N TRP F 209 34.26 41.46 -2.02
CA TRP F 209 34.15 41.86 -3.45
C TRP F 209 32.69 41.83 -3.92
N GLN F 210 31.92 40.81 -3.56
CA GLN F 210 30.50 40.70 -4.03
C GLN F 210 29.67 41.83 -3.42
N LEU F 211 29.98 42.22 -2.17
CA LEU F 211 29.23 43.27 -1.45
C LEU F 211 29.45 44.62 -2.15
N THR F 212 30.69 44.99 -2.47
CA THR F 212 31.02 46.29 -3.13
C THR F 212 30.43 46.28 -4.56
N GLN F 213 30.56 45.16 -5.28
CA GLN F 213 30.01 45.03 -6.67
C GLN F 213 28.49 45.19 -6.63
N MET F 214 27.80 44.56 -5.67
CA MET F 214 26.34 44.61 -5.59
C MET F 214 25.92 46.04 -5.21
N PHE F 215 26.59 46.68 -4.27
CA PHE F 215 26.27 48.07 -3.87
C PHE F 215 26.35 49.00 -5.09
N GLN F 216 27.39 48.85 -5.91
CA GLN F 216 27.65 49.71 -7.10
C GLN F 216 26.59 49.45 -8.18
N ARG F 217 26.06 48.22 -8.27
CA ARG F 217 24.98 47.90 -9.27
C ARG F 217 23.65 48.49 -8.82
N PHE F 218 23.35 48.47 -7.52
CA PHE F 218 22.03 48.90 -7.00
C PHE F 218 22.02 50.42 -6.84
N TYR F 219 23.19 51.03 -6.64
CA TYR F 219 23.39 52.49 -6.44
C TYR F 219 24.49 52.98 -7.38
N PRO F 220 24.21 53.04 -8.70
CA PRO F 220 25.19 53.48 -9.68
C PRO F 220 25.51 54.98 -9.44
N GLY F 221 26.75 55.36 -9.71
CA GLY F 221 27.23 56.76 -9.62
C GLY F 221 27.52 57.21 -8.19
N GLN F 222 27.67 56.30 -7.23
CA GLN F 222 28.18 56.63 -5.87
C GLN F 222 29.69 56.44 -5.85
N ALA F 223 30.39 57.11 -4.93
CA ALA F 223 31.85 56.93 -4.70
C ALA F 223 32.11 55.46 -4.37
N PRO F 224 33.13 54.82 -4.99
CA PRO F 224 33.61 53.52 -4.53
C PRO F 224 33.82 53.45 -3.00
N SER F 225 34.23 54.55 -2.36
CA SER F 225 34.46 54.62 -0.90
C SER F 225 33.17 54.25 -0.14
N LEU F 226 32.00 54.56 -0.70
CA LEU F 226 30.70 54.29 -0.04
C LEU F 226 30.38 52.79 -0.12
N ALA F 227 30.65 52.15 -1.24
CA ALA F 227 30.52 50.69 -1.40
C ALA F 227 31.43 49.99 -0.38
N GLU F 228 32.65 50.50 -0.21
CA GLU F 228 33.65 49.98 0.75
C GLU F 228 33.09 50.05 2.17
N ASN F 229 32.56 51.22 2.55
CA ASN F 229 31.93 51.47 3.87
C ASN F 229 30.87 50.40 4.08
N PHE F 230 30.00 50.17 3.08
CA PHE F 230 28.90 49.18 3.16
C PHE F 230 29.47 47.78 3.41
N ALA F 231 30.44 47.34 2.61
CA ALA F 231 31.00 45.97 2.66
C ALA F 231 31.66 45.71 4.03
N GLU F 232 32.55 46.61 4.46
CA GLU F 232 33.29 46.47 5.75
C GLU F 232 32.30 46.24 6.90
N HIS F 233 31.24 47.05 6.95
CA HIS F 233 30.26 47.09 8.08
C HIS F 233 29.36 45.85 8.00
N VAL F 234 28.96 45.41 6.81
CA VAL F 234 28.13 44.19 6.64
C VAL F 234 28.93 42.97 7.15
N LEU F 235 30.22 42.88 6.84
CA LEU F 235 31.07 41.72 7.23
C LEU F 235 31.36 41.73 8.74
N LYS F 236 31.23 42.88 9.40
CA LYS F 236 31.38 42.99 10.88
C LYS F 236 30.05 42.67 11.56
N ALA F 237 28.91 42.92 10.91
CA ALA F 237 27.56 42.68 11.51
C ALA F 237 27.08 41.23 11.26
N THR F 238 27.70 40.50 10.33
CA THR F 238 27.22 39.16 9.86
C THR F 238 28.39 38.18 9.81
N SER F 239 28.14 36.90 10.06
CA SER F 239 29.06 35.76 9.79
C SER F 239 28.93 35.32 8.33
N GLU F 240 27.67 35.21 7.88
CA GLU F 240 27.27 34.71 6.55
C GLU F 240 26.14 35.62 6.04
N ILE F 241 26.25 36.13 4.83
CA ILE F 241 25.09 36.83 4.22
C ILE F 241 24.98 36.44 2.75
N SER F 242 23.79 36.02 2.33
CA SER F 242 23.55 35.63 0.92
C SER F 242 23.37 36.89 0.07
N PRO F 243 23.74 36.85 -1.21
CA PRO F 243 23.31 37.88 -2.17
C PRO F 243 21.80 38.15 -2.14
N ALA F 244 20.96 37.11 -1.95
CA ALA F 244 19.49 37.28 -1.85
C ALA F 244 19.15 38.20 -0.67
N GLN F 245 19.83 38.07 0.48
CA GLN F 245 19.63 38.95 1.66
C GLN F 245 20.05 40.38 1.31
N VAL F 246 21.15 40.54 0.57
CA VAL F 246 21.68 41.88 0.19
C VAL F 246 20.67 42.54 -0.75
N GLN F 247 20.22 41.84 -1.78
CA GLN F 247 19.12 42.30 -2.67
C GLN F 247 17.93 42.76 -1.82
N GLY F 248 17.45 41.92 -0.91
CA GLY F 248 16.26 42.17 -0.08
C GLY F 248 16.43 43.42 0.76
N TYR F 249 17.64 43.65 1.27
CA TYR F 249 18.00 44.85 2.07
C TYR F 249 17.93 46.11 1.18
N PHE F 250 18.54 46.05 -0.01
CA PHE F 250 18.58 47.20 -0.94
C PHE F 250 17.15 47.54 -1.38
N MET F 251 16.27 46.55 -1.44
CA MET F 251 14.83 46.76 -1.79
C MET F 251 14.15 47.65 -0.73
N LEU F 252 14.67 47.72 0.50
CA LEU F 252 14.12 48.58 1.57
C LEU F 252 14.64 50.03 1.39
N TYR F 253 15.68 50.23 0.59
CA TYR F 253 16.36 51.54 0.45
C TYR F 253 16.53 51.87 -1.05
N LYS F 254 15.46 51.76 -1.81
CA LYS F 254 15.48 52.08 -3.27
C LYS F 254 15.84 53.57 -3.41
N ASN F 255 16.86 53.89 -4.20
CA ASN F 255 17.39 55.26 -4.43
C ASN F 255 17.80 55.92 -3.12
N ASP F 256 18.16 55.13 -2.10
CA ASP F 256 18.58 55.67 -0.78
C ASP F 256 19.89 55.00 -0.36
N PRO F 257 21.02 55.27 -1.06
CA PRO F 257 22.31 54.66 -0.72
C PRO F 257 22.81 54.97 0.69
N MET F 258 22.55 56.18 1.20
CA MET F 258 22.90 56.57 2.57
C MET F 258 22.04 55.78 3.56
N GLY F 259 20.76 55.59 3.28
CA GLY F 259 19.88 54.69 4.05
C GLY F 259 20.50 53.29 4.16
N ALA F 260 20.94 52.73 3.03
CA ALA F 260 21.57 51.40 2.96
C ALA F 260 22.78 51.37 3.89
N VAL F 261 23.62 52.40 3.83
CA VAL F 261 24.89 52.46 4.62
C VAL F 261 24.58 52.68 6.10
N HIS F 262 23.47 53.34 6.45
CA HIS F 262 23.17 53.76 7.85
C HIS F 262 22.42 52.66 8.64
N ASN F 263 21.79 51.68 7.97
CA ASN F 263 20.84 50.74 8.62
C ASN F 263 21.41 49.31 8.63
N ILE F 264 22.73 49.17 8.55
CA ILE F 264 23.40 47.85 8.40
C ILE F 264 23.19 46.99 9.64
N GLU F 265 23.03 47.58 10.83
CA GLU F 265 22.82 46.83 12.10
C GLU F 265 21.55 45.97 11.97
N SER F 266 20.61 46.35 11.11
CA SER F 266 19.37 45.58 10.87
C SER F 266 19.67 44.22 10.22
N LEU F 267 20.86 44.01 9.64
CA LEU F 267 21.24 42.73 8.98
C LEU F 267 21.82 41.74 10.00
N ARG F 268 22.12 42.19 11.22
CA ARG F 268 22.57 41.32 12.32
C ARG F 268 21.45 40.31 12.56
N PRO F 269 21.71 38.98 12.54
CA PRO F 269 20.62 38.01 12.58
C PRO F 269 19.73 38.17 13.82
N ARG F 270 18.43 37.97 13.59
CA ARG F 270 17.34 38.08 14.58
C ARG F 270 16.54 36.78 14.53
N ASP F 271 16.27 36.15 15.69
CA ASP F 271 15.34 34.99 15.79
C ASP F 271 13.94 35.37 15.24
N HIS F 272 13.18 34.38 14.77
CA HIS F 272 11.70 34.47 14.65
C HIS F 272 11.12 34.64 16.06
N HIS F 273 9.92 35.22 16.18
CA HIS F 273 9.15 35.20 17.46
C HIS F 273 8.70 33.76 17.81
N HIS F 274 9.06 32.74 17.01
CA HIS F 274 9.18 31.31 17.44
C HIS F 274 7.84 30.57 17.22
N GLY G 14 -46.85 -19.73 7.45
CA GLY G 14 -45.89 -18.59 7.57
C GLY G 14 -44.45 -19.04 7.39
N LYS G 15 -43.67 -18.25 6.66
CA LYS G 15 -42.21 -18.41 6.35
C LYS G 15 -41.44 -17.23 6.91
N THR G 16 -40.11 -17.26 6.86
CA THR G 16 -39.23 -16.12 7.27
C THR G 16 -38.39 -15.68 6.08
N VAL G 17 -38.58 -14.45 5.61
CA VAL G 17 -37.83 -13.89 4.44
C VAL G 17 -36.52 -13.27 4.94
N MET G 18 -35.40 -13.64 4.33
CA MET G 18 -34.04 -13.08 4.51
C MET G 18 -33.75 -12.06 3.40
N TYR G 19 -33.31 -10.87 3.76
CA TYR G 19 -32.84 -9.83 2.83
C TYR G 19 -31.33 -9.67 2.98
N THR G 20 -30.61 -9.44 1.88
CA THR G 20 -29.22 -8.91 1.90
C THR G 20 -29.18 -7.58 1.12
N ALA G 21 -28.17 -6.78 1.39
CA ALA G 21 -27.91 -5.48 0.75
C ALA G 21 -27.32 -5.73 -0.65
N VAL G 22 -27.91 -5.13 -1.67
CA VAL G 22 -27.29 -4.96 -3.01
C VAL G 22 -27.26 -3.46 -3.29
N GLY G 23 -26.05 -2.88 -3.27
CA GLY G 23 -25.86 -1.42 -3.25
C GLY G 23 -26.56 -0.81 -2.06
N SER G 24 -27.50 0.10 -2.32
CA SER G 24 -28.18 0.94 -1.32
C SER G 24 -29.56 0.36 -0.98
N GLU G 25 -29.86 -0.84 -1.49
CA GLU G 25 -31.23 -1.43 -1.41
C GLU G 25 -31.16 -2.87 -0.89
N TRP G 26 -32.26 -3.34 -0.32
CA TRP G 26 -32.46 -4.70 0.20
C TRP G 26 -33.13 -5.57 -0.87
N ARG G 27 -32.63 -6.80 -1.05
CA ARG G 27 -33.18 -7.80 -1.99
C ARG G 27 -33.36 -9.12 -1.24
N THR G 28 -34.38 -9.90 -1.59
CA THR G 28 -34.64 -11.23 -0.96
C THR G 28 -33.41 -12.12 -1.24
N PHE G 29 -33.06 -12.95 -0.27
CA PHE G 29 -31.90 -13.90 -0.36
C PHE G 29 -32.48 -15.32 -0.40
N GLY G 30 -32.38 -15.96 -1.57
CA GLY G 30 -32.93 -17.30 -1.85
C GLY G 30 -34.41 -17.43 -1.54
N TYR G 31 -34.80 -18.63 -1.09
CA TYR G 31 -36.19 -19.03 -0.79
C TYR G 31 -36.65 -18.42 0.54
N PRO G 32 -37.95 -18.13 0.73
CA PRO G 32 -38.50 -17.99 2.07
C PRO G 32 -38.20 -19.27 2.88
N ARG G 33 -37.72 -19.11 4.11
CA ARG G 33 -37.26 -20.24 4.98
C ARG G 33 -38.40 -20.69 5.89
N ARG G 34 -38.49 -21.99 6.15
CA ARG G 34 -39.38 -22.55 7.21
C ARG G 34 -39.02 -21.89 8.55
N ARG G 35 -40.02 -21.42 9.28
CA ARG G 35 -39.87 -20.79 10.59
C ARG G 35 -39.30 -21.85 11.53
N ARG G 36 -38.24 -21.53 12.25
CA ARG G 36 -37.84 -22.35 13.41
C ARG G 36 -38.79 -22.04 14.56
N PRO G 37 -39.48 -23.03 15.14
CA PRO G 37 -40.36 -22.76 16.28
C PRO G 37 -39.55 -22.27 17.49
N LEU G 38 -40.09 -21.26 18.19
CA LEU G 38 -39.44 -20.62 19.36
C LEU G 38 -39.10 -21.70 20.41
N ASP G 39 -39.97 -22.71 20.48
CA ASP G 39 -39.89 -23.77 21.50
C ASP G 39 -38.69 -24.68 21.22
N SER G 40 -38.19 -24.70 19.98
CA SER G 40 -37.08 -25.57 19.54
C SER G 40 -35.74 -24.94 19.97
N VAL G 41 -35.76 -23.70 20.44
CA VAL G 41 -34.58 -22.98 21.02
C VAL G 41 -34.79 -22.90 22.52
N VAL G 42 -33.89 -23.50 23.30
CA VAL G 42 -33.99 -23.61 24.77
C VAL G 42 -32.98 -22.65 25.38
N LEU G 43 -33.43 -21.46 25.79
CA LEU G 43 -32.54 -20.49 26.48
C LEU G 43 -32.66 -20.74 28.00
N GLN G 44 -31.79 -20.10 28.76
CA GLN G 44 -31.88 -20.11 30.23
C GLN G 44 -33.29 -19.68 30.66
N GLN G 45 -33.73 -20.22 31.79
CA GLN G 45 -35.12 -20.11 32.28
C GLN G 45 -35.55 -18.64 32.31
N GLY G 46 -36.65 -18.31 31.63
CA GLY G 46 -37.22 -16.96 31.66
C GLY G 46 -36.66 -16.04 30.58
N LEU G 47 -35.53 -16.37 29.96
CA LEU G 47 -34.81 -15.38 29.12
C LEU G 47 -35.62 -15.10 27.84
N ALA G 48 -36.02 -16.15 27.11
CA ALA G 48 -36.82 -16.02 25.89
C ALA G 48 -38.09 -15.20 26.16
N ASP G 49 -38.80 -15.52 27.24
CA ASP G 49 -40.07 -14.83 27.60
C ASP G 49 -39.79 -13.36 27.85
N ARG G 50 -38.71 -13.01 28.54
CA ARG G 50 -38.37 -11.61 28.85
C ARG G 50 -38.10 -10.84 27.53
N ILE G 51 -37.40 -11.43 26.55
CA ILE G 51 -37.06 -10.71 25.28
C ILE G 51 -38.33 -10.54 24.44
N VAL G 52 -39.15 -11.61 24.32
CA VAL G 52 -40.44 -11.59 23.57
C VAL G 52 -41.33 -10.50 24.16
N LYS G 53 -41.47 -10.47 25.49
CA LYS G 53 -42.32 -9.48 26.20
C LYS G 53 -41.83 -8.06 25.87
N ASP G 54 -40.52 -7.81 26.00
CA ASP G 54 -39.89 -6.50 25.73
C ASP G 54 -40.22 -6.06 24.30
N ILE G 55 -39.97 -6.93 23.33
CA ILE G 55 -40.05 -6.56 21.89
C ILE G 55 -41.53 -6.40 21.50
N ARG G 56 -42.45 -7.22 22.02
CA ARG G 56 -43.90 -7.03 21.80
C ARG G 56 -44.34 -5.70 22.41
N GLU G 57 -43.85 -5.33 23.59
CA GLU G 57 -44.19 -4.05 24.25
C GLU G 57 -43.75 -2.87 23.35
N PHE G 58 -42.56 -2.97 22.75
CA PHE G 58 -42.04 -1.95 21.81
C PHE G 58 -42.98 -1.86 20.60
N ILE G 59 -43.24 -3.00 19.95
CA ILE G 59 -44.07 -3.07 18.70
C ILE G 59 -45.45 -2.48 19.01
N ASP G 60 -46.00 -2.77 20.19
CA ASP G 60 -47.39 -2.40 20.56
C ASP G 60 -47.52 -0.94 21.05
N ASN G 61 -46.45 -0.17 21.23
CA ASN G 61 -46.56 1.14 21.95
C ASN G 61 -45.91 2.32 21.22
N PRO G 62 -46.10 2.48 19.89
CA PRO G 62 -45.59 3.65 19.18
C PRO G 62 -46.07 4.98 19.78
N LYS G 63 -47.32 5.03 20.21
CA LYS G 63 -47.94 6.28 20.69
C LYS G 63 -47.20 6.75 21.96
N TRP G 64 -46.82 5.83 22.84
CA TRP G 64 -46.11 6.18 24.09
C TRP G 64 -44.81 6.91 23.75
N TYR G 65 -44.10 6.42 22.72
CA TYR G 65 -42.83 7.02 22.24
C TYR G 65 -43.13 8.39 21.62
N ILE G 66 -44.07 8.46 20.69
CA ILE G 66 -44.33 9.73 19.95
C ILE G 66 -44.81 10.81 20.92
N ASP G 67 -45.71 10.48 21.86
CA ASP G 67 -46.22 11.47 22.85
C ASP G 67 -45.05 12.10 23.61
N ARG G 68 -44.00 11.33 23.93
CA ARG G 68 -42.88 11.80 24.79
C ARG G 68 -41.72 12.32 23.93
N GLY G 69 -41.84 12.28 22.60
CA GLY G 69 -40.83 12.74 21.63
C GLY G 69 -39.60 11.84 21.52
N ILE G 70 -39.72 10.57 21.92
CA ILE G 70 -38.60 9.59 22.00
C ILE G 70 -38.48 8.85 20.68
N PRO G 71 -37.27 8.76 20.06
CA PRO G 71 -37.11 8.01 18.81
C PRO G 71 -37.68 6.59 18.95
N TYR G 72 -38.58 6.23 18.04
CA TYR G 72 -39.30 4.92 18.04
C TYR G 72 -38.43 3.90 17.34
N ARG G 73 -37.45 3.41 18.10
CA ARG G 73 -36.39 2.47 17.71
C ARG G 73 -36.03 1.62 18.92
N ARG G 74 -35.56 0.40 18.70
CA ARG G 74 -35.07 -0.44 19.82
C ARG G 74 -33.95 -1.34 19.31
N GLY G 75 -32.94 -1.53 20.15
CA GLY G 75 -31.78 -2.37 19.84
C GLY G 75 -31.57 -3.44 20.89
N TYR G 76 -31.10 -4.60 20.46
CA TYR G 76 -30.87 -5.78 21.32
C TYR G 76 -29.46 -6.29 21.06
N LEU G 77 -28.77 -6.70 22.13
CA LEU G 77 -27.46 -7.36 22.03
C LEU G 77 -27.58 -8.73 22.68
N LEU G 78 -27.35 -9.78 21.93
CA LEU G 78 -27.13 -11.15 22.52
C LEU G 78 -25.62 -11.41 22.50
N TYR G 79 -25.05 -11.78 23.62
CA TYR G 79 -23.60 -12.03 23.73
C TYR G 79 -23.35 -13.35 24.47
N GLY G 80 -22.28 -14.04 24.07
CA GLY G 80 -21.79 -15.21 24.81
C GLY G 80 -21.09 -16.19 23.90
N PRO G 81 -20.67 -17.35 24.47
CA PRO G 81 -19.81 -18.29 23.75
C PRO G 81 -20.47 -18.92 22.52
N PRO G 82 -19.67 -19.42 21.55
CA PRO G 82 -20.21 -20.10 20.40
C PRO G 82 -21.07 -21.33 20.76
N GLY G 83 -22.20 -21.44 20.08
CA GLY G 83 -23.05 -22.64 20.06
C GLY G 83 -24.11 -22.61 21.14
N CYS G 84 -24.56 -21.45 21.62
CA CYS G 84 -25.43 -21.37 22.83
C CYS G 84 -26.82 -20.79 22.54
N GLY G 85 -27.08 -20.29 21.34
CA GLY G 85 -28.45 -20.04 20.85
C GLY G 85 -28.69 -18.66 20.27
N LYS G 86 -27.66 -17.86 19.99
CA LYS G 86 -27.91 -16.43 19.62
C LYS G 86 -28.58 -16.37 18.25
N SER G 87 -27.94 -16.94 17.22
CA SER G 87 -28.43 -16.89 15.83
C SER G 87 -29.74 -17.66 15.72
N SER G 88 -29.85 -18.84 16.33
CA SER G 88 -31.08 -19.68 16.27
C SER G 88 -32.22 -18.94 16.97
N PHE G 89 -32.00 -18.35 18.15
CA PHE G 89 -33.06 -17.58 18.82
C PHE G 89 -33.57 -16.43 17.93
N ILE G 90 -32.69 -15.66 17.34
CA ILE G 90 -33.08 -14.48 16.52
C ILE G 90 -33.91 -14.98 15.32
N THR G 91 -33.53 -16.11 14.72
CA THR G 91 -34.31 -16.71 13.61
C THR G 91 -35.72 -17.06 14.10
N ALA G 92 -35.83 -17.75 15.22
CA ALA G 92 -37.10 -18.21 15.82
C ALA G 92 -37.95 -17.01 16.24
N LEU G 93 -37.32 -16.03 16.89
CA LEU G 93 -38.00 -14.78 17.30
C LEU G 93 -38.63 -14.11 16.06
N ALA G 94 -37.88 -13.96 14.98
CA ALA G 94 -38.38 -13.36 13.72
C ALA G 94 -39.64 -14.14 13.29
N GLY G 95 -39.58 -15.46 13.33
CA GLY G 95 -40.72 -16.32 12.96
C GLY G 95 -41.92 -16.09 13.86
N GLU G 96 -41.71 -16.05 15.19
CA GLU G 96 -42.76 -15.80 16.19
C GLU G 96 -43.46 -14.46 15.92
N LEU G 97 -42.72 -13.42 15.53
CA LEU G 97 -43.26 -12.05 15.34
C LEU G 97 -43.67 -11.83 13.88
N GLU G 98 -43.59 -12.85 13.04
CA GLU G 98 -43.83 -12.74 11.58
C GLU G 98 -43.01 -11.58 11.02
N HIS G 99 -41.76 -11.48 11.43
CA HIS G 99 -40.81 -10.46 10.93
C HIS G 99 -39.86 -11.15 9.97
N SER G 100 -39.40 -10.38 8.98
CA SER G 100 -38.28 -10.80 8.10
C SER G 100 -36.96 -10.45 8.80
N ILE G 101 -35.84 -10.85 8.22
CA ILE G 101 -34.50 -10.49 8.72
C ILE G 101 -33.69 -9.85 7.57
N CYS G 102 -33.12 -8.69 7.86
CA CYS G 102 -32.13 -7.98 7.02
C CYS G 102 -30.72 -8.26 7.53
N LEU G 103 -29.94 -9.00 6.74
CA LEU G 103 -28.55 -9.41 7.05
C LEU G 103 -27.61 -8.29 6.63
N LEU G 104 -27.11 -7.52 7.58
CA LEU G 104 -26.22 -6.38 7.31
C LEU G 104 -24.81 -6.75 7.78
N SER G 105 -23.90 -7.00 6.83
CA SER G 105 -22.45 -7.21 7.05
C SER G 105 -21.75 -5.85 7.17
N LEU G 106 -21.12 -5.56 8.31
CA LEU G 106 -20.46 -4.24 8.53
C LEU G 106 -19.07 -4.25 7.90
N THR G 107 -18.46 -5.44 7.74
CA THR G 107 -17.14 -5.65 7.08
C THR G 107 -17.39 -6.03 5.61
N ASP G 108 -17.40 -5.06 4.72
CA ASP G 108 -17.92 -5.21 3.33
C ASP G 108 -17.42 -4.02 2.49
N SER G 109 -16.80 -4.31 1.34
CA SER G 109 -16.08 -3.35 0.47
C SER G 109 -16.99 -2.18 0.08
N SER G 110 -18.21 -2.47 -0.41
CA SER G 110 -19.16 -1.46 -0.97
C SER G 110 -19.75 -0.57 0.13
N LEU G 111 -19.79 -1.03 1.40
CA LEU G 111 -20.55 -0.34 2.49
C LEU G 111 -19.76 0.89 2.93
N SER G 112 -20.35 2.07 2.73
CA SER G 112 -19.90 3.39 3.23
C SER G 112 -20.86 3.86 4.33
N ASP G 113 -20.52 4.94 5.03
CA ASP G 113 -21.40 5.59 6.03
C ASP G 113 -22.70 6.00 5.35
N ASP G 114 -22.59 6.53 4.14
CA ASP G 114 -23.74 6.99 3.32
C ASP G 114 -24.65 5.79 3.05
N ARG G 115 -24.12 4.68 2.53
CA ARG G 115 -24.92 3.48 2.19
C ARG G 115 -25.59 2.92 3.44
N LEU G 116 -24.87 2.85 4.57
CA LEU G 116 -25.43 2.30 5.83
C LEU G 116 -26.65 3.12 6.24
N ASN G 117 -26.52 4.44 6.23
CA ASN G 117 -27.64 5.37 6.57
C ASN G 117 -28.84 5.04 5.69
N HIS G 118 -28.63 4.90 4.37
CA HIS G 118 -29.73 4.67 3.42
CA HIS G 118 -29.71 4.66 3.39
C HIS G 118 -30.31 3.27 3.65
N LEU G 119 -29.46 2.26 3.87
CA LEU G 119 -29.92 0.87 4.08
C LEU G 119 -30.79 0.81 5.34
N LEU G 120 -30.40 1.45 6.44
CA LEU G 120 -31.20 1.43 7.68
C LEU G 120 -32.52 2.18 7.47
N SER G 121 -32.54 3.17 6.59
CA SER G 121 -33.74 4.01 6.34
C SER G 121 -34.76 3.28 5.46
N VAL G 122 -34.35 2.32 4.62
CA VAL G 122 -35.29 1.62 3.67
C VAL G 122 -35.42 0.15 4.04
N ALA G 123 -35.11 -0.22 5.28
CA ALA G 123 -35.32 -1.60 5.78
C ALA G 123 -36.78 -1.95 5.60
N PRO G 124 -37.10 -3.12 5.00
CA PRO G 124 -38.48 -3.59 4.91
C PRO G 124 -39.16 -3.45 6.27
N GLN G 125 -40.42 -3.03 6.28
CA GLN G 125 -41.23 -2.99 7.54
C GLN G 125 -41.42 -4.42 8.09
N GLN G 126 -41.63 -4.54 9.39
CA GLN G 126 -41.78 -5.83 10.08
C GLN G 126 -40.49 -6.64 9.84
N SER G 127 -39.32 -6.04 10.08
CA SER G 127 -38.02 -6.76 9.96
C SER G 127 -37.13 -6.50 11.18
N LEU G 128 -36.27 -7.45 11.46
CA LEU G 128 -35.12 -7.29 12.39
C LEU G 128 -33.89 -7.04 11.51
N VAL G 129 -33.20 -5.93 11.72
CA VAL G 129 -31.85 -5.73 11.12
C VAL G 129 -30.85 -6.47 12.01
N LEU G 130 -30.10 -7.43 11.43
CA LEU G 130 -29.20 -8.32 12.18
C LEU G 130 -27.77 -7.92 11.86
N LEU G 131 -27.01 -7.53 12.91
CA LEU G 131 -25.56 -7.23 12.83
C LEU G 131 -24.84 -8.34 13.61
N GLU G 132 -24.45 -9.43 12.93
CA GLU G 132 -23.75 -10.54 13.61
C GLU G 132 -22.30 -10.11 13.87
N ASP G 133 -21.71 -10.51 14.99
CA ASP G 133 -20.25 -10.38 15.24
C ASP G 133 -19.84 -8.91 15.09
N VAL G 134 -20.55 -8.04 15.77
CA VAL G 134 -20.36 -6.56 15.65
C VAL G 134 -18.99 -6.16 16.23
N ASP G 135 -18.38 -6.99 17.09
CA ASP G 135 -16.99 -6.80 17.59
C ASP G 135 -15.99 -6.80 16.43
N ALA G 136 -16.26 -7.49 15.31
CA ALA G 136 -15.30 -7.69 14.20
C ALA G 136 -15.28 -6.49 13.22
N ALA G 137 -16.18 -5.54 13.31
CA ALA G 137 -16.14 -4.31 12.47
C ALA G 137 -14.99 -3.39 12.93
N PHE G 138 -14.68 -3.37 14.24
CA PHE G 138 -13.70 -2.44 14.89
C PHE G 138 -13.10 -3.13 16.12
N GLY G 155 -16.92 4.51 -0.41
CA GLY G 155 -15.84 4.45 0.61
C GLY G 155 -15.92 3.20 1.47
N ARG G 156 -15.54 3.31 2.76
CA ARG G 156 -15.76 2.26 3.79
C ARG G 156 -16.31 2.88 5.09
N LEU G 157 -16.95 2.04 5.90
CA LEU G 157 -17.64 2.35 7.16
C LEU G 157 -16.65 2.87 8.21
N THR G 158 -17.07 3.86 8.99
CA THR G 158 -16.32 4.38 10.16
C THR G 158 -17.15 4.14 11.41
N PHE G 159 -16.48 4.11 12.56
CA PHE G 159 -17.12 3.87 13.87
C PHE G 159 -18.19 4.95 14.09
N SER G 160 -17.86 6.21 13.89
CA SER G 160 -18.81 7.35 14.01
C SER G 160 -19.99 7.18 13.03
N GLY G 161 -19.74 6.72 11.79
CA GLY G 161 -20.84 6.49 10.84
C GLY G 161 -21.83 5.48 11.40
N LEU G 162 -21.32 4.38 11.98
CA LEU G 162 -22.16 3.32 12.59
C LEU G 162 -22.96 3.91 13.76
N LEU G 163 -22.31 4.60 14.69
CA LEU G 163 -23.01 5.14 15.90
C LEU G 163 -24.13 6.09 15.46
N ASN G 164 -23.89 6.95 14.45
CA ASN G 164 -24.84 7.99 14.05
C ASN G 164 -25.96 7.37 13.20
N ALA G 165 -25.69 6.31 12.46
CA ALA G 165 -26.74 5.55 11.74
C ALA G 165 -27.67 4.89 12.77
N LEU G 166 -27.10 4.27 13.81
CA LEU G 166 -27.88 3.54 14.85
C LEU G 166 -28.70 4.53 15.70
N ASP G 167 -28.09 5.62 16.17
CA ASP G 167 -28.75 6.62 17.04
C ASP G 167 -28.13 8.00 16.79
N GLY G 168 -28.68 8.70 15.81
CA GLY G 168 -28.29 10.06 15.45
C GLY G 168 -29.44 10.80 14.82
N VAL G 169 -29.17 12.02 14.40
CA VAL G 169 -30.19 13.01 13.94
C VAL G 169 -31.04 12.44 12.80
N ALA G 170 -30.43 11.69 11.90
CA ALA G 170 -31.03 11.14 10.66
C ALA G 170 -31.57 9.70 10.81
N SER G 171 -31.43 9.07 11.98
CA SER G 171 -31.91 7.68 12.20
C SER G 171 -33.43 7.63 12.02
N THR G 172 -33.96 6.55 11.44
CA THR G 172 -35.41 6.41 11.13
C THR G 172 -36.12 5.63 12.23
N GLU G 173 -37.45 5.63 12.22
CA GLU G 173 -38.30 5.06 13.29
C GLU G 173 -38.89 3.72 12.85
N ALA G 174 -39.59 3.04 13.76
CA ALA G 174 -40.12 1.67 13.62
C ALA G 174 -39.00 0.70 13.21
N ARG G 175 -37.83 0.84 13.84
CA ARG G 175 -36.61 0.08 13.43
C ARG G 175 -36.12 -0.75 14.61
N ILE G 176 -35.92 -2.05 14.39
CA ILE G 176 -35.41 -2.99 15.43
C ILE G 176 -34.08 -3.56 14.92
N VAL G 177 -33.04 -3.42 15.75
CA VAL G 177 -31.68 -3.93 15.44
C VAL G 177 -31.33 -5.01 16.47
N PHE G 178 -30.82 -6.15 16.01
CA PHE G 178 -30.17 -7.18 16.85
C PHE G 178 -28.70 -7.22 16.52
N MET G 179 -27.87 -7.16 17.55
CA MET G 179 -26.40 -7.35 17.48
C MET G 179 -26.07 -8.63 18.23
N THR G 180 -25.01 -9.31 17.79
CA THR G 180 -24.43 -10.46 18.52
C THR G 180 -22.93 -10.23 18.62
N THR G 181 -22.33 -10.88 19.62
CA THR G 181 -20.87 -10.99 19.76
C THR G 181 -20.56 -12.19 20.67
N ASN G 182 -19.42 -12.83 20.44
CA ASN G 182 -18.79 -13.76 21.40
C ASN G 182 -17.97 -12.96 22.43
N TYR G 183 -17.70 -11.67 22.20
CA TYR G 183 -16.71 -10.88 22.96
C TYR G 183 -17.26 -9.49 23.30
N ILE G 184 -18.19 -9.40 24.25
CA ILE G 184 -18.77 -8.09 24.65
C ILE G 184 -17.68 -7.17 25.22
N ASP G 185 -16.63 -7.68 25.87
CA ASP G 185 -15.50 -6.89 26.42
C ASP G 185 -14.77 -6.12 25.30
N ARG G 186 -14.91 -6.53 24.03
CA ARG G 186 -14.25 -5.83 22.90
C ARG G 186 -15.07 -4.64 22.39
N LEU G 187 -16.33 -4.50 22.80
CA LEU G 187 -17.25 -3.47 22.26
C LEU G 187 -16.96 -2.15 22.99
N ASP G 188 -16.86 -1.07 22.23
CA ASP G 188 -16.83 0.29 22.81
C ASP G 188 -18.17 0.58 23.49
N PRO G 189 -18.17 1.09 24.75
CA PRO G 189 -19.40 1.43 25.44
C PRO G 189 -20.39 2.30 24.63
N ALA G 190 -19.90 3.21 23.79
CA ALA G 190 -20.73 4.14 23.03
C ALA G 190 -21.58 3.38 22.02
N LEU G 191 -21.07 2.27 21.46
CA LEU G 191 -21.80 1.44 20.48
C LEU G 191 -23.04 0.82 21.13
N ILE G 192 -23.02 0.49 22.42
CA ILE G 192 -24.08 -0.35 23.03
C ILE G 192 -24.75 0.39 24.19
N ARG G 193 -24.61 1.71 24.26
CA ARG G 193 -25.29 2.52 25.32
C ARG G 193 -26.80 2.46 25.08
N PRO G 194 -27.61 2.67 26.12
CA PRO G 194 -29.06 2.78 25.92
C PRO G 194 -29.36 3.80 24.81
N GLY G 195 -30.35 3.51 23.96
CA GLY G 195 -30.68 4.31 22.76
C GLY G 195 -30.05 3.77 21.50
N ARG G 196 -28.97 2.99 21.63
CA ARG G 196 -28.40 2.17 20.53
C ARG G 196 -28.76 0.72 20.83
N VAL G 197 -28.37 0.24 22.01
CA VAL G 197 -28.78 -1.07 22.57
C VAL G 197 -29.57 -0.83 23.86
N ASP G 198 -30.82 -1.29 23.87
CA ASP G 198 -31.77 -1.06 24.98
C ASP G 198 -31.79 -2.28 25.90
N LEU G 199 -31.45 -3.46 25.38
CA LEU G 199 -31.47 -4.71 26.17
C LEU G 199 -30.30 -5.60 25.74
N LYS G 200 -29.45 -5.93 26.71
CA LYS G 200 -28.25 -6.80 26.55
C LYS G 200 -28.59 -8.10 27.28
N GLU G 201 -28.43 -9.25 26.63
CA GLU G 201 -28.66 -10.54 27.32
C GLU G 201 -27.50 -11.49 27.03
N TYR G 202 -26.96 -12.07 28.11
CA TYR G 202 -25.97 -13.16 28.06
C TYR G 202 -26.67 -14.45 27.68
N VAL G 203 -26.09 -15.17 26.72
CA VAL G 203 -26.59 -16.49 26.22
C VAL G 203 -25.44 -17.47 26.44
N GLY G 204 -25.56 -18.32 27.47
CA GLY G 204 -24.44 -19.08 28.02
C GLY G 204 -24.53 -20.58 27.84
N TYR G 205 -23.60 -21.28 28.48
CA TYR G 205 -23.53 -22.76 28.54
C TYR G 205 -24.74 -23.28 29.31
N CYS G 206 -25.06 -24.55 29.12
CA CYS G 206 -26.30 -25.18 29.63
C CYS G 206 -26.36 -25.12 31.16
N SER G 207 -27.49 -24.58 31.66
CA SER G 207 -28.00 -24.77 33.04
C SER G 207 -28.61 -26.18 33.15
N HIS G 208 -28.84 -26.62 34.39
CA HIS G 208 -29.60 -27.85 34.69
C HIS G 208 -30.93 -27.80 33.94
N TRP G 209 -31.64 -26.68 34.05
CA TRP G 209 -32.96 -26.51 33.43
C TRP G 209 -32.87 -26.67 31.90
N GLN G 210 -31.85 -26.13 31.24
CA GLN G 210 -31.70 -26.26 29.75
C GLN G 210 -31.48 -27.73 29.37
N LEU G 211 -30.76 -28.47 30.21
CA LEU G 211 -30.45 -29.88 29.91
C LEU G 211 -31.73 -30.72 29.97
N THR G 212 -32.56 -30.55 31.00
CA THR G 212 -33.82 -31.33 31.14
C THR G 212 -34.80 -30.92 30.02
N GLN G 213 -34.91 -29.62 29.74
CA GLN G 213 -35.79 -29.09 28.67
C GLN G 213 -35.34 -29.67 27.31
N MET G 214 -34.04 -29.68 27.03
CA MET G 214 -33.54 -30.17 25.72
C MET G 214 -33.78 -31.68 25.63
N PHE G 215 -33.52 -32.43 26.68
CA PHE G 215 -33.76 -33.90 26.69
C PHE G 215 -35.22 -34.18 26.36
N GLN G 216 -36.17 -33.44 26.97
CA GLN G 216 -37.63 -33.67 26.79
C GLN G 216 -38.06 -33.31 25.37
N ARG G 217 -37.39 -32.35 24.70
CA ARG G 217 -37.71 -31.98 23.30
C ARG G 217 -37.18 -33.03 22.33
N PHE G 218 -36.00 -33.61 22.59
CA PHE G 218 -35.36 -34.56 21.65
C PHE G 218 -35.95 -35.96 21.86
N TYR G 219 -36.45 -36.25 23.08
CA TYR G 219 -37.04 -37.56 23.48
C TYR G 219 -38.39 -37.32 24.15
N PRO G 220 -39.42 -36.92 23.35
CA PRO G 220 -40.74 -36.61 23.90
C PRO G 220 -41.37 -37.88 24.48
N GLY G 221 -42.13 -37.72 25.58
CA GLY G 221 -42.88 -38.82 26.21
C GLY G 221 -42.04 -39.75 27.05
N GLN G 222 -40.84 -39.32 27.47
CA GLN G 222 -40.04 -40.01 28.54
C GLN G 222 -40.43 -39.43 29.88
N ALA G 223 -40.24 -40.21 30.96
CA ALA G 223 -40.41 -39.75 32.36
C ALA G 223 -39.54 -38.53 32.59
N PRO G 224 -40.07 -37.45 33.21
CA PRO G 224 -39.23 -36.35 33.68
C PRO G 224 -38.00 -36.83 34.48
N SER G 225 -38.12 -37.93 35.23
CA SER G 225 -37.01 -38.49 36.04
C SER G 225 -35.82 -38.84 35.15
N LEU G 226 -36.07 -39.22 33.89
CA LEU G 226 -34.98 -39.61 32.96
C LEU G 226 -34.22 -38.36 32.48
N ALA G 227 -34.93 -37.27 32.18
CA ALA G 227 -34.33 -35.97 31.83
C ALA G 227 -33.45 -35.51 32.99
N GLU G 228 -33.95 -35.68 34.23
CA GLU G 228 -33.23 -35.32 35.48
C GLU G 228 -31.92 -36.11 35.55
N ASN G 229 -31.98 -37.43 35.36
CA ASN G 229 -30.83 -38.36 35.35
C ASN G 229 -29.81 -37.80 34.36
N PHE G 230 -30.24 -37.44 33.14
CA PHE G 230 -29.34 -36.92 32.07
C PHE G 230 -28.66 -35.64 32.54
N ALA G 231 -29.42 -34.67 33.05
CA ALA G 231 -28.91 -33.34 33.45
C ALA G 231 -27.87 -33.50 34.58
N GLU G 232 -28.22 -34.20 35.66
CA GLU G 232 -27.33 -34.40 36.84
C GLU G 232 -25.96 -34.94 36.39
N HIS G 233 -25.98 -35.95 35.52
N HIS G 233 -25.94 -35.98 35.55
CA HIS G 233 -24.77 -36.71 35.08
CA HIS G 233 -24.68 -36.66 35.13
C HIS G 233 -23.94 -35.86 34.11
C HIS G 233 -23.91 -35.73 34.18
N VAL G 234 -24.58 -35.09 33.23
CA VAL G 234 -23.88 -34.17 32.29
C VAL G 234 -23.13 -33.10 33.10
N LEU G 235 -23.75 -32.55 34.14
CA LEU G 235 -23.16 -31.47 34.96
C LEU G 235 -22.02 -32.02 35.84
N LYS G 236 -21.98 -33.33 36.11
CA LYS G 236 -20.85 -33.96 36.86
C LYS G 236 -19.72 -34.31 35.89
N ALA G 237 -20.01 -34.61 34.62
CA ALA G 237 -18.97 -35.02 33.64
C ALA G 237 -18.33 -33.80 32.93
N THR G 238 -18.95 -32.62 33.02
CA THR G 238 -18.53 -31.40 32.26
C THR G 238 -18.49 -30.21 33.21
N SER G 239 -17.58 -29.26 32.94
CA SER G 239 -17.52 -27.92 33.57
C SER G 239 -18.46 -26.97 32.82
N GLU G 240 -18.42 -27.04 31.48
CA GLU G 240 -19.24 -26.21 30.57
C GLU G 240 -19.67 -27.12 29.41
N ILE G 241 -20.93 -27.02 28.98
CA ILE G 241 -21.36 -27.70 27.74
C ILE G 241 -22.36 -26.78 27.01
N SER G 242 -22.13 -26.56 25.73
CA SER G 242 -23.04 -25.73 24.89
C SER G 242 -24.26 -26.55 24.50
N PRO G 243 -25.44 -25.90 24.32
CA PRO G 243 -26.57 -26.55 23.65
C PRO G 243 -26.19 -27.19 22.31
N ALA G 244 -25.28 -26.58 21.53
CA ALA G 244 -24.82 -27.16 20.25
C ALA G 244 -24.19 -28.54 20.49
N GLN G 245 -23.39 -28.69 21.55
CA GLN G 245 -22.77 -30.01 21.93
C GLN G 245 -23.87 -30.98 22.33
N VAL G 246 -24.88 -30.53 23.06
CA VAL G 246 -26.00 -31.40 23.54
C VAL G 246 -26.76 -31.90 22.32
N GLN G 247 -27.14 -31.01 21.41
CA GLN G 247 -27.77 -31.36 20.10
C GLN G 247 -26.90 -32.43 19.40
N GLY G 248 -25.61 -32.18 19.25
CA GLY G 248 -24.65 -33.05 18.55
C GLY G 248 -24.61 -34.43 19.15
N TYR G 249 -24.68 -34.50 20.48
CA TYR G 249 -24.70 -35.76 21.26
C TYR G 249 -26.01 -36.53 20.98
N PHE G 250 -27.16 -35.85 21.04
CA PHE G 250 -28.47 -36.46 20.80
C PHE G 250 -28.53 -36.99 19.37
N MET G 251 -27.83 -36.35 18.44
CA MET G 251 -27.74 -36.80 17.03
C MET G 251 -27.10 -38.19 16.93
N LEU G 252 -26.28 -38.59 17.92
CA LEU G 252 -25.63 -39.93 17.95
C LEU G 252 -26.61 -40.98 18.52
N TYR G 253 -27.70 -40.55 19.15
CA TYR G 253 -28.65 -41.44 19.87
C TYR G 253 -30.07 -41.12 19.44
N LYS G 254 -30.29 -41.04 18.13
CA LYS G 254 -31.64 -40.75 17.57
C LYS G 254 -32.57 -41.88 18.03
N ASN G 255 -33.69 -41.53 18.66
CA ASN G 255 -34.73 -42.45 19.18
C ASN G 255 -34.12 -43.44 20.17
N ASP G 256 -33.03 -43.06 20.84
CA ASP G 256 -32.34 -43.93 21.83
C ASP G 256 -32.09 -43.15 23.12
N PRO G 257 -33.16 -42.78 23.87
CA PRO G 257 -33.00 -42.00 25.11
C PRO G 257 -32.12 -42.66 26.18
N MET G 258 -32.20 -43.98 26.29
CA MET G 258 -31.34 -44.77 27.23
C MET G 258 -29.88 -44.70 26.78
N GLY G 259 -29.64 -44.81 25.47
CA GLY G 259 -28.30 -44.57 24.90
C GLY G 259 -27.74 -43.22 25.34
N ALA G 260 -28.54 -42.16 25.19
CA ALA G 260 -28.18 -40.78 25.57
C ALA G 260 -27.79 -40.75 27.06
N VAL G 261 -28.59 -41.39 27.91
CA VAL G 261 -28.37 -41.37 29.39
C VAL G 261 -27.15 -42.23 29.75
N HIS G 262 -26.80 -43.25 28.98
CA HIS G 262 -25.75 -44.24 29.35
C HIS G 262 -24.36 -43.79 28.88
N ASN G 263 -24.25 -42.89 27.90
CA ASN G 263 -22.96 -42.62 27.21
C ASN G 263 -22.45 -41.21 27.53
N ILE G 264 -22.88 -40.65 28.64
CA ILE G 264 -22.57 -39.23 29.03
C ILE G 264 -21.07 -39.06 29.29
N GLU G 265 -20.34 -40.10 29.68
CA GLU G 265 -18.87 -40.02 29.92
C GLU G 265 -18.17 -39.60 28.62
N SER G 266 -18.77 -39.85 27.46
CA SER G 266 -18.21 -39.46 26.15
C SER G 266 -18.20 -37.92 26.00
N LEU G 267 -18.95 -37.17 26.82
CA LEU G 267 -19.02 -35.68 26.74
C LEU G 267 -17.88 -35.04 27.55
N ARG G 268 -17.19 -35.82 28.38
CA ARG G 268 -16.00 -35.36 29.14
C ARG G 268 -14.98 -34.92 28.09
N PRO G 269 -14.44 -33.69 28.15
CA PRO G 269 -13.65 -33.14 27.04
C PRO G 269 -12.45 -34.02 26.64
N ARG G 270 -12.22 -34.12 25.34
CA ARG G 270 -11.24 -35.02 24.69
C ARG G 270 -10.42 -34.18 23.70
N ASP G 271 -9.08 -34.23 23.80
CA ASP G 271 -8.16 -33.49 22.89
C ASP G 271 -8.40 -33.93 21.43
N HIS G 272 -8.08 -33.05 20.48
CA HIS G 272 -7.85 -33.45 19.07
C HIS G 272 -6.60 -34.36 19.06
N HIS G 273 -6.51 -35.29 18.11
CA HIS G 273 -5.24 -36.01 17.82
C HIS G 273 -4.36 -35.05 17.01
#